data_4QIA
#
_entry.id   4QIA
#
_cell.length_a   264.505
_cell.length_b   264.505
_cell.length_c   90.543
_cell.angle_alpha   90.00
_cell.angle_beta   90.00
_cell.angle_gamma   120.00
#
_symmetry.space_group_name_H-M   'P 65'
#
loop_
_entity.id
_entity.type
_entity.pdbx_description
1 polymer 'Insulin-degrading enzyme'
2 non-polymer N-benzyl-N-(carboxymethyl)glycyl-L-histidine
3 non-polymer 'ZINC ION'
#
_entity_poly.entity_id   1
_entity_poly.type   'polypeptide(L)'
_entity_poly.pdbx_seq_one_letter_code
;MHHHHHHAAGIPMNNPAIKRIGNHITKSPEDKREYRGLELANGIKVLLISDPTTDKSSAALDVHIGSLSDPPNIAGLSHF
LQHMLFLGTKKYPKENEYSQFLSEHAGSSNAFTSGEHTNYYFDVSHEHLEGALDRFAQFFLSPLFDESAKDREVNAVDSE
HEKNVMNDAWRLFQLEKATGNPKHPFSKFGTGNKYTLETRPNQEGIDVRQELLKFHSAYYSSNLMAVVVLGRESLDDLTN
LVVKLFSEVENKNVPLPEFPEHPFQEEHLKQLYKIVPIKDIRNLYVTFPIPDLQKYYKSNPGHYLGHLIGHEGPGSLLSE
LKSKGWVNTLVGGQKEGARGFMFFIINVDLTEEGLLHVEDIILHMFQYIQKLRAEGPQEWVFQELKDLNAVAFRFKDKER
PRGYTSKIAGILHYYPLEEVLTAEYLLEEFRPDLIEMVLDKLRPENVRVAIVSKSFEGKTDRTEEWYGTQYKQEAIPDEV
IKKWQNADLNGKFKLPTKNEFIPTNFEILPLEKEATPYPALIKDTAMSKLWFKQDDKFFLPKANLNFEFFSPFAYVDPLH
SNMAYLYLELLKDSLNEYAYAAELAGLSYDLQNTIYGMYLSVKGYNDKQPILLKKIIEKMATFEIDEKRFEIIKEAYMRS
LNNFRAEQPHQHAMYYLRLLMTEVAWTKDELKEALDDVTLPRLKAFIPQLLSRLHIEALLHGNITKQAALGIMQMVEDTL
IEHAHTKPLLPSQLVRYREVQLPDRGWFVYQQRNEVHNNSGIEIYYQTDMQSTSENMFLELFAQIISEPAFNTLRTKEQL
GYIVFSGPRRANGIQGLRFIIQSEKPPHYLESRVEAFLITMEKSIEDMTEEAFQKHIQALAIRRLDKPKKLSAESAKYWG
EIISQQYNFDRDNTEVAYLKTLTKEDIIKFYKEMLAVDAPRRHKVSVHVLAREMDSNPVVGEFPAQNDINLSQAPALPQP
EVIQNMTEFKRGLPLFPLVKPHINFMAAKL
;
_entity_poly.pdbx_strand_id   A,B
#
loop_
_chem_comp.id
_chem_comp.type
_chem_comp.name
_chem_comp.formula
33K non-polymer N-benzyl-N-(carboxymethyl)glycyl-L-histidine 'C17 H20 N4 O5'
ZN non-polymer 'ZINC ION' 'Zn 2'
#
# COMPACT_ATOMS: atom_id res chain seq x y z
N ASN A 14 -5.24 -39.86 -3.31
CA ASN A 14 -6.45 -39.34 -2.68
C ASN A 14 -6.24 -37.94 -2.11
N ASN A 15 -7.30 -37.13 -2.14
CA ASN A 15 -7.28 -35.81 -1.53
C ASN A 15 -8.60 -35.52 -0.80
N PRO A 16 -8.52 -35.22 0.50
CA PRO A 16 -9.70 -34.97 1.35
C PRO A 16 -10.39 -33.65 1.09
N ALA A 17 -9.64 -32.64 0.66
CA ALA A 17 -10.20 -31.30 0.44
C ALA A 17 -11.07 -31.27 -0.81
N ILE A 18 -10.89 -32.26 -1.68
CA ILE A 18 -11.65 -32.37 -2.91
C ILE A 18 -12.70 -33.47 -2.83
N LYS A 19 -13.94 -33.13 -3.19
CA LYS A 19 -15.00 -34.14 -3.20
C LYS A 19 -14.89 -34.99 -4.46
N ARG A 20 -14.75 -34.36 -5.62
CA ARG A 20 -14.63 -35.14 -6.85
C ARG A 20 -13.94 -34.39 -7.99
N ILE A 21 -13.30 -35.15 -8.87
CA ILE A 21 -12.70 -34.62 -10.09
C ILE A 21 -13.53 -35.04 -11.28
N GLY A 22 -13.83 -34.10 -12.16
CA GLY A 22 -14.67 -34.39 -13.31
C GLY A 22 -13.96 -35.21 -14.38
N ASN A 23 -14.71 -35.67 -15.37
CA ASN A 23 -14.16 -36.34 -16.52
C ASN A 23 -13.59 -35.32 -17.49
N HIS A 24 -13.12 -35.76 -18.65
CA HIS A 24 -12.64 -34.84 -19.68
C HIS A 24 -13.70 -33.82 -20.05
N ILE A 25 -13.36 -32.54 -19.91
CA ILE A 25 -14.28 -31.47 -20.25
C ILE A 25 -14.31 -31.24 -21.75
N THR A 26 -15.46 -31.50 -22.37
CA THR A 26 -15.59 -31.40 -23.82
C THR A 26 -15.35 -29.97 -24.30
N LYS A 27 -14.43 -29.83 -25.25
CA LYS A 27 -14.09 -28.53 -25.81
C LYS A 27 -13.96 -28.59 -27.33
N SER A 28 -13.84 -27.41 -27.95
CA SER A 28 -13.61 -27.33 -29.38
C SER A 28 -12.23 -27.87 -29.73
N PRO A 29 -12.11 -28.55 -30.88
CA PRO A 29 -10.82 -29.07 -31.33
C PRO A 29 -9.83 -27.94 -31.60
N GLU A 30 -10.36 -26.75 -31.88
CA GLU A 30 -9.54 -25.58 -32.13
C GLU A 30 -9.02 -24.99 -30.83
N ASP A 31 -9.68 -25.33 -29.72
CA ASP A 31 -9.30 -24.78 -28.41
C ASP A 31 -8.07 -25.48 -27.86
N LYS A 32 -7.00 -24.72 -27.66
CA LYS A 32 -5.75 -25.28 -27.19
C LYS A 32 -5.60 -25.14 -25.68
N ARG A 33 -6.46 -24.33 -25.06
CA ARG A 33 -6.47 -24.18 -23.62
C ARG A 33 -6.81 -25.51 -22.96
N GLU A 34 -6.25 -25.76 -21.78
CA GLU A 34 -6.53 -27.02 -21.09
C GLU A 34 -7.45 -26.80 -19.89
N TYR A 35 -8.37 -27.73 -19.69
CA TYR A 35 -9.42 -27.55 -18.68
C TYR A 35 -9.46 -28.68 -17.65
N ARG A 36 -9.92 -28.35 -16.45
CA ARG A 36 -10.17 -29.36 -15.43
C ARG A 36 -11.29 -28.92 -14.49
N GLY A 37 -12.34 -29.73 -14.41
CA GLY A 37 -13.45 -29.44 -13.52
C GLY A 37 -13.40 -30.29 -12.27
N LEU A 38 -13.78 -29.70 -11.14
CA LEU A 38 -13.76 -30.42 -9.88
C LEU A 38 -14.67 -29.77 -8.83
N GLU A 39 -15.31 -30.60 -8.01
CA GLU A 39 -16.11 -30.10 -6.91
C GLU A 39 -15.38 -30.31 -5.58
N LEU A 40 -15.26 -29.23 -4.82
CA LEU A 40 -14.58 -29.26 -3.53
C LEU A 40 -15.40 -29.94 -2.45
N ALA A 41 -14.77 -30.20 -1.30
CA ALA A 41 -15.44 -30.86 -0.19
C ALA A 41 -16.59 -30.03 0.34
N ASN A 42 -16.47 -28.70 0.25
CA ASN A 42 -17.52 -27.81 0.72
C ASN A 42 -18.58 -27.58 -0.35
N GLY A 43 -18.41 -28.21 -1.50
CA GLY A 43 -19.41 -28.18 -2.56
C GLY A 43 -19.32 -27.04 -3.54
N ILE A 44 -18.15 -26.39 -3.59
CA ILE A 44 -17.92 -25.33 -4.56
C ILE A 44 -17.57 -25.93 -5.90
N LYS A 45 -18.34 -25.59 -6.93
CA LYS A 45 -18.04 -26.13 -8.26
C LYS A 45 -16.95 -25.29 -8.91
N VAL A 46 -15.89 -25.93 -9.40
CA VAL A 46 -14.73 -25.20 -9.87
C VAL A 46 -14.23 -25.62 -11.25
N LEU A 47 -14.05 -24.65 -12.14
CA LEU A 47 -13.40 -24.92 -13.42
C LEU A 47 -12.04 -24.21 -13.51
N LEU A 48 -11.03 -25.01 -13.84
CA LEU A 48 -9.67 -24.54 -13.97
C LEU A 48 -9.26 -24.50 -15.43
N ILE A 49 -8.71 -23.36 -15.84
CA ILE A 49 -8.29 -23.15 -17.22
C ILE A 49 -6.82 -22.76 -17.28
N SER A 50 -6.01 -23.64 -17.86
CA SER A 50 -4.60 -23.38 -18.08
C SER A 50 -4.39 -22.90 -19.50
N ASP A 51 -3.69 -21.78 -19.62
CA ASP A 51 -3.36 -21.18 -20.92
C ASP A 51 -2.04 -20.44 -20.81
N PRO A 52 -0.93 -21.15 -21.05
CA PRO A 52 0.43 -20.62 -20.90
C PRO A 52 0.76 -19.45 -21.82
N THR A 53 -0.08 -19.19 -22.81
CA THR A 53 0.20 -18.11 -23.75
C THR A 53 -0.52 -16.80 -23.38
N THR A 54 -1.29 -16.82 -22.30
CA THR A 54 -2.08 -15.65 -21.93
C THR A 54 -1.22 -14.57 -21.28
N ASP A 55 -1.64 -13.32 -21.44
CA ASP A 55 -0.95 -12.19 -20.83
C ASP A 55 -1.63 -11.82 -19.54
N LYS A 56 -2.95 -11.94 -19.53
CA LYS A 56 -3.74 -11.64 -18.35
C LYS A 56 -4.38 -12.92 -17.80
N SER A 57 -4.14 -13.19 -16.52
CA SER A 57 -4.86 -14.23 -15.82
C SER A 57 -6.16 -13.63 -15.29
N SER A 58 -7.16 -14.48 -15.08
CA SER A 58 -8.45 -13.98 -14.60
C SER A 58 -9.13 -14.97 -13.66
N ALA A 59 -10.08 -14.47 -12.87
CA ALA A 59 -10.85 -15.34 -12.01
C ALA A 59 -12.23 -14.77 -11.73
N ALA A 60 -13.19 -15.64 -11.50
CA ALA A 60 -14.55 -15.21 -11.22
C ALA A 60 -15.26 -16.15 -10.26
N LEU A 61 -16.10 -15.57 -9.42
CA LEU A 61 -16.93 -16.35 -8.51
C LEU A 61 -18.39 -15.95 -8.67
N ASP A 62 -19.25 -16.95 -8.78
CA ASP A 62 -20.68 -16.71 -8.89
C ASP A 62 -21.42 -17.35 -7.71
N VAL A 63 -22.14 -16.52 -6.97
CA VAL A 63 -23.04 -16.97 -5.92
C VAL A 63 -24.35 -17.21 -6.64
N HIS A 64 -25.20 -18.07 -6.07
CA HIS A 64 -26.47 -18.39 -6.69
C HIS A 64 -27.53 -17.70 -5.83
N ILE A 65 -27.15 -16.56 -5.25
CA ILE A 65 -28.11 -15.71 -4.55
C ILE A 65 -28.17 -14.34 -5.22
N GLY A 66 -29.38 -13.81 -5.39
CA GLY A 66 -29.56 -12.53 -6.05
C GLY A 66 -30.60 -11.67 -5.38
N SER A 67 -31.03 -10.62 -6.07
CA SER A 67 -31.96 -9.65 -5.50
C SER A 67 -33.32 -10.24 -5.11
N LEU A 68 -33.72 -11.35 -5.74
CA LEU A 68 -34.97 -12.00 -5.36
C LEU A 68 -34.93 -12.52 -3.92
N SER A 69 -33.72 -12.64 -3.37
CA SER A 69 -33.53 -13.07 -1.99
C SER A 69 -33.32 -11.89 -1.04
N ASP A 70 -33.64 -10.68 -1.50
CA ASP A 70 -33.59 -9.50 -0.63
C ASP A 70 -34.70 -9.56 0.41
N PRO A 71 -34.43 -9.02 1.60
CA PRO A 71 -35.49 -8.87 2.61
C PRO A 71 -36.53 -7.88 2.10
N PRO A 72 -37.81 -8.12 2.43
CA PRO A 72 -38.89 -7.25 1.93
C PRO A 72 -38.78 -5.82 2.46
N ASN A 73 -38.22 -5.66 3.66
CA ASN A 73 -38.12 -4.35 4.29
C ASN A 73 -36.85 -3.59 3.90
N ILE A 74 -35.92 -4.29 3.27
CA ILE A 74 -34.65 -3.68 2.85
C ILE A 74 -34.35 -4.00 1.37
N ALA A 75 -34.86 -3.18 0.47
CA ALA A 75 -34.72 -3.44 -0.96
C ALA A 75 -33.31 -3.21 -1.47
N GLY A 76 -32.73 -4.22 -2.10
CA GLY A 76 -31.44 -4.10 -2.75
C GLY A 76 -30.24 -4.46 -1.89
N LEU A 77 -30.49 -5.17 -0.79
CA LEU A 77 -29.43 -5.52 0.15
C LEU A 77 -28.31 -6.33 -0.50
N SER A 78 -28.66 -7.23 -1.42
CA SER A 78 -27.67 -8.05 -2.09
C SER A 78 -26.80 -7.21 -3.02
N HIS A 79 -27.41 -6.25 -3.70
CA HIS A 79 -26.67 -5.32 -4.55
C HIS A 79 -25.71 -4.48 -3.72
N PHE A 80 -26.22 -3.94 -2.61
CA PHE A 80 -25.41 -3.13 -1.72
C PHE A 80 -24.23 -3.94 -1.19
N LEU A 81 -24.49 -5.19 -0.81
CA LEU A 81 -23.45 -6.10 -0.36
C LEU A 81 -22.39 -6.26 -1.43
N GLN A 82 -22.85 -6.52 -2.66
CA GLN A 82 -21.98 -6.66 -3.81
C GLN A 82 -21.04 -5.46 -3.94
N HIS A 83 -21.59 -4.27 -3.72
CA HIS A 83 -20.77 -3.06 -3.70
C HIS A 83 -19.78 -3.04 -2.54
N MET A 84 -20.23 -3.49 -1.37
CA MET A 84 -19.47 -3.34 -0.14
C MET A 84 -18.29 -4.31 0.00
N LEU A 85 -18.37 -5.44 -0.70
CA LEU A 85 -17.29 -6.44 -0.60
C LEU A 85 -15.94 -5.90 -1.10
N PHE A 86 -15.98 -4.96 -2.03
CA PHE A 86 -14.75 -4.41 -2.60
C PHE A 86 -14.01 -3.47 -1.63
N LEU A 87 -14.66 -3.14 -0.52
CA LEU A 87 -14.16 -2.05 0.31
C LEU A 87 -13.52 -2.48 1.63
N GLY A 88 -12.90 -3.66 1.64
CA GLY A 88 -12.15 -4.08 2.81
C GLY A 88 -12.57 -5.38 3.45
N THR A 89 -11.57 -6.21 3.77
CA THR A 89 -11.77 -7.47 4.48
C THR A 89 -10.85 -7.52 5.69
N LYS A 90 -10.98 -8.55 6.52
CA LYS A 90 -10.17 -8.67 7.73
C LYS A 90 -8.68 -8.83 7.43
N LYS A 91 -8.35 -9.62 6.41
CA LYS A 91 -6.95 -9.86 6.08
C LYS A 91 -6.36 -8.76 5.22
N TYR A 92 -7.23 -8.03 4.51
CA TYR A 92 -6.78 -6.89 3.71
C TYR A 92 -7.68 -5.69 3.96
N PRO A 93 -7.46 -5.00 5.11
CA PRO A 93 -8.33 -3.95 5.67
C PRO A 93 -8.41 -2.64 4.88
N LYS A 94 -7.39 -2.30 4.10
CA LYS A 94 -7.41 -1.02 3.37
C LYS A 94 -8.54 -1.02 2.36
N GLU A 95 -9.36 0.02 2.43
CA GLU A 95 -10.59 0.13 1.64
C GLU A 95 -10.39 -0.11 0.15
N ASN A 96 -9.23 0.26 -0.38
CA ASN A 96 -8.97 0.10 -1.80
C ASN A 96 -7.77 -0.78 -2.09
N GLU A 97 -7.44 -1.68 -1.16
CA GLU A 97 -6.31 -2.60 -1.36
C GLU A 97 -6.51 -3.42 -2.63
N TYR A 98 -7.75 -3.85 -2.83
CA TYR A 98 -8.12 -4.66 -3.99
C TYR A 98 -7.89 -3.92 -5.31
N SER A 99 -8.60 -2.83 -5.49
CA SER A 99 -8.53 -2.05 -6.71
C SER A 99 -7.14 -1.46 -6.96
N GLN A 100 -6.46 -1.10 -5.88
CA GLN A 100 -5.10 -0.56 -6.00
C GLN A 100 -4.16 -1.66 -6.47
N PHE A 101 -4.29 -2.84 -5.89
CA PHE A 101 -3.48 -3.98 -6.30
C PHE A 101 -3.66 -4.26 -7.78
N LEU A 102 -4.92 -4.36 -8.19
CA LEU A 102 -5.21 -4.66 -9.59
C LEU A 102 -4.69 -3.57 -10.52
N SER A 103 -4.95 -2.31 -10.17
CA SER A 103 -4.54 -1.19 -11.02
C SER A 103 -3.03 -1.16 -11.18
N GLU A 104 -2.33 -1.39 -10.07
CA GLU A 104 -0.87 -1.41 -10.08
C GLU A 104 -0.32 -2.62 -10.80
N HIS A 105 -1.15 -3.65 -10.96
CA HIS A 105 -0.70 -4.85 -11.67
C HIS A 105 -1.51 -5.12 -12.93
N ALA A 106 -1.78 -4.05 -13.68
CA ALA A 106 -2.41 -4.12 -15.01
C ALA A 106 -3.74 -4.86 -15.00
N GLY A 107 -4.46 -4.79 -13.88
CA GLY A 107 -5.69 -5.52 -13.76
C GLY A 107 -6.93 -4.66 -13.61
N SER A 108 -8.09 -5.30 -13.78
CA SER A 108 -9.36 -4.64 -13.58
C SER A 108 -10.33 -5.60 -12.91
N SER A 109 -11.46 -5.09 -12.47
CA SER A 109 -12.45 -5.92 -11.80
C SER A 109 -13.82 -5.29 -11.79
N ASN A 110 -14.84 -6.12 -11.76
CA ASN A 110 -16.20 -5.64 -11.58
C ASN A 110 -17.09 -6.77 -11.10
N ALA A 111 -18.37 -6.46 -10.95
CA ALA A 111 -19.34 -7.44 -10.51
C ALA A 111 -20.74 -7.01 -10.88
N PHE A 112 -21.70 -7.92 -10.79
CA PHE A 112 -23.11 -7.56 -11.00
C PHE A 112 -24.04 -8.45 -10.18
N THR A 113 -25.32 -8.07 -10.15
CA THR A 113 -26.31 -8.77 -9.35
C THR A 113 -27.64 -8.94 -10.07
N SER A 114 -27.91 -10.15 -10.56
CA SER A 114 -29.21 -10.47 -11.14
C SER A 114 -30.14 -10.94 -10.02
N GLY A 115 -31.38 -11.26 -10.37
CA GLY A 115 -32.36 -11.69 -9.39
C GLY A 115 -31.98 -12.99 -8.69
N GLU A 116 -31.13 -13.79 -9.31
CA GLU A 116 -30.79 -15.10 -8.78
C GLU A 116 -29.29 -15.29 -8.60
N HIS A 117 -28.49 -14.31 -9.00
CA HIS A 117 -27.04 -14.48 -8.98
C HIS A 117 -26.29 -13.21 -8.59
N THR A 118 -25.14 -13.39 -7.96
CA THR A 118 -24.21 -12.30 -7.75
C THR A 118 -22.84 -12.76 -8.25
N ASN A 119 -22.35 -12.07 -9.27
CA ASN A 119 -21.17 -12.52 -10.00
C ASN A 119 -20.02 -11.52 -9.90
N TYR A 120 -18.91 -11.97 -9.31
CA TYR A 120 -17.72 -11.14 -9.14
C TYR A 120 -16.62 -11.63 -10.09
N TYR A 121 -15.86 -10.70 -10.66
CA TYR A 121 -14.82 -11.09 -11.62
C TYR A 121 -13.67 -10.09 -11.72
N PHE A 122 -12.48 -10.60 -12.00
CA PHE A 122 -11.31 -9.76 -12.20
C PHE A 122 -10.30 -10.36 -13.16
N ASP A 123 -9.48 -9.49 -13.75
CA ASP A 123 -8.30 -9.91 -14.49
C ASP A 123 -7.09 -9.14 -13.97
N VAL A 124 -5.90 -9.69 -14.19
CA VAL A 124 -4.65 -9.11 -13.70
C VAL A 124 -3.51 -9.67 -14.53
N SER A 125 -2.31 -9.12 -14.39
CA SER A 125 -1.13 -9.68 -15.04
C SER A 125 -0.92 -11.12 -14.56
N HIS A 126 -0.48 -11.98 -15.47
CA HIS A 126 -0.42 -13.42 -15.19
C HIS A 126 0.57 -13.78 -14.07
N GLU A 127 1.48 -12.86 -13.77
CA GLU A 127 2.50 -13.10 -12.76
C GLU A 127 2.02 -12.72 -11.36
N HIS A 128 0.86 -12.08 -11.27
CA HIS A 128 0.31 -11.69 -9.98
C HIS A 128 -1.09 -12.27 -9.76
N LEU A 129 -1.37 -13.34 -10.49
CA LEU A 129 -2.65 -14.04 -10.40
C LEU A 129 -2.97 -14.44 -8.98
N GLU A 130 -2.01 -15.09 -8.31
CA GLU A 130 -2.22 -15.58 -6.96
C GLU A 130 -2.45 -14.45 -5.97
N GLY A 131 -1.62 -13.41 -6.08
CA GLY A 131 -1.74 -12.24 -5.23
C GLY A 131 -3.09 -11.58 -5.34
N ALA A 132 -3.57 -11.43 -6.56
CA ALA A 132 -4.91 -10.89 -6.79
C ALA A 132 -5.98 -11.82 -6.22
N LEU A 133 -5.79 -13.12 -6.44
CA LEU A 133 -6.78 -14.12 -6.06
C LEU A 133 -6.95 -14.28 -4.56
N ASP A 134 -5.90 -14.03 -3.79
CA ASP A 134 -6.00 -14.09 -2.33
C ASP A 134 -6.95 -13.00 -1.83
N ARG A 135 -6.62 -11.77 -2.21
CA ARG A 135 -7.43 -10.60 -1.89
C ARG A 135 -8.87 -10.79 -2.37
N PHE A 136 -9.01 -11.41 -3.54
CA PHE A 136 -10.33 -11.70 -4.09
C PHE A 136 -11.09 -12.68 -3.21
N ALA A 137 -10.41 -13.75 -2.80
CA ALA A 137 -11.01 -14.79 -1.99
C ALA A 137 -11.49 -14.25 -0.66
N GLN A 138 -10.78 -13.26 -0.13
CA GLN A 138 -11.14 -12.71 1.17
C GLN A 138 -12.53 -12.09 1.20
N PHE A 139 -13.08 -11.80 0.02
CA PHE A 139 -14.42 -11.21 -0.08
C PHE A 139 -15.52 -12.10 0.48
N PHE A 140 -15.25 -13.41 0.51
CA PHE A 140 -16.28 -14.39 0.83
C PHE A 140 -16.02 -15.08 2.15
N LEU A 141 -15.03 -14.57 2.88
CA LEU A 141 -14.64 -15.15 4.15
C LEU A 141 -14.86 -14.19 5.30
N SER A 142 -14.16 -13.05 5.25
CA SER A 142 -14.17 -12.11 6.36
C SER A 142 -14.26 -10.66 5.89
N PRO A 143 -15.42 -10.25 5.36
CA PRO A 143 -15.60 -8.88 4.91
C PRO A 143 -15.86 -7.94 6.10
N LEU A 144 -15.32 -6.73 6.03
CA LEU A 144 -15.43 -5.79 7.15
C LEU A 144 -16.80 -5.14 7.26
N PHE A 145 -17.31 -4.65 6.13
CA PHE A 145 -18.50 -3.80 6.09
C PHE A 145 -18.32 -2.61 7.03
N ASP A 146 -17.30 -1.78 6.76
CA ASP A 146 -17.01 -0.61 7.57
C ASP A 146 -18.19 0.36 7.56
N GLU A 147 -18.47 0.98 8.70
CA GLU A 147 -19.63 1.87 8.84
C GLU A 147 -19.49 3.11 7.97
N SER A 148 -18.29 3.69 7.94
CA SER A 148 -18.01 4.85 7.11
C SER A 148 -18.14 4.49 5.64
N ALA A 149 -17.60 3.33 5.29
CA ALA A 149 -17.70 2.81 3.93
C ALA A 149 -19.15 2.65 3.52
N LYS A 150 -19.98 2.18 4.44
CA LYS A 150 -21.41 2.03 4.19
C LYS A 150 -22.10 3.37 3.95
N ASP A 151 -21.93 4.27 4.92
CA ASP A 151 -22.51 5.60 4.86
C ASP A 151 -22.11 6.37 3.62
N ARG A 152 -20.96 6.00 3.04
CA ARG A 152 -20.52 6.63 1.81
C ARG A 152 -21.08 5.93 0.57
N GLU A 153 -20.85 4.62 0.47
CA GLU A 153 -21.20 3.85 -0.72
C GLU A 153 -22.71 3.83 -1.01
N VAL A 154 -23.52 4.01 0.03
CA VAL A 154 -24.96 4.12 -0.18
C VAL A 154 -25.25 5.21 -1.24
N ASN A 155 -24.46 6.28 -1.21
CA ASN A 155 -24.57 7.34 -2.20
C ASN A 155 -24.30 6.83 -3.60
N ALA A 156 -23.29 5.97 -3.75
CA ALA A 156 -22.92 5.45 -5.05
C ALA A 156 -24.04 4.58 -5.62
N VAL A 157 -24.63 3.74 -4.77
CA VAL A 157 -25.74 2.90 -5.21
C VAL A 157 -26.96 3.73 -5.60
N ASP A 158 -27.29 4.70 -4.75
CA ASP A 158 -28.39 5.61 -5.03
C ASP A 158 -28.18 6.33 -6.36
N SER A 159 -26.94 6.75 -6.61
CA SER A 159 -26.59 7.45 -7.84
C SER A 159 -26.72 6.54 -9.05
N GLU A 160 -26.36 5.27 -8.88
CA GLU A 160 -26.55 4.26 -9.91
C GLU A 160 -28.04 4.20 -10.28
N HIS A 161 -28.89 4.08 -9.27
CA HIS A 161 -30.32 4.06 -9.50
C HIS A 161 -30.80 5.31 -10.22
N GLU A 162 -30.47 6.49 -9.69
CA GLU A 162 -30.91 7.75 -10.27
C GLU A 162 -30.46 7.87 -11.71
N LYS A 163 -29.30 7.30 -12.00
CA LYS A 163 -28.85 7.14 -13.37
C LYS A 163 -29.91 6.39 -14.15
N ASN A 164 -30.37 5.26 -13.62
CA ASN A 164 -31.33 4.44 -14.37
C ASN A 164 -32.79 4.95 -14.38
N VAL A 165 -33.12 5.92 -13.53
CA VAL A 165 -34.50 6.35 -13.34
C VAL A 165 -35.19 6.86 -14.61
N MET A 166 -34.49 7.65 -15.40
CA MET A 166 -35.10 8.22 -16.60
C MET A 166 -34.91 7.32 -17.81
N ASN A 167 -34.36 6.14 -17.59
CA ASN A 167 -34.17 5.18 -18.65
C ASN A 167 -35.43 4.34 -18.90
N ASP A 168 -35.97 4.45 -20.11
CA ASP A 168 -37.22 3.79 -20.47
C ASP A 168 -37.17 2.27 -20.26
N ALA A 169 -36.08 1.65 -20.71
CA ALA A 169 -35.92 0.21 -20.58
C ALA A 169 -35.98 -0.24 -19.12
N TRP A 170 -35.34 0.52 -18.24
CA TRP A 170 -35.39 0.22 -16.82
C TRP A 170 -36.80 0.39 -16.25
N ARG A 171 -37.42 1.52 -16.58
CA ARG A 171 -38.79 1.81 -16.13
C ARG A 171 -39.73 0.66 -16.49
N LEU A 172 -39.64 0.19 -17.73
CA LEU A 172 -40.46 -0.93 -18.19
C LEU A 172 -40.11 -2.22 -17.45
N PHE A 173 -38.80 -2.46 -17.31
CA PHE A 173 -38.28 -3.61 -16.59
C PHE A 173 -38.89 -3.76 -15.20
N GLN A 174 -38.94 -2.66 -14.46
CA GLN A 174 -39.49 -2.71 -13.11
C GLN A 174 -41.02 -2.67 -13.14
N LEU A 175 -41.59 -2.04 -14.17
CA LEU A 175 -43.03 -1.99 -14.32
C LEU A 175 -43.63 -3.39 -14.45
N GLU A 176 -42.97 -4.24 -15.23
CA GLU A 176 -43.42 -5.63 -15.38
C GLU A 176 -43.47 -6.32 -14.01
N LYS A 177 -42.55 -5.96 -13.13
CA LYS A 177 -42.53 -6.52 -11.78
C LYS A 177 -43.65 -5.95 -10.94
N ALA A 178 -43.95 -4.67 -11.13
CA ALA A 178 -44.97 -4.00 -10.34
C ALA A 178 -46.38 -4.43 -10.74
N THR A 179 -46.52 -4.98 -11.95
CA THR A 179 -47.84 -5.37 -12.43
C THR A 179 -48.17 -6.85 -12.17
N GLY A 180 -47.19 -7.58 -11.65
CA GLY A 180 -47.41 -8.98 -11.31
C GLY A 180 -47.91 -9.16 -9.90
N ASN A 181 -47.94 -10.40 -9.43
CA ASN A 181 -48.30 -10.70 -8.05
C ASN A 181 -47.40 -9.96 -7.07
N PRO A 182 -47.95 -8.98 -6.36
CA PRO A 182 -47.17 -8.14 -5.45
C PRO A 182 -46.52 -8.94 -4.32
N LYS A 183 -47.07 -10.10 -4.02
CA LYS A 183 -46.57 -10.94 -2.94
C LYS A 183 -45.47 -11.86 -3.44
N HIS A 184 -45.24 -11.83 -4.74
CA HIS A 184 -44.22 -12.66 -5.37
C HIS A 184 -42.89 -11.89 -5.40
N PRO A 185 -41.79 -12.56 -5.03
CA PRO A 185 -40.46 -11.95 -4.99
C PRO A 185 -40.05 -11.25 -6.29
N PHE A 186 -40.59 -11.73 -7.41
CA PHE A 186 -40.36 -11.11 -8.71
C PHE A 186 -40.64 -9.60 -8.68
N SER A 187 -41.59 -9.18 -7.85
CA SER A 187 -42.02 -7.79 -7.80
C SER A 187 -41.04 -6.89 -7.03
N LYS A 188 -40.01 -7.50 -6.46
CA LYS A 188 -39.02 -6.73 -5.69
C LYS A 188 -38.25 -5.74 -6.55
N PHE A 189 -37.82 -4.66 -5.92
CA PHE A 189 -36.99 -3.66 -6.57
C PHE A 189 -35.53 -3.92 -6.22
N GLY A 190 -34.77 -4.43 -7.19
CA GLY A 190 -33.45 -4.95 -6.94
C GLY A 190 -32.32 -3.95 -6.74
N THR A 191 -32.40 -2.81 -7.42
CA THR A 191 -31.30 -1.85 -7.41
C THR A 191 -31.06 -1.23 -6.04
N GLY A 192 -32.12 -0.72 -5.42
CA GLY A 192 -32.03 -0.05 -4.13
C GLY A 192 -31.54 1.38 -4.27
N ASN A 193 -31.81 2.20 -3.26
CA ASN A 193 -31.31 3.56 -3.25
C ASN A 193 -31.04 4.10 -1.85
N LYS A 194 -30.75 5.39 -1.77
CA LYS A 194 -30.50 6.06 -0.50
C LYS A 194 -31.67 5.88 0.47
N TYR A 195 -32.89 6.04 -0.04
CA TYR A 195 -34.08 5.93 0.79
C TYR A 195 -34.23 4.55 1.40
N THR A 196 -34.14 3.52 0.57
CA THR A 196 -34.38 2.15 1.04
C THR A 196 -33.22 1.58 1.83
N LEU A 197 -32.01 2.11 1.62
CA LEU A 197 -30.82 1.54 2.25
C LEU A 197 -30.52 2.28 3.56
N GLU A 198 -30.54 3.60 3.54
CA GLU A 198 -30.26 4.36 4.75
C GLU A 198 -31.38 5.02 5.55
N THR A 199 -32.23 5.75 4.85
CA THR A 199 -33.30 6.54 5.45
C THR A 199 -34.37 5.70 6.15
N ARG A 200 -35.04 4.85 5.39
CA ARG A 200 -36.12 4.01 5.92
C ARG A 200 -35.60 3.05 7.00
N PRO A 201 -34.44 2.39 6.76
CA PRO A 201 -33.93 1.53 7.84
C PRO A 201 -33.63 2.28 9.13
N ASN A 202 -33.05 3.47 9.01
CA ASN A 202 -32.82 4.30 10.19
C ASN A 202 -34.14 4.65 10.87
N GLN A 203 -35.17 4.93 10.07
CA GLN A 203 -36.50 5.18 10.60
C GLN A 203 -37.02 3.98 11.38
N GLU A 204 -36.59 2.78 10.99
CA GLU A 204 -37.07 1.57 11.63
C GLU A 204 -36.02 0.89 12.51
N GLY A 205 -35.09 1.69 13.03
CA GLY A 205 -34.10 1.22 13.98
C GLY A 205 -33.10 0.19 13.48
N ILE A 206 -33.15 -0.11 12.19
CA ILE A 206 -32.37 -1.20 11.62
C ILE A 206 -30.87 -0.89 11.52
N ASP A 207 -30.05 -1.76 12.08
CA ASP A 207 -28.60 -1.62 11.95
C ASP A 207 -28.14 -2.33 10.69
N VAL A 208 -27.94 -1.52 9.66
CA VAL A 208 -27.64 -2.00 8.32
C VAL A 208 -26.41 -2.90 8.24
N ARG A 209 -25.35 -2.55 8.97
CA ARG A 209 -24.10 -3.30 8.91
C ARG A 209 -24.34 -4.73 9.29
N GLN A 210 -25.24 -4.89 10.25
CA GLN A 210 -25.40 -6.12 10.98
C GLN A 210 -26.45 -6.92 10.23
N GLU A 211 -27.36 -6.22 9.53
CA GLU A 211 -28.18 -6.89 8.48
C GLU A 211 -27.30 -7.45 7.33
N LEU A 212 -26.29 -6.69 6.93
CA LEU A 212 -25.35 -7.12 5.88
C LEU A 212 -24.56 -8.35 6.31
N LEU A 213 -24.15 -8.35 7.58
CA LEU A 213 -23.39 -9.48 8.14
C LEU A 213 -24.24 -10.74 8.20
N LYS A 214 -25.51 -10.57 8.63
CA LYS A 214 -26.42 -11.72 8.63
C LYS A 214 -26.69 -12.24 7.21
N PHE A 215 -26.89 -11.35 6.24
CA PHE A 215 -27.12 -11.80 4.87
C PHE A 215 -25.89 -12.53 4.31
N HIS A 216 -24.71 -12.01 4.59
CA HIS A 216 -23.48 -12.62 4.12
C HIS A 216 -23.27 -13.98 4.75
N SER A 217 -23.36 -14.04 6.08
CA SER A 217 -23.17 -15.28 6.81
C SER A 217 -24.18 -16.34 6.40
N ALA A 218 -25.44 -15.94 6.23
CA ALA A 218 -26.52 -16.87 5.91
C ALA A 218 -26.45 -17.37 4.48
N TYR A 219 -26.38 -16.45 3.52
CA TYR A 219 -26.53 -16.81 2.11
C TYR A 219 -25.23 -17.07 1.35
N TYR A 220 -24.09 -16.60 1.87
CA TYR A 220 -22.83 -16.87 1.18
C TYR A 220 -22.22 -18.19 1.65
N SER A 221 -22.95 -19.27 1.40
CA SER A 221 -22.49 -20.61 1.73
C SER A 221 -21.77 -21.26 0.56
N SER A 222 -20.75 -22.05 0.86
CA SER A 222 -19.91 -22.66 -0.17
C SER A 222 -20.72 -23.54 -1.13
N ASN A 223 -21.84 -24.09 -0.66
CA ASN A 223 -22.64 -25.00 -1.48
C ASN A 223 -23.41 -24.27 -2.56
N LEU A 224 -23.41 -22.94 -2.50
CA LEU A 224 -24.07 -22.14 -3.52
C LEU A 224 -23.08 -21.34 -4.35
N MET A 225 -21.86 -21.86 -4.51
CA MET A 225 -20.82 -21.11 -5.21
C MET A 225 -20.10 -21.87 -6.34
N ALA A 226 -19.82 -21.11 -7.40
CA ALA A 226 -19.02 -21.60 -8.50
C ALA A 226 -17.81 -20.69 -8.72
N VAL A 227 -16.68 -21.27 -9.10
CA VAL A 227 -15.42 -20.56 -9.24
C VAL A 227 -14.74 -20.94 -10.55
N VAL A 228 -14.25 -19.96 -11.30
CA VAL A 228 -13.46 -20.24 -12.49
C VAL A 228 -12.14 -19.50 -12.42
N VAL A 229 -11.03 -20.21 -12.67
CA VAL A 229 -9.71 -19.57 -12.65
C VAL A 229 -8.89 -19.88 -13.89
N LEU A 230 -8.43 -18.83 -14.57
CA LEU A 230 -7.64 -18.97 -15.79
C LEU A 230 -6.25 -18.37 -15.59
N GLY A 231 -5.21 -19.19 -15.81
CA GLY A 231 -3.84 -18.75 -15.64
C GLY A 231 -2.84 -19.54 -16.47
N ARG A 232 -1.58 -19.12 -16.44
CA ARG A 232 -0.52 -19.82 -17.16
C ARG A 232 -0.10 -21.11 -16.47
N GLU A 233 -0.34 -21.19 -15.16
CA GLU A 233 0.06 -22.32 -14.35
C GLU A 233 -0.61 -23.61 -14.79
N SER A 234 0.02 -24.74 -14.50
CA SER A 234 -0.55 -26.04 -14.86
C SER A 234 -1.84 -26.30 -14.11
N LEU A 235 -2.63 -27.24 -14.61
CA LEU A 235 -3.90 -27.60 -13.98
C LEU A 235 -3.70 -28.06 -12.53
N ASP A 236 -2.59 -28.77 -12.27
CA ASP A 236 -2.28 -29.22 -10.92
C ASP A 236 -1.98 -28.04 -9.99
N ASP A 237 -1.23 -27.07 -10.49
CA ASP A 237 -0.93 -25.86 -9.73
C ASP A 237 -2.21 -25.11 -9.39
N LEU A 238 -3.04 -24.90 -10.41
CA LEU A 238 -4.34 -24.25 -10.21
C LEU A 238 -5.19 -24.99 -9.18
N THR A 239 -5.16 -26.33 -9.24
CA THR A 239 -5.88 -27.16 -8.29
C THR A 239 -5.42 -26.88 -6.87
N ASN A 240 -4.11 -27.05 -6.63
CA ASN A 240 -3.51 -26.77 -5.32
C ASN A 240 -3.90 -25.39 -4.80
N LEU A 241 -3.86 -24.41 -5.69
CA LEU A 241 -4.18 -23.03 -5.34
C LEU A 241 -5.63 -22.87 -4.89
N VAL A 242 -6.56 -23.32 -5.71
CA VAL A 242 -7.98 -23.16 -5.41
C VAL A 242 -8.37 -23.91 -4.14
N VAL A 243 -7.85 -25.13 -3.99
CA VAL A 243 -8.04 -25.88 -2.77
C VAL A 243 -7.57 -25.05 -1.57
N LYS A 244 -6.31 -24.62 -1.63
CA LYS A 244 -5.69 -23.80 -0.59
C LYS A 244 -6.53 -22.58 -0.19
N LEU A 245 -6.97 -21.80 -1.16
CA LEU A 245 -7.64 -20.54 -0.86
C LEU A 245 -9.14 -20.63 -0.61
N PHE A 246 -9.75 -21.75 -1.00
CA PHE A 246 -11.21 -21.81 -0.96
C PHE A 246 -11.77 -22.99 -0.17
N SER A 247 -10.92 -23.79 0.46
CA SER A 247 -11.44 -24.87 1.28
C SER A 247 -11.93 -24.34 2.63
N GLU A 248 -11.58 -23.10 2.96
CA GLU A 248 -11.93 -22.53 4.25
C GLU A 248 -13.30 -21.87 4.24
N VAL A 249 -13.95 -21.83 3.08
CA VAL A 249 -15.31 -21.31 2.97
C VAL A 249 -16.30 -22.29 3.60
N GLU A 250 -17.10 -21.82 4.54
CA GLU A 250 -17.97 -22.70 5.31
C GLU A 250 -19.23 -23.11 4.56
N ASN A 251 -19.63 -24.37 4.77
CA ASN A 251 -20.84 -24.90 4.17
C ASN A 251 -21.98 -24.83 5.17
N LYS A 252 -22.99 -24.03 4.83
CA LYS A 252 -24.17 -23.92 5.69
C LYS A 252 -25.38 -24.62 5.07
N ASN A 253 -25.13 -25.41 4.04
CA ASN A 253 -26.14 -26.21 3.35
C ASN A 253 -27.43 -25.45 3.05
N VAL A 254 -27.29 -24.23 2.55
CA VAL A 254 -28.44 -23.42 2.23
C VAL A 254 -29.19 -23.98 1.03
N PRO A 255 -30.49 -24.26 1.21
CA PRO A 255 -31.32 -24.76 0.12
C PRO A 255 -31.48 -23.74 -1.01
N LEU A 256 -31.33 -24.21 -2.24
CA LEU A 256 -31.42 -23.34 -3.41
C LEU A 256 -32.83 -22.79 -3.57
N PRO A 257 -32.97 -21.44 -3.60
CA PRO A 257 -34.27 -20.78 -3.76
C PRO A 257 -34.94 -21.09 -5.09
N GLU A 258 -36.16 -21.58 -5.04
CA GLU A 258 -36.91 -21.87 -6.25
C GLU A 258 -38.23 -21.11 -6.26
N PHE A 259 -38.74 -20.83 -7.46
CA PHE A 259 -39.93 -20.01 -7.60
C PHE A 259 -40.90 -20.63 -8.59
N PRO A 260 -41.53 -21.75 -8.19
CA PRO A 260 -42.38 -22.53 -9.08
C PRO A 260 -43.64 -21.78 -9.48
N GLU A 261 -44.22 -21.05 -8.53
CA GLU A 261 -45.40 -20.23 -8.81
C GLU A 261 -45.05 -19.04 -9.70
N HIS A 262 -45.75 -18.93 -10.83
CA HIS A 262 -45.51 -17.82 -11.74
C HIS A 262 -45.99 -16.51 -11.12
N PRO A 263 -45.18 -15.45 -11.26
CA PRO A 263 -45.58 -14.12 -10.78
C PRO A 263 -46.81 -13.59 -11.54
N PHE A 264 -47.10 -14.19 -12.69
CA PHE A 264 -48.27 -13.83 -13.48
C PHE A 264 -49.31 -14.94 -13.43
N GLN A 265 -50.28 -14.82 -12.54
CA GLN A 265 -51.38 -15.76 -12.51
C GLN A 265 -52.58 -15.14 -13.22
N GLU A 266 -53.72 -15.82 -13.21
CA GLU A 266 -54.79 -15.57 -14.18
C GLU A 266 -55.33 -14.13 -14.25
N GLU A 267 -55.43 -13.44 -13.11
CA GLU A 267 -56.01 -12.10 -13.13
C GLU A 267 -55.00 -11.08 -13.65
N HIS A 268 -53.75 -11.48 -13.68
CA HIS A 268 -52.68 -10.69 -14.28
C HIS A 268 -52.57 -11.02 -15.76
N LEU A 269 -53.46 -11.88 -16.24
CA LEU A 269 -53.50 -12.26 -17.65
C LEU A 269 -54.65 -11.56 -18.37
N LYS A 270 -54.58 -11.55 -19.69
CA LYS A 270 -55.52 -10.83 -20.53
C LYS A 270 -55.62 -9.36 -20.11
N GLN A 271 -54.46 -8.73 -19.94
CA GLN A 271 -54.40 -7.35 -19.46
C GLN A 271 -53.73 -6.44 -20.48
N LEU A 272 -54.20 -5.19 -20.53
CA LEU A 272 -53.60 -4.18 -21.41
C LEU A 272 -52.97 -3.07 -20.58
N TYR A 273 -51.83 -2.56 -21.04
CA TYR A 273 -51.15 -1.50 -20.31
C TYR A 273 -50.75 -0.38 -21.24
N LYS A 274 -51.28 0.81 -20.98
CA LYS A 274 -50.95 2.00 -21.78
C LYS A 274 -49.94 2.85 -21.02
N ILE A 275 -48.75 2.98 -21.58
CA ILE A 275 -47.62 3.56 -20.86
C ILE A 275 -47.02 4.79 -21.52
N VAL A 276 -46.75 5.82 -20.72
CA VAL A 276 -46.08 7.03 -21.19
C VAL A 276 -44.57 6.93 -21.02
N PRO A 277 -43.83 7.03 -22.13
CA PRO A 277 -42.36 6.94 -22.12
C PRO A 277 -41.67 8.28 -21.87
N ILE A 278 -40.34 8.23 -21.76
CA ILE A 278 -39.54 9.45 -21.64
C ILE A 278 -39.18 9.98 -23.03
N LYS A 279 -38.74 9.08 -23.90
CA LYS A 279 -38.40 9.44 -25.27
C LYS A 279 -39.62 9.29 -26.17
N ASP A 280 -39.60 9.96 -27.32
CA ASP A 280 -40.67 9.82 -28.30
C ASP A 280 -40.49 8.51 -29.05
N ILE A 281 -40.96 7.43 -28.44
CA ILE A 281 -40.91 6.13 -29.07
C ILE A 281 -42.30 5.52 -29.15
N ARG A 282 -42.42 4.48 -29.96
CA ARG A 282 -43.68 3.77 -30.12
C ARG A 282 -43.38 2.27 -30.10
N ASN A 283 -43.88 1.57 -29.09
CA ASN A 283 -43.57 0.16 -28.92
C ASN A 283 -44.74 -0.70 -28.49
N LEU A 284 -44.68 -1.98 -28.88
CA LEU A 284 -45.70 -2.95 -28.52
C LEU A 284 -45.04 -4.21 -27.95
N TYR A 285 -45.41 -4.54 -26.72
CA TYR A 285 -44.84 -5.68 -26.02
C TYR A 285 -45.90 -6.74 -25.73
N VAL A 286 -45.77 -7.90 -26.34
CA VAL A 286 -46.66 -9.01 -26.07
C VAL A 286 -45.93 -10.10 -25.27
N THR A 287 -46.55 -10.58 -24.20
CA THR A 287 -45.88 -11.47 -23.27
C THR A 287 -46.74 -12.69 -22.90
N PHE A 288 -46.12 -13.86 -22.89
CA PHE A 288 -46.77 -15.10 -22.45
C PHE A 288 -46.01 -15.70 -21.28
N PRO A 289 -46.73 -16.07 -20.21
CA PRO A 289 -46.08 -16.79 -19.11
C PRO A 289 -45.83 -18.25 -19.47
N ILE A 290 -44.60 -18.72 -19.30
CA ILE A 290 -44.29 -20.12 -19.60
C ILE A 290 -43.55 -20.74 -18.41
N PRO A 291 -43.55 -22.08 -18.34
CA PRO A 291 -42.74 -22.73 -17.28
C PRO A 291 -41.23 -22.64 -17.54
N ASP A 292 -40.44 -23.13 -16.60
CA ASP A 292 -38.99 -23.09 -16.72
C ASP A 292 -38.50 -24.14 -17.72
N LEU A 293 -38.05 -23.68 -18.89
CA LEU A 293 -37.64 -24.58 -19.96
C LEU A 293 -36.16 -24.92 -19.89
N GLN A 294 -35.48 -24.35 -18.89
CA GLN A 294 -34.07 -24.59 -18.66
C GLN A 294 -33.71 -26.08 -18.75
N LYS A 295 -34.44 -26.90 -18.00
CA LYS A 295 -34.18 -28.33 -17.92
C LYS A 295 -34.22 -29.08 -19.26
N TYR A 296 -34.69 -28.42 -20.32
CA TYR A 296 -34.78 -29.06 -21.62
C TYR A 296 -33.72 -28.48 -22.55
N TYR A 297 -32.58 -28.09 -21.99
CA TYR A 297 -31.55 -27.42 -22.78
C TYR A 297 -30.99 -28.29 -23.91
N LYS A 298 -31.10 -29.61 -23.76
CA LYS A 298 -30.58 -30.51 -24.78
C LYS A 298 -31.39 -30.42 -26.07
N SER A 299 -32.65 -30.04 -25.96
CA SER A 299 -33.52 -29.88 -27.13
C SER A 299 -33.85 -28.43 -27.36
N ASN A 300 -34.21 -27.75 -26.28
CA ASN A 300 -34.47 -26.33 -26.33
C ASN A 300 -35.56 -25.78 -27.25
N PRO A 301 -36.80 -26.22 -27.05
CA PRO A 301 -37.95 -25.68 -27.79
C PRO A 301 -38.05 -24.16 -27.91
N GLY A 302 -37.59 -23.49 -26.86
CA GLY A 302 -37.55 -22.04 -26.82
C GLY A 302 -36.87 -21.44 -28.02
N HIS A 303 -35.67 -21.92 -28.34
CA HIS A 303 -34.92 -21.43 -29.49
C HIS A 303 -35.68 -21.72 -30.79
N TYR A 304 -36.27 -22.92 -30.88
CA TYR A 304 -37.01 -23.32 -32.06
C TYR A 304 -38.11 -22.31 -32.38
N LEU A 305 -39.02 -22.13 -31.44
CA LEU A 305 -40.14 -21.21 -31.64
C LEU A 305 -39.68 -19.76 -31.76
N GLY A 306 -38.60 -19.40 -31.07
CA GLY A 306 -38.08 -18.04 -31.13
C GLY A 306 -37.46 -17.72 -32.49
N HIS A 307 -36.85 -18.74 -33.08
CA HIS A 307 -36.21 -18.66 -34.38
C HIS A 307 -37.28 -18.48 -35.44
N LEU A 308 -38.30 -19.32 -35.36
CA LEU A 308 -39.41 -19.22 -36.31
C LEU A 308 -40.16 -17.90 -36.19
N ILE A 309 -40.73 -17.62 -35.02
CA ILE A 309 -41.47 -16.38 -34.79
C ILE A 309 -40.64 -15.14 -35.11
N GLY A 310 -39.39 -15.14 -34.66
CA GLY A 310 -38.53 -13.98 -34.81
C GLY A 310 -37.88 -13.84 -36.17
N HIS A 311 -37.99 -14.87 -37.00
CA HIS A 311 -37.37 -14.89 -38.32
C HIS A 311 -37.72 -13.63 -39.11
N GLU A 312 -36.75 -13.13 -39.86
CA GLU A 312 -36.93 -11.88 -40.60
C GLU A 312 -36.71 -12.08 -42.09
N GLY A 313 -36.69 -13.34 -42.51
CA GLY A 313 -36.53 -13.68 -43.91
C GLY A 313 -37.81 -13.47 -44.68
N PRO A 314 -37.84 -13.86 -45.96
CA PRO A 314 -39.05 -13.73 -46.77
C PRO A 314 -40.14 -14.69 -46.32
N GLY A 315 -41.36 -14.18 -46.23
CA GLY A 315 -42.51 -14.98 -45.83
C GLY A 315 -42.75 -14.92 -44.34
N SER A 316 -41.98 -14.08 -43.65
CA SER A 316 -42.01 -14.03 -42.20
C SER A 316 -43.02 -13.03 -41.66
N LEU A 317 -43.29 -13.15 -40.36
CA LEU A 317 -44.21 -12.28 -39.66
C LEU A 317 -43.75 -10.82 -39.72
N LEU A 318 -42.48 -10.59 -39.35
CA LEU A 318 -41.90 -9.25 -39.40
C LEU A 318 -42.02 -8.71 -40.82
N SER A 319 -41.75 -9.56 -41.79
CA SER A 319 -41.85 -9.18 -43.19
C SER A 319 -43.25 -8.67 -43.53
N GLU A 320 -44.26 -9.45 -43.17
CA GLU A 320 -45.66 -9.07 -43.39
C GLU A 320 -46.02 -7.74 -42.70
N LEU A 321 -45.81 -7.70 -41.40
CA LEU A 321 -46.18 -6.54 -40.60
C LEU A 321 -45.44 -5.29 -41.05
N LYS A 322 -44.28 -5.48 -41.68
CA LYS A 322 -43.53 -4.38 -42.24
C LYS A 322 -44.14 -3.97 -43.57
N SER A 323 -44.62 -4.96 -44.31
CA SER A 323 -45.28 -4.72 -45.59
C SER A 323 -46.53 -3.88 -45.42
N LYS A 324 -47.24 -4.07 -44.31
CA LYS A 324 -48.40 -3.23 -44.03
C LYS A 324 -47.98 -1.87 -43.46
N GLY A 325 -46.67 -1.65 -43.33
CA GLY A 325 -46.15 -0.40 -42.82
C GLY A 325 -46.55 -0.12 -41.39
N TRP A 326 -46.76 -1.19 -40.62
CA TRP A 326 -47.18 -1.08 -39.24
C TRP A 326 -46.00 -1.10 -38.27
N VAL A 327 -45.03 -1.98 -38.55
CA VAL A 327 -43.85 -2.10 -37.69
C VAL A 327 -42.55 -2.01 -38.49
N ASN A 328 -41.44 -1.77 -37.79
CA ASN A 328 -40.12 -1.66 -38.40
C ASN A 328 -39.19 -2.78 -37.94
N THR A 329 -39.24 -3.11 -36.65
CA THR A 329 -38.41 -4.16 -36.09
C THR A 329 -39.20 -5.04 -35.12
N LEU A 330 -38.82 -6.31 -35.07
CA LEU A 330 -39.47 -7.31 -34.24
C LEU A 330 -38.46 -8.22 -33.56
N VAL A 331 -38.68 -8.47 -32.28
CA VAL A 331 -37.96 -9.51 -31.55
C VAL A 331 -38.95 -10.53 -31.01
N GLY A 332 -38.53 -11.78 -30.91
CA GLY A 332 -39.41 -12.82 -30.42
C GLY A 332 -38.65 -14.02 -29.90
N GLY A 333 -39.16 -14.63 -28.84
CA GLY A 333 -38.52 -15.80 -28.28
C GLY A 333 -38.68 -15.88 -26.78
N GLN A 334 -37.90 -16.75 -26.14
CA GLN A 334 -37.98 -16.91 -24.70
C GLN A 334 -37.08 -15.91 -23.98
N LYS A 335 -37.62 -15.27 -22.94
CA LYS A 335 -36.80 -14.49 -22.02
C LYS A 335 -36.86 -15.15 -20.66
N GLU A 336 -35.74 -15.12 -19.94
CA GLU A 336 -35.65 -15.86 -18.70
C GLU A 336 -36.31 -15.08 -17.55
N GLY A 337 -36.89 -15.81 -16.62
CA GLY A 337 -37.45 -15.21 -15.42
C GLY A 337 -36.66 -15.63 -14.21
N ALA A 338 -36.96 -16.83 -13.71
CA ALA A 338 -36.20 -17.41 -12.61
C ALA A 338 -36.37 -18.92 -12.61
N ARG A 339 -35.87 -19.58 -11.56
CA ARG A 339 -36.01 -21.02 -11.45
C ARG A 339 -37.44 -21.35 -11.09
N GLY A 340 -38.23 -21.73 -12.09
CA GLY A 340 -39.62 -22.08 -11.89
C GLY A 340 -40.53 -21.43 -12.91
N PHE A 341 -40.06 -20.35 -13.53
CA PHE A 341 -40.87 -19.65 -14.51
C PHE A 341 -40.02 -18.88 -15.53
N MET A 342 -40.50 -18.87 -16.77
CA MET A 342 -39.91 -18.06 -17.83
C MET A 342 -41.00 -17.29 -18.56
N PHE A 343 -40.60 -16.52 -19.56
CA PHE A 343 -41.55 -15.82 -20.41
C PHE A 343 -41.26 -16.09 -21.87
N PHE A 344 -42.27 -15.87 -22.71
CA PHE A 344 -42.10 -15.87 -24.15
C PHE A 344 -42.65 -14.56 -24.69
N ILE A 345 -41.77 -13.73 -25.22
CA ILE A 345 -42.16 -12.41 -25.66
C ILE A 345 -42.11 -12.23 -27.17
N ILE A 346 -42.99 -11.36 -27.65
CA ILE A 346 -42.99 -10.87 -29.03
C ILE A 346 -43.17 -9.36 -28.99
N ASN A 347 -42.11 -8.63 -29.34
CA ASN A 347 -42.12 -7.17 -29.26
C ASN A 347 -41.80 -6.51 -30.58
N VAL A 348 -42.54 -5.48 -30.93
CA VAL A 348 -42.31 -4.75 -32.17
C VAL A 348 -42.20 -3.26 -31.90
N ASP A 349 -41.59 -2.52 -32.80
CA ASP A 349 -41.70 -1.06 -32.72
C ASP A 349 -42.80 -0.65 -33.68
N LEU A 350 -43.40 0.51 -33.46
CA LEU A 350 -44.61 0.88 -34.18
C LEU A 350 -44.45 2.13 -35.03
N THR A 351 -45.17 2.15 -36.14
CA THR A 351 -45.30 3.33 -36.96
C THR A 351 -46.51 4.13 -36.49
N GLU A 352 -46.74 5.28 -37.11
CA GLU A 352 -47.92 6.06 -36.77
C GLU A 352 -49.19 5.28 -37.15
N GLU A 353 -49.08 4.48 -38.20
CA GLU A 353 -50.19 3.68 -38.67
C GLU A 353 -50.38 2.44 -37.79
N GLY A 354 -49.27 1.78 -37.48
CA GLY A 354 -49.28 0.56 -36.69
C GLY A 354 -49.86 0.77 -35.30
N LEU A 355 -49.66 1.96 -34.77
CA LEU A 355 -50.20 2.32 -33.47
C LEU A 355 -51.73 2.26 -33.49
N LEU A 356 -52.30 2.54 -34.66
CA LEU A 356 -53.74 2.57 -34.81
C LEU A 356 -54.30 1.22 -35.20
N HIS A 357 -53.39 0.25 -35.40
CA HIS A 357 -53.79 -1.08 -35.83
C HIS A 357 -53.17 -2.17 -34.95
N VAL A 358 -52.89 -1.82 -33.71
CA VAL A 358 -52.30 -2.76 -32.74
C VAL A 358 -53.03 -4.09 -32.68
N GLU A 359 -54.36 -4.02 -32.53
CA GLU A 359 -55.19 -5.22 -32.47
C GLU A 359 -54.95 -6.10 -33.69
N ASP A 360 -54.97 -5.48 -34.87
CA ASP A 360 -54.76 -6.19 -36.12
C ASP A 360 -53.39 -6.87 -36.14
N ILE A 361 -52.37 -6.13 -35.70
CA ILE A 361 -51.00 -6.64 -35.60
C ILE A 361 -50.95 -7.92 -34.77
N ILE A 362 -51.54 -7.86 -33.58
CA ILE A 362 -51.60 -9.00 -32.69
C ILE A 362 -52.35 -10.17 -33.34
N LEU A 363 -53.43 -9.86 -34.04
CA LEU A 363 -54.20 -10.87 -34.76
C LEU A 363 -53.30 -11.59 -35.76
N HIS A 364 -52.50 -10.82 -36.49
CA HIS A 364 -51.54 -11.36 -37.43
C HIS A 364 -50.54 -12.27 -36.71
N MET A 365 -50.12 -11.85 -35.52
CA MET A 365 -49.21 -12.66 -34.71
C MET A 365 -49.83 -14.02 -34.43
N PHE A 366 -51.06 -14.02 -33.94
CA PHE A 366 -51.75 -15.27 -33.63
C PHE A 366 -52.02 -16.10 -34.88
N GLN A 367 -52.11 -15.42 -36.02
CA GLN A 367 -52.27 -16.10 -37.30
C GLN A 367 -51.00 -16.87 -37.65
N TYR A 368 -49.86 -16.22 -37.49
CA TYR A 368 -48.56 -16.85 -37.72
C TYR A 368 -48.39 -18.05 -36.79
N ILE A 369 -48.66 -17.82 -35.51
CA ILE A 369 -48.61 -18.89 -34.51
C ILE A 369 -49.48 -20.07 -34.93
N GLN A 370 -50.68 -19.76 -35.42
CA GLN A 370 -51.62 -20.78 -35.84
C GLN A 370 -51.08 -21.57 -37.03
N LYS A 371 -50.41 -20.86 -37.94
CA LYS A 371 -49.77 -21.47 -39.09
C LYS A 371 -48.72 -22.48 -38.63
N LEU A 372 -47.94 -22.06 -37.64
CA LEU A 372 -46.96 -22.96 -37.02
C LEU A 372 -47.64 -24.20 -36.47
N ARG A 373 -48.72 -23.99 -35.69
CA ARG A 373 -49.48 -25.10 -35.14
C ARG A 373 -49.97 -26.04 -36.24
N ALA A 374 -50.25 -25.47 -37.40
CA ALA A 374 -50.76 -26.23 -38.53
C ALA A 374 -49.68 -27.10 -39.16
N GLU A 375 -48.46 -26.58 -39.29
CA GLU A 375 -47.42 -27.37 -39.93
C GLU A 375 -46.57 -28.20 -38.96
N GLY A 376 -46.76 -28.00 -37.66
CA GLY A 376 -46.10 -28.80 -36.64
C GLY A 376 -44.59 -28.70 -36.61
N PRO A 377 -43.94 -29.42 -35.67
CA PRO A 377 -42.48 -29.42 -35.53
C PRO A 377 -41.78 -29.96 -36.78
N GLN A 378 -40.67 -29.34 -37.17
CA GLN A 378 -39.95 -29.79 -38.36
C GLN A 378 -38.49 -30.15 -38.04
N GLU A 379 -38.21 -31.44 -38.15
CA GLU A 379 -36.92 -31.98 -37.76
C GLU A 379 -35.78 -31.37 -38.55
N TRP A 380 -36.00 -31.11 -39.84
CA TRP A 380 -34.95 -30.51 -40.66
C TRP A 380 -34.59 -29.13 -40.12
N VAL A 381 -35.57 -28.42 -39.61
CA VAL A 381 -35.33 -27.15 -38.95
C VAL A 381 -34.46 -27.39 -37.72
N PHE A 382 -34.85 -28.37 -36.92
CA PHE A 382 -34.04 -28.70 -35.74
C PHE A 382 -32.57 -28.98 -36.09
N GLN A 383 -32.35 -29.80 -37.11
CA GLN A 383 -30.99 -30.16 -37.51
C GLN A 383 -30.25 -28.95 -38.05
N GLU A 384 -30.95 -28.04 -38.73
CA GLU A 384 -30.33 -26.81 -39.19
C GLU A 384 -29.78 -26.04 -38.00
N LEU A 385 -30.61 -25.88 -36.97
CA LEU A 385 -30.18 -25.23 -35.74
C LEU A 385 -28.98 -25.94 -35.09
N LYS A 386 -29.05 -27.27 -35.03
CA LYS A 386 -28.01 -28.07 -34.39
C LYS A 386 -26.66 -27.93 -35.10
N ASP A 387 -26.68 -27.98 -36.43
CA ASP A 387 -25.47 -27.87 -37.24
C ASP A 387 -24.88 -26.48 -37.16
N LEU A 388 -25.74 -25.47 -37.25
CA LEU A 388 -25.26 -24.09 -37.15
C LEU A 388 -24.61 -23.84 -35.80
N ASN A 389 -25.24 -24.32 -34.72
CA ASN A 389 -24.65 -24.21 -33.39
C ASN A 389 -23.34 -24.98 -33.27
N ALA A 390 -23.26 -26.12 -33.94
CA ALA A 390 -22.04 -26.94 -33.92
C ALA A 390 -20.89 -26.20 -34.58
N VAL A 391 -21.16 -25.61 -35.74
CA VAL A 391 -20.15 -24.82 -36.43
C VAL A 391 -19.73 -23.64 -35.56
N ALA A 392 -20.71 -22.92 -35.04
CA ALA A 392 -20.46 -21.78 -34.17
C ALA A 392 -19.55 -22.16 -33.00
N PHE A 393 -19.79 -23.30 -32.39
CA PHE A 393 -19.02 -23.73 -31.23
C PHE A 393 -17.61 -24.16 -31.61
N ARG A 394 -17.51 -24.96 -32.67
CA ARG A 394 -16.23 -25.48 -33.11
C ARG A 394 -15.27 -24.38 -33.58
N PHE A 395 -15.81 -23.33 -34.21
CA PHE A 395 -14.97 -22.27 -34.70
C PHE A 395 -15.22 -20.99 -33.90
N LYS A 396 -15.48 -21.16 -32.60
CA LYS A 396 -15.73 -20.04 -31.71
C LYS A 396 -14.45 -19.29 -31.38
N ASP A 397 -14.50 -17.96 -31.49
CA ASP A 397 -13.34 -17.11 -31.21
C ASP A 397 -12.90 -17.22 -29.75
N LYS A 398 -11.62 -17.00 -29.50
CA LYS A 398 -11.09 -17.05 -28.14
C LYS A 398 -11.54 -15.84 -27.34
N GLU A 399 -12.16 -16.10 -26.19
CA GLU A 399 -12.74 -15.05 -25.36
C GLU A 399 -11.69 -14.35 -24.52
N ARG A 400 -11.98 -13.10 -24.14
CA ARG A 400 -11.19 -12.42 -23.12
C ARG A 400 -11.41 -13.14 -21.80
N PRO A 401 -10.32 -13.37 -21.06
CA PRO A 401 -10.33 -14.18 -19.83
C PRO A 401 -11.35 -13.73 -18.79
N ARG A 402 -11.56 -12.41 -18.67
CA ARG A 402 -12.48 -11.86 -17.68
C ARG A 402 -13.92 -12.29 -17.94
N GLY A 403 -14.45 -11.89 -19.09
CA GLY A 403 -15.79 -12.27 -19.48
C GLY A 403 -15.96 -13.77 -19.59
N TYR A 404 -14.88 -14.46 -19.94
CA TYR A 404 -14.92 -15.91 -20.06
C TYR A 404 -15.15 -16.57 -18.70
N THR A 405 -14.27 -16.27 -17.74
CA THR A 405 -14.40 -16.82 -16.39
C THR A 405 -15.73 -16.43 -15.76
N SER A 406 -16.16 -15.19 -16.00
CA SER A 406 -17.44 -14.72 -15.47
C SER A 406 -18.60 -15.57 -16.01
N LYS A 407 -18.66 -15.67 -17.34
CA LYS A 407 -19.71 -16.44 -18.01
C LYS A 407 -19.74 -17.89 -17.53
N ILE A 408 -18.58 -18.54 -17.53
CA ILE A 408 -18.50 -19.95 -17.12
C ILE A 408 -18.90 -20.14 -15.65
N ALA A 409 -18.44 -19.25 -14.77
CA ALA A 409 -18.81 -19.30 -13.36
C ALA A 409 -20.32 -19.16 -13.22
N GLY A 410 -20.92 -18.37 -14.10
CA GLY A 410 -22.35 -18.25 -14.16
C GLY A 410 -23.02 -19.57 -14.51
N ILE A 411 -22.60 -20.18 -15.62
CA ILE A 411 -23.30 -21.37 -16.13
C ILE A 411 -22.82 -22.68 -15.50
N LEU A 412 -22.08 -22.59 -14.40
CA LEU A 412 -21.62 -23.78 -13.71
C LEU A 412 -22.72 -24.32 -12.80
N HIS A 413 -23.68 -23.46 -12.48
CA HIS A 413 -24.77 -23.81 -11.58
C HIS A 413 -25.86 -24.62 -12.27
N TYR A 414 -25.86 -24.58 -13.60
CA TYR A 414 -26.95 -25.16 -14.38
C TYR A 414 -26.56 -26.43 -15.12
N TYR A 415 -25.26 -26.64 -15.33
CA TYR A 415 -24.80 -27.72 -16.18
C TYR A 415 -23.71 -28.57 -15.54
N PRO A 416 -23.68 -29.86 -15.90
CA PRO A 416 -22.61 -30.78 -15.50
C PRO A 416 -21.25 -30.27 -15.96
N LEU A 417 -20.21 -30.55 -15.18
CA LEU A 417 -18.86 -30.05 -15.43
C LEU A 417 -18.42 -30.27 -16.88
N GLU A 418 -18.33 -31.52 -17.29
CA GLU A 418 -17.89 -31.87 -18.65
C GLU A 418 -18.69 -31.18 -19.76
N GLU A 419 -19.85 -30.62 -19.42
CA GLU A 419 -20.73 -30.01 -20.43
C GLU A 419 -20.79 -28.49 -20.37
N VAL A 420 -20.10 -27.89 -19.38
CA VAL A 420 -20.24 -26.45 -19.14
C VAL A 420 -19.85 -25.60 -20.35
N LEU A 421 -19.01 -26.14 -21.22
CA LEU A 421 -18.59 -25.42 -22.41
C LEU A 421 -19.58 -25.61 -23.55
N THR A 422 -20.06 -26.83 -23.72
CA THR A 422 -20.90 -27.18 -24.86
C THR A 422 -22.38 -26.96 -24.61
N ALA A 423 -22.76 -26.83 -23.35
CA ALA A 423 -24.16 -26.86 -22.94
C ALA A 423 -25.05 -25.84 -23.67
N GLU A 424 -24.53 -24.63 -23.85
CA GLU A 424 -25.34 -23.57 -24.45
C GLU A 424 -25.26 -23.57 -25.97
N TYR A 425 -24.38 -24.40 -26.50
CA TYR A 425 -24.24 -24.50 -27.95
C TYR A 425 -24.78 -25.74 -28.67
N LEU A 426 -24.55 -26.91 -28.08
CA LEU A 426 -24.79 -28.17 -28.79
C LEU A 426 -26.20 -28.66 -28.49
N LEU A 427 -26.88 -29.12 -29.53
CA LEU A 427 -28.23 -29.69 -29.42
C LEU A 427 -28.19 -31.17 -29.76
N GLU A 428 -28.89 -32.00 -28.98
CA GLU A 428 -28.84 -33.44 -29.16
C GLU A 428 -30.18 -34.09 -29.39
N GLU A 429 -31.22 -33.59 -28.73
CA GLU A 429 -32.53 -34.22 -28.77
C GLU A 429 -33.53 -33.45 -29.62
N PHE A 430 -34.35 -34.18 -30.37
CA PHE A 430 -35.46 -33.59 -31.12
C PHE A 430 -36.78 -33.88 -30.43
N ARG A 431 -37.42 -32.84 -29.89
CA ARG A 431 -38.63 -33.00 -29.08
C ARG A 431 -39.85 -32.28 -29.64
N PRO A 432 -40.53 -32.92 -30.60
CA PRO A 432 -41.75 -32.38 -31.19
C PRO A 432 -42.80 -32.12 -30.11
N ASP A 433 -42.83 -32.97 -29.09
CA ASP A 433 -43.77 -32.84 -27.99
C ASP A 433 -43.55 -31.55 -27.18
N LEU A 434 -42.30 -31.27 -26.86
CA LEU A 434 -41.96 -30.07 -26.10
C LEU A 434 -42.25 -28.84 -26.94
N ILE A 435 -41.87 -28.90 -28.21
CA ILE A 435 -42.16 -27.82 -29.14
C ILE A 435 -43.67 -27.52 -29.17
N GLU A 436 -44.47 -28.57 -29.35
CA GLU A 436 -45.92 -28.43 -29.43
C GLU A 436 -46.53 -27.98 -28.12
N MET A 437 -45.87 -28.30 -27.02
CA MET A 437 -46.35 -27.93 -25.68
C MET A 437 -46.19 -26.43 -25.43
N VAL A 438 -44.98 -25.93 -25.66
CA VAL A 438 -44.74 -24.49 -25.57
C VAL A 438 -45.66 -23.73 -26.52
N LEU A 439 -45.69 -24.23 -27.76
CA LEU A 439 -46.55 -23.67 -28.78
C LEU A 439 -47.99 -23.61 -28.31
N ASP A 440 -48.42 -24.62 -27.55
CA ASP A 440 -49.77 -24.61 -26.98
C ASP A 440 -49.90 -23.57 -25.88
N LYS A 441 -48.80 -23.29 -25.18
CA LYS A 441 -48.83 -22.24 -24.16
C LYS A 441 -48.93 -20.85 -24.76
N LEU A 442 -48.63 -20.72 -26.04
CA LEU A 442 -48.80 -19.41 -26.69
C LEU A 442 -50.23 -19.12 -27.20
N ARG A 443 -51.13 -18.71 -26.30
CA ARG A 443 -52.54 -18.50 -26.67
C ARG A 443 -53.15 -17.24 -26.03
N PRO A 444 -54.11 -16.60 -26.73
CA PRO A 444 -54.73 -15.34 -26.29
C PRO A 444 -55.27 -15.36 -24.85
N GLU A 445 -55.67 -16.52 -24.37
CA GLU A 445 -56.25 -16.64 -23.03
C GLU A 445 -55.23 -16.36 -21.92
N ASN A 446 -53.94 -16.37 -22.25
CA ASN A 446 -52.93 -16.02 -21.25
C ASN A 446 -51.89 -15.06 -21.81
N VAL A 447 -52.37 -13.98 -22.43
CA VAL A 447 -51.49 -13.01 -23.05
C VAL A 447 -51.46 -11.71 -22.26
N ARG A 448 -50.34 -10.99 -22.32
CA ARG A 448 -50.22 -9.67 -21.74
C ARG A 448 -49.81 -8.69 -22.83
N VAL A 449 -50.50 -7.56 -22.92
CA VAL A 449 -50.24 -6.59 -23.96
C VAL A 449 -49.86 -5.23 -23.37
N ALA A 450 -48.75 -4.67 -23.84
CA ALA A 450 -48.30 -3.37 -23.38
C ALA A 450 -48.06 -2.43 -24.56
N ILE A 451 -48.61 -1.22 -24.47
CA ILE A 451 -48.36 -0.19 -25.47
C ILE A 451 -47.55 0.93 -24.86
N VAL A 452 -46.46 1.31 -25.52
CA VAL A 452 -45.67 2.44 -25.06
C VAL A 452 -45.74 3.55 -26.10
N SER A 453 -46.39 4.66 -25.76
CA SER A 453 -46.51 5.79 -26.68
C SER A 453 -46.80 7.08 -25.92
N LYS A 454 -46.33 8.20 -26.46
CA LYS A 454 -46.57 9.51 -25.86
C LYS A 454 -48.04 9.92 -25.96
N SER A 455 -48.78 9.20 -26.79
CA SER A 455 -50.20 9.47 -27.00
C SER A 455 -51.07 9.12 -25.78
N PHE A 456 -50.43 8.67 -24.71
CA PHE A 456 -51.11 8.33 -23.47
C PHE A 456 -50.88 9.39 -22.40
N GLU A 457 -50.18 10.46 -22.78
CA GLU A 457 -49.82 11.49 -21.83
C GLU A 457 -51.06 12.23 -21.32
N GLY A 458 -51.25 12.19 -20.01
CA GLY A 458 -52.38 12.84 -19.37
C GLY A 458 -53.56 11.92 -19.17
N LYS A 459 -53.58 10.81 -19.92
CA LYS A 459 -54.71 9.90 -19.89
C LYS A 459 -54.44 8.63 -19.07
N THR A 460 -53.35 8.65 -18.30
CA THR A 460 -53.04 7.53 -17.42
C THR A 460 -53.57 7.82 -16.01
N ASP A 461 -53.82 6.75 -15.25
CA ASP A 461 -54.39 6.90 -13.91
C ASP A 461 -53.49 6.30 -12.84
N ARG A 462 -52.41 5.67 -13.25
CA ARG A 462 -51.50 4.98 -12.32
C ARG A 462 -50.05 5.41 -12.44
N THR A 463 -49.32 5.22 -11.35
CA THR A 463 -47.92 5.63 -11.25
C THR A 463 -47.10 4.55 -10.56
N GLU A 464 -46.05 4.06 -11.22
CA GLU A 464 -45.16 3.07 -10.61
C GLU A 464 -44.33 3.73 -9.51
N GLU A 465 -44.17 3.03 -8.39
CA GLU A 465 -43.55 3.60 -7.19
C GLU A 465 -42.09 4.01 -7.36
N TRP A 466 -41.29 3.16 -7.99
CA TRP A 466 -39.83 3.33 -7.98
C TRP A 466 -39.29 4.25 -9.08
N TYR A 467 -39.94 4.24 -10.24
CA TYR A 467 -39.45 5.03 -11.37
C TYR A 467 -40.39 6.17 -11.70
N GLY A 468 -41.61 6.11 -11.18
CA GLY A 468 -42.61 7.14 -11.42
C GLY A 468 -43.26 6.99 -12.78
N THR A 469 -43.34 5.76 -13.27
CA THR A 469 -43.87 5.50 -14.59
C THR A 469 -45.37 5.76 -14.68
N GLN A 470 -45.78 6.55 -15.67
CA GLN A 470 -47.18 6.87 -15.90
C GLN A 470 -47.86 5.82 -16.76
N TYR A 471 -48.81 5.08 -16.20
CA TYR A 471 -49.47 4.04 -16.98
C TYR A 471 -50.93 3.82 -16.61
N LYS A 472 -51.64 3.07 -17.46
CA LYS A 472 -53.04 2.76 -17.26
C LYS A 472 -53.28 1.28 -17.53
N GLN A 473 -53.92 0.61 -16.57
CA GLN A 473 -54.20 -0.81 -16.70
C GLN A 473 -55.65 -1.03 -17.11
N GLU A 474 -55.86 -1.97 -18.02
CA GLU A 474 -57.19 -2.31 -18.53
C GLU A 474 -57.36 -3.81 -18.67
N ALA A 475 -58.62 -4.26 -18.69
CA ALA A 475 -58.90 -5.64 -19.03
C ALA A 475 -59.20 -5.74 -20.53
N ILE A 476 -58.62 -6.72 -21.20
CA ILE A 476 -58.85 -6.88 -22.63
C ILE A 476 -60.20 -7.54 -22.87
N PRO A 477 -61.07 -6.87 -23.64
CA PRO A 477 -62.42 -7.36 -23.94
C PRO A 477 -62.49 -8.80 -24.47
N ASP A 478 -63.35 -9.58 -23.82
CA ASP A 478 -63.58 -10.99 -24.13
C ASP A 478 -63.79 -11.20 -25.63
N GLU A 479 -64.57 -10.32 -26.23
CA GLU A 479 -64.78 -10.31 -27.66
C GLU A 479 -63.46 -10.33 -28.43
N VAL A 480 -62.59 -9.39 -28.11
CA VAL A 480 -61.27 -9.32 -28.74
C VAL A 480 -60.47 -10.61 -28.54
N ILE A 481 -60.43 -11.09 -27.29
CA ILE A 481 -59.77 -12.36 -26.99
C ILE A 481 -60.26 -13.45 -27.94
N LYS A 482 -61.57 -13.46 -28.20
CA LYS A 482 -62.15 -14.46 -29.09
C LYS A 482 -61.82 -14.24 -30.56
N LYS A 483 -61.78 -12.99 -31.03
CA LYS A 483 -61.31 -12.76 -32.40
C LYS A 483 -59.91 -13.30 -32.57
N TRP A 484 -59.12 -13.21 -31.50
CA TRP A 484 -57.75 -13.71 -31.54
C TRP A 484 -57.68 -15.23 -31.43
N GLN A 485 -58.64 -15.84 -30.74
CA GLN A 485 -58.67 -17.29 -30.65
C GLN A 485 -59.10 -17.90 -31.99
N ASN A 486 -60.06 -17.26 -32.65
CA ASN A 486 -60.56 -17.72 -33.95
C ASN A 486 -59.60 -17.31 -35.08
N ALA A 487 -58.36 -17.01 -34.70
CA ALA A 487 -57.35 -16.59 -35.67
C ALA A 487 -57.19 -17.68 -36.72
N ASP A 488 -57.52 -17.31 -37.95
CA ASP A 488 -57.27 -18.14 -39.11
C ASP A 488 -55.77 -18.36 -39.28
N LEU A 489 -55.37 -19.40 -40.01
CA LEU A 489 -54.00 -19.46 -40.48
C LEU A 489 -53.98 -18.63 -41.76
N ASN A 490 -52.81 -18.38 -42.33
CA ASN A 490 -52.74 -17.27 -43.26
C ASN A 490 -51.82 -17.47 -44.46
N GLY A 491 -52.20 -16.87 -45.59
CA GLY A 491 -51.45 -17.01 -46.83
C GLY A 491 -50.41 -15.92 -47.05
N LYS A 492 -50.32 -14.98 -46.14
CA LYS A 492 -49.27 -13.96 -46.20
C LYS A 492 -47.98 -14.50 -45.56
N PHE A 493 -48.04 -15.72 -45.05
CA PHE A 493 -46.92 -16.29 -44.33
C PHE A 493 -46.41 -17.57 -44.98
N LYS A 494 -45.09 -17.63 -45.22
CA LYS A 494 -44.46 -18.87 -45.63
C LYS A 494 -43.28 -19.17 -44.71
N LEU A 495 -43.28 -20.36 -44.11
CA LEU A 495 -42.19 -20.75 -43.21
C LEU A 495 -40.86 -20.69 -43.95
N PRO A 496 -39.80 -20.32 -43.22
CA PRO A 496 -38.46 -20.21 -43.83
C PRO A 496 -38.00 -21.51 -44.46
N THR A 497 -37.31 -21.39 -45.59
CA THR A 497 -36.77 -22.54 -46.30
C THR A 497 -35.33 -22.80 -45.89
N LYS A 498 -34.66 -23.69 -46.61
CA LYS A 498 -33.28 -24.03 -46.32
C LYS A 498 -32.38 -22.79 -46.45
N ASN A 499 -31.57 -22.54 -45.42
CA ASN A 499 -30.67 -21.40 -45.41
C ASN A 499 -29.50 -21.62 -46.34
N GLU A 500 -29.45 -20.82 -47.41
CA GLU A 500 -28.45 -20.97 -48.45
C GLU A 500 -27.06 -20.54 -48.01
N PHE A 501 -26.98 -19.72 -46.97
CA PHE A 501 -25.70 -19.15 -46.57
C PHE A 501 -24.92 -20.01 -45.57
N ILE A 502 -25.41 -21.22 -45.31
CA ILE A 502 -24.66 -22.17 -44.49
C ILE A 502 -23.30 -22.42 -45.13
N PRO A 503 -22.23 -22.20 -44.37
CA PRO A 503 -20.87 -22.43 -44.87
C PRO A 503 -20.59 -23.92 -45.04
N THR A 504 -19.82 -24.27 -46.07
CA THR A 504 -19.45 -25.66 -46.30
C THR A 504 -17.93 -25.78 -46.37
N ASN A 505 -17.27 -24.70 -46.79
CA ASN A 505 -15.82 -24.66 -46.92
C ASN A 505 -15.17 -24.05 -45.69
N PHE A 506 -14.56 -24.88 -44.86
CA PHE A 506 -13.86 -24.39 -43.67
C PHE A 506 -12.35 -24.60 -43.80
N GLU A 507 -11.89 -24.76 -45.04
CA GLU A 507 -10.48 -24.98 -45.30
C GLU A 507 -9.67 -23.73 -45.00
N ILE A 508 -8.69 -23.86 -44.10
CA ILE A 508 -7.80 -22.76 -43.80
C ILE A 508 -6.67 -22.73 -44.83
N LEU A 509 -6.65 -21.69 -45.65
CA LEU A 509 -5.69 -21.57 -46.75
C LEU A 509 -4.25 -21.52 -46.23
N PRO A 510 -3.32 -22.14 -46.98
CA PRO A 510 -1.90 -22.19 -46.60
C PRO A 510 -1.27 -20.80 -46.52
N LEU A 511 -0.33 -20.63 -45.59
CA LEU A 511 0.32 -19.34 -45.41
C LEU A 511 1.31 -19.07 -46.53
N GLU A 512 1.12 -17.95 -47.22
CA GLU A 512 1.95 -17.61 -48.38
C GLU A 512 3.41 -17.38 -48.00
N LYS A 513 4.28 -17.43 -49.01
CA LYS A 513 5.72 -17.27 -48.81
C LYS A 513 6.09 -15.82 -48.48
N GLU A 514 5.37 -14.87 -49.07
CA GLU A 514 5.65 -13.46 -48.84
C GLU A 514 4.63 -12.84 -47.88
N ALA A 515 4.10 -13.65 -46.97
CA ALA A 515 3.13 -13.17 -45.99
C ALA A 515 3.82 -12.29 -44.95
N THR A 516 3.15 -11.20 -44.59
CA THR A 516 3.72 -10.22 -43.67
C THR A 516 3.05 -10.30 -42.28
N PRO A 517 3.82 -9.98 -41.23
CA PRO A 517 3.26 -9.93 -39.87
C PRO A 517 2.33 -8.73 -39.66
N TYR A 518 2.50 -7.70 -40.48
CA TYR A 518 1.64 -6.52 -40.45
C TYR A 518 0.92 -6.37 -41.79
N PRO A 519 -0.20 -5.63 -41.80
CA PRO A 519 -0.90 -5.40 -43.07
C PRO A 519 0.00 -4.73 -44.10
N ALA A 520 0.13 -5.35 -45.28
CA ALA A 520 0.92 -4.77 -46.34
C ALA A 520 0.04 -3.93 -47.25
N LEU A 521 0.61 -2.86 -47.80
CA LEU A 521 -0.09 -2.05 -48.78
C LEU A 521 0.06 -2.68 -50.15
N ILE A 522 -0.99 -3.35 -50.63
CA ILE A 522 -0.88 -4.11 -51.86
C ILE A 522 -1.62 -3.47 -53.03
N LYS A 523 -2.13 -2.26 -52.82
CA LYS A 523 -2.73 -1.50 -53.91
C LYS A 523 -2.82 -0.02 -53.55
N ASP A 524 -2.38 0.83 -54.48
CA ASP A 524 -2.39 2.26 -54.27
C ASP A 524 -2.76 3.01 -55.54
N THR A 525 -4.02 2.86 -55.96
CA THR A 525 -4.52 3.60 -57.11
C THR A 525 -5.32 4.81 -56.63
N ALA A 526 -5.67 5.69 -57.55
CA ALA A 526 -6.45 6.88 -57.22
C ALA A 526 -7.84 6.48 -56.75
N MET A 527 -8.30 5.33 -57.24
CA MET A 527 -9.62 4.82 -56.92
C MET A 527 -9.64 4.16 -55.54
N SER A 528 -8.56 3.47 -55.19
CA SER A 528 -8.54 2.72 -53.95
C SER A 528 -7.14 2.46 -53.39
N LYS A 529 -7.07 2.36 -52.06
CA LYS A 529 -5.86 1.98 -51.35
C LYS A 529 -6.19 0.73 -50.52
N LEU A 530 -5.51 -0.37 -50.83
CA LEU A 530 -5.84 -1.66 -50.24
C LEU A 530 -4.77 -2.22 -49.32
N TRP A 531 -5.13 -2.37 -48.04
CA TRP A 531 -4.28 -3.01 -47.04
C TRP A 531 -4.72 -4.45 -46.82
N PHE A 532 -3.76 -5.38 -46.77
CA PHE A 532 -4.13 -6.79 -46.66
C PHE A 532 -3.24 -7.56 -45.69
N LYS A 533 -3.85 -8.50 -44.97
CA LYS A 533 -3.07 -9.48 -44.22
C LYS A 533 -3.76 -10.83 -44.09
N GLN A 534 -3.06 -11.87 -44.52
CA GLN A 534 -3.48 -13.23 -44.26
C GLN A 534 -3.24 -13.54 -42.78
N ASP A 535 -4.28 -14.06 -42.12
CA ASP A 535 -4.17 -14.39 -40.70
C ASP A 535 -3.05 -15.40 -40.45
N ASP A 536 -2.21 -15.10 -39.47
CA ASP A 536 -1.09 -15.95 -39.14
C ASP A 536 -1.25 -16.56 -37.74
N LYS A 537 -2.19 -16.03 -36.96
CA LYS A 537 -2.34 -16.47 -35.58
C LYS A 537 -3.52 -17.36 -35.19
N PHE A 538 -4.68 -17.09 -35.76
CA PHE A 538 -5.92 -17.70 -35.28
C PHE A 538 -6.37 -18.93 -36.07
N PHE A 539 -6.15 -18.89 -37.39
CA PHE A 539 -6.43 -20.03 -38.27
C PHE A 539 -7.86 -20.56 -38.17
N LEU A 540 -8.82 -19.63 -38.16
CA LEU A 540 -10.22 -19.96 -38.28
C LEU A 540 -10.63 -19.89 -39.75
N PRO A 541 -11.89 -20.21 -40.06
CA PRO A 541 -12.28 -20.10 -41.46
C PRO A 541 -13.05 -18.81 -41.63
N LYS A 542 -12.61 -17.74 -40.96
CA LYS A 542 -13.33 -16.47 -41.00
C LYS A 542 -12.52 -15.38 -41.67
N ALA A 543 -13.16 -14.24 -41.87
CA ALA A 543 -12.51 -13.08 -42.47
C ALA A 543 -13.22 -11.78 -42.10
N ASN A 544 -12.43 -10.70 -42.12
CA ASN A 544 -12.93 -9.35 -41.90
C ASN A 544 -12.57 -8.45 -43.08
N LEU A 545 -13.59 -7.84 -43.66
CA LEU A 545 -13.44 -6.98 -44.84
C LEU A 545 -13.90 -5.56 -44.54
N ASN A 546 -12.95 -4.67 -44.28
CA ASN A 546 -13.28 -3.29 -43.93
C ASN A 546 -13.13 -2.35 -45.13
N PHE A 547 -14.07 -1.42 -45.27
CA PHE A 547 -14.09 -0.46 -46.37
C PHE A 547 -14.49 0.93 -45.91
N GLU A 548 -13.62 1.90 -46.17
CA GLU A 548 -13.92 3.30 -45.92
C GLU A 548 -14.09 4.03 -47.26
N PHE A 549 -15.32 4.47 -47.53
CA PHE A 549 -15.63 5.23 -48.74
C PHE A 549 -15.55 6.73 -48.46
N PHE A 550 -14.64 7.42 -49.15
CA PHE A 550 -14.46 8.85 -49.00
C PHE A 550 -15.20 9.63 -50.08
N SER A 551 -16.09 10.52 -49.64
CA SER A 551 -16.85 11.42 -50.49
C SER A 551 -17.27 12.69 -49.74
N PRO A 552 -16.78 13.84 -50.21
CA PRO A 552 -17.00 15.15 -49.56
C PRO A 552 -18.49 15.46 -49.38
N PHE A 553 -19.32 14.90 -50.25
CA PHE A 553 -20.75 15.15 -50.24
C PHE A 553 -21.50 14.45 -49.11
N ALA A 554 -20.78 13.67 -48.30
CA ALA A 554 -21.42 13.00 -47.16
C ALA A 554 -21.72 13.99 -46.03
N TYR A 555 -20.81 14.92 -45.81
CA TYR A 555 -20.91 15.82 -44.67
C TYR A 555 -20.71 17.29 -45.06
N VAL A 556 -20.96 17.61 -46.33
CA VAL A 556 -20.77 18.97 -46.83
C VAL A 556 -21.71 19.96 -46.13
N ASP A 557 -22.91 19.49 -45.80
CA ASP A 557 -23.89 20.32 -45.12
C ASP A 557 -24.93 19.42 -44.43
N PRO A 558 -25.68 19.96 -43.45
CA PRO A 558 -26.67 19.17 -42.71
C PRO A 558 -27.63 18.40 -43.59
N LEU A 559 -28.08 19.02 -44.68
CA LEU A 559 -28.96 18.37 -45.63
C LEU A 559 -28.35 17.08 -46.17
N HIS A 560 -27.14 17.17 -46.70
CA HIS A 560 -26.48 16.01 -47.28
C HIS A 560 -26.14 14.97 -46.23
N SER A 561 -25.87 15.43 -45.01
CA SER A 561 -25.62 14.49 -43.92
C SER A 561 -26.88 13.65 -43.69
N ASN A 562 -28.01 14.33 -43.52
CA ASN A 562 -29.30 13.68 -43.36
C ASN A 562 -29.58 12.69 -44.49
N MET A 563 -29.29 13.13 -45.71
CA MET A 563 -29.57 12.31 -46.88
C MET A 563 -28.68 11.08 -46.93
N ALA A 564 -27.44 11.22 -46.45
CA ALA A 564 -26.53 10.09 -46.38
C ALA A 564 -27.08 9.05 -45.40
N TYR A 565 -27.44 9.53 -44.21
CA TYR A 565 -28.02 8.65 -43.20
C TYR A 565 -29.24 7.91 -43.73
N LEU A 566 -30.18 8.65 -44.30
CA LEU A 566 -31.42 8.07 -44.80
C LEU A 566 -31.17 7.09 -45.95
N TYR A 567 -30.21 7.42 -46.81
CA TYR A 567 -29.82 6.55 -47.89
C TYR A 567 -29.36 5.19 -47.37
N LEU A 568 -28.41 5.20 -46.44
CA LEU A 568 -27.89 3.95 -45.93
C LEU A 568 -28.94 3.19 -45.10
N GLU A 569 -29.80 3.91 -44.40
CA GLU A 569 -30.86 3.28 -43.62
C GLU A 569 -31.87 2.58 -44.50
N LEU A 570 -32.27 3.24 -45.58
CA LEU A 570 -33.17 2.65 -46.57
C LEU A 570 -32.54 1.43 -47.23
N LEU A 571 -31.24 1.54 -47.53
CA LEU A 571 -30.47 0.45 -48.10
C LEU A 571 -30.51 -0.79 -47.20
N LYS A 572 -30.08 -0.60 -45.96
CA LYS A 572 -30.04 -1.66 -44.97
C LYS A 572 -31.42 -2.27 -44.77
N ASP A 573 -32.43 -1.40 -44.73
CA ASP A 573 -33.81 -1.85 -44.60
C ASP A 573 -34.21 -2.78 -45.73
N SER A 574 -33.93 -2.37 -46.97
CA SER A 574 -34.34 -3.15 -48.12
C SER A 574 -33.58 -4.48 -48.17
N LEU A 575 -32.34 -4.49 -47.70
CA LEU A 575 -31.56 -5.71 -47.77
C LEU A 575 -31.60 -6.55 -46.48
N ASN A 576 -32.40 -6.15 -45.51
CA ASN A 576 -32.52 -6.90 -44.26
C ASN A 576 -33.06 -8.31 -44.48
N GLU A 577 -34.15 -8.41 -45.23
CA GLU A 577 -34.82 -9.68 -45.48
C GLU A 577 -33.87 -10.73 -46.06
N TYR A 578 -32.96 -10.27 -46.90
CA TYR A 578 -31.99 -11.14 -47.56
C TYR A 578 -30.80 -11.43 -46.67
N ALA A 579 -30.29 -10.39 -46.03
CA ALA A 579 -29.09 -10.50 -45.20
C ALA A 579 -29.31 -11.36 -43.96
N TYR A 580 -30.55 -11.44 -43.50
CA TYR A 580 -30.86 -12.16 -42.25
C TYR A 580 -30.41 -13.62 -42.29
N ALA A 581 -30.59 -14.27 -43.44
CA ALA A 581 -30.15 -15.64 -43.61
C ALA A 581 -28.65 -15.78 -43.34
N ALA A 582 -27.87 -14.94 -44.00
CA ALA A 582 -26.43 -14.90 -43.81
C ALA A 582 -26.08 -14.61 -42.36
N GLU A 583 -26.79 -13.66 -41.76
CA GLU A 583 -26.59 -13.32 -40.35
C GLU A 583 -26.70 -14.56 -39.48
N LEU A 584 -27.77 -15.31 -39.68
CA LEU A 584 -27.95 -16.58 -38.98
C LEU A 584 -26.80 -17.55 -39.30
N ALA A 585 -26.28 -17.47 -40.52
CA ALA A 585 -25.22 -18.38 -40.96
C ALA A 585 -23.83 -17.84 -40.64
N GLY A 586 -23.72 -17.02 -39.60
CA GLY A 586 -22.43 -16.54 -39.13
C GLY A 586 -21.74 -15.53 -40.02
N LEU A 587 -22.52 -14.80 -40.83
CA LEU A 587 -21.98 -13.81 -41.73
C LEU A 587 -22.76 -12.50 -41.64
N SER A 588 -22.14 -11.46 -41.09
CA SER A 588 -22.87 -10.22 -40.84
C SER A 588 -22.18 -8.99 -41.43
N TYR A 589 -22.95 -7.94 -41.66
CA TYR A 589 -22.40 -6.71 -42.23
C TYR A 589 -22.81 -5.46 -41.47
N ASP A 590 -21.85 -4.55 -41.39
CA ASP A 590 -21.99 -3.28 -40.70
C ASP A 590 -21.92 -2.15 -41.72
N LEU A 591 -22.96 -1.33 -41.82
CA LEU A 591 -22.97 -0.28 -42.83
C LEU A 591 -23.56 1.02 -42.29
N GLN A 592 -22.76 2.08 -42.29
CA GLN A 592 -23.22 3.35 -41.73
C GLN A 592 -22.39 4.52 -42.21
N ASN A 593 -23.00 5.70 -42.21
CA ASN A 593 -22.32 6.90 -42.70
C ASN A 593 -21.43 7.54 -41.65
N THR A 594 -20.49 8.36 -42.10
CA THR A 594 -19.51 9.01 -41.26
C THR A 594 -19.18 10.39 -41.81
N ILE A 595 -18.51 11.20 -41.00
CA ILE A 595 -18.14 12.56 -41.38
C ILE A 595 -17.32 12.63 -42.66
N TYR A 596 -16.75 11.50 -43.06
CA TYR A 596 -15.86 11.46 -44.20
C TYR A 596 -16.47 10.72 -45.39
N GLY A 597 -17.67 10.18 -45.19
CA GLY A 597 -18.27 9.31 -46.20
C GLY A 597 -18.73 8.02 -45.57
N MET A 598 -18.94 6.99 -46.39
CA MET A 598 -19.54 5.76 -45.89
C MET A 598 -18.55 4.78 -45.26
N TYR A 599 -19.07 3.87 -44.43
CA TYR A 599 -18.29 2.80 -43.83
C TYR A 599 -19.02 1.46 -43.96
N LEU A 600 -18.29 0.45 -44.41
CA LEU A 600 -18.87 -0.87 -44.63
C LEU A 600 -17.90 -1.98 -44.23
N SER A 601 -18.29 -2.78 -43.25
CA SER A 601 -17.49 -3.92 -42.83
C SER A 601 -18.27 -5.22 -43.03
N VAL A 602 -17.59 -6.26 -43.46
CA VAL A 602 -18.22 -7.57 -43.61
C VAL A 602 -17.42 -8.60 -42.83
N LYS A 603 -18.05 -9.20 -41.83
CA LYS A 603 -17.32 -10.09 -40.94
C LYS A 603 -17.97 -11.48 -40.84
N GLY A 604 -17.14 -12.51 -40.78
CA GLY A 604 -17.65 -13.86 -40.58
C GLY A 604 -17.02 -14.89 -41.49
N TYR A 605 -17.62 -16.07 -41.56
CA TYR A 605 -17.09 -17.17 -42.38
C TYR A 605 -16.89 -16.72 -43.84
N ASN A 606 -15.68 -16.92 -44.34
CA ASN A 606 -15.29 -16.38 -45.64
C ASN A 606 -15.88 -17.12 -46.83
N ASP A 607 -16.62 -18.19 -46.58
CA ASP A 607 -17.17 -19.01 -47.64
C ASP A 607 -18.10 -18.22 -48.56
N LYS A 608 -19.18 -17.66 -48.00
CA LYS A 608 -20.18 -16.99 -48.82
C LYS A 608 -20.05 -15.45 -48.80
N GLN A 609 -18.94 -15.00 -48.22
CA GLN A 609 -18.66 -13.57 -48.09
C GLN A 609 -18.69 -12.80 -49.42
N PRO A 610 -17.97 -13.29 -50.45
CA PRO A 610 -18.03 -12.50 -51.70
C PRO A 610 -19.43 -12.39 -52.26
N ILE A 611 -20.26 -13.41 -52.05
CA ILE A 611 -21.66 -13.35 -52.45
C ILE A 611 -22.36 -12.20 -51.74
N LEU A 612 -22.30 -12.21 -50.41
CA LEU A 612 -22.97 -11.16 -49.65
C LEU A 612 -22.47 -9.77 -50.04
N LEU A 613 -21.17 -9.61 -50.14
CA LEU A 613 -20.55 -8.33 -50.47
C LEU A 613 -20.98 -7.83 -51.85
N LYS A 614 -20.92 -8.71 -52.85
CA LYS A 614 -21.36 -8.34 -54.19
C LYS A 614 -22.81 -7.86 -54.16
N LYS A 615 -23.65 -8.56 -53.41
CA LYS A 615 -25.04 -8.15 -53.30
C LYS A 615 -25.17 -6.76 -52.67
N ILE A 616 -24.39 -6.53 -51.61
CA ILE A 616 -24.33 -5.23 -50.95
C ILE A 616 -24.00 -4.10 -51.93
N ILE A 617 -22.90 -4.23 -52.66
CA ILE A 617 -22.43 -3.16 -53.54
C ILE A 617 -23.34 -2.98 -54.76
N GLU A 618 -23.77 -4.09 -55.33
CA GLU A 618 -24.68 -4.07 -56.48
C GLU A 618 -25.95 -3.29 -56.12
N LYS A 619 -26.59 -3.68 -55.03
CA LYS A 619 -27.79 -3.00 -54.58
C LYS A 619 -27.49 -1.54 -54.22
N MET A 620 -26.33 -1.31 -53.63
CA MET A 620 -25.89 0.04 -53.25
C MET A 620 -25.82 0.97 -54.46
N ALA A 621 -25.40 0.43 -55.59
CA ALA A 621 -25.22 1.24 -56.80
C ALA A 621 -26.47 1.30 -57.67
N THR A 622 -27.37 0.35 -57.50
CA THR A 622 -28.61 0.37 -58.27
C THR A 622 -29.84 0.49 -57.37
N PHE A 623 -29.75 1.37 -56.38
CA PHE A 623 -30.80 1.46 -55.37
C PHE A 623 -32.02 2.23 -55.87
N GLU A 624 -33.18 1.59 -55.79
CA GLU A 624 -34.43 2.26 -56.11
C GLU A 624 -35.28 2.43 -54.85
N ILE A 625 -35.47 3.69 -54.46
CA ILE A 625 -36.09 4.01 -53.19
C ILE A 625 -37.59 3.76 -53.18
N ASP A 626 -38.08 3.24 -52.06
CA ASP A 626 -39.49 2.97 -51.84
C ASP A 626 -40.06 4.03 -50.90
N GLU A 627 -41.17 4.66 -51.31
CA GLU A 627 -41.63 5.87 -50.64
C GLU A 627 -42.21 5.65 -49.24
N LYS A 628 -43.03 4.60 -49.08
CA LYS A 628 -43.53 4.19 -47.77
C LYS A 628 -42.38 4.12 -46.78
N ARG A 629 -41.41 3.28 -47.12
CA ARG A 629 -40.18 3.13 -46.36
C ARG A 629 -39.50 4.47 -46.12
N PHE A 630 -39.47 5.31 -47.15
CA PHE A 630 -38.81 6.60 -47.08
C PHE A 630 -39.36 7.47 -45.94
N GLU A 631 -40.66 7.74 -45.98
CA GLU A 631 -41.21 8.65 -44.98
C GLU A 631 -41.38 8.01 -43.60
N ILE A 632 -41.51 6.67 -43.56
CA ILE A 632 -41.52 5.99 -42.26
C ILE A 632 -40.15 6.12 -41.58
N ILE A 633 -39.10 5.74 -42.32
CA ILE A 633 -37.74 5.81 -41.81
C ILE A 633 -37.37 7.24 -41.43
N LYS A 634 -37.74 8.21 -42.26
CA LYS A 634 -37.44 9.61 -41.99
C LYS A 634 -38.16 10.08 -40.72
N GLU A 635 -39.40 9.63 -40.52
CA GLU A 635 -40.12 9.94 -39.29
C GLU A 635 -39.39 9.37 -38.06
N ALA A 636 -38.96 8.12 -38.18
CA ALA A 636 -38.20 7.47 -37.11
C ALA A 636 -36.94 8.27 -36.77
N TYR A 637 -36.24 8.70 -37.82
CA TYR A 637 -35.01 9.48 -37.70
C TYR A 637 -35.26 10.81 -37.00
N MET A 638 -36.36 11.46 -37.35
CA MET A 638 -36.79 12.69 -36.69
C MET A 638 -36.99 12.45 -35.19
N ARG A 639 -37.78 11.43 -34.86
CA ARG A 639 -38.02 11.08 -33.47
C ARG A 639 -36.71 10.81 -32.74
N SER A 640 -35.76 10.21 -33.45
CA SER A 640 -34.45 9.88 -32.89
C SER A 640 -33.67 11.14 -32.50
N LEU A 641 -33.53 12.05 -33.47
CA LEU A 641 -32.90 13.33 -33.23
C LEU A 641 -33.55 14.04 -32.04
N ASN A 642 -34.88 14.06 -32.02
CA ASN A 642 -35.61 14.61 -30.88
C ASN A 642 -35.28 13.89 -29.59
N ASN A 643 -35.00 12.59 -29.69
CA ASN A 643 -34.81 11.76 -28.52
C ASN A 643 -33.42 11.86 -27.93
N PHE A 644 -32.49 12.45 -28.67
CA PHE A 644 -31.19 12.75 -28.05
C PHE A 644 -31.36 13.67 -26.84
N ARG A 645 -32.43 14.47 -26.85
CA ARG A 645 -32.82 15.30 -25.71
C ARG A 645 -32.80 14.55 -24.37
N ALA A 646 -33.17 13.27 -24.41
CA ALA A 646 -33.36 12.49 -23.19
C ALA A 646 -32.13 11.68 -22.82
N GLU A 647 -31.03 11.91 -23.54
CA GLU A 647 -29.78 11.23 -23.23
C GLU A 647 -29.18 11.76 -21.94
N GLN A 648 -28.28 10.99 -21.34
CA GLN A 648 -27.72 11.34 -20.05
C GLN A 648 -26.72 12.49 -20.14
N PRO A 649 -26.67 13.33 -19.09
CA PRO A 649 -25.89 14.57 -19.02
C PRO A 649 -24.42 14.45 -19.41
N HIS A 650 -23.78 13.32 -19.10
CA HIS A 650 -22.39 13.14 -19.49
C HIS A 650 -22.29 12.88 -21.00
N GLN A 651 -23.24 12.15 -21.55
CA GLN A 651 -23.31 11.96 -23.00
C GLN A 651 -23.53 13.31 -23.67
N HIS A 652 -24.35 14.14 -23.03
CA HIS A 652 -24.57 15.51 -23.50
C HIS A 652 -23.28 16.30 -23.50
N ALA A 653 -22.51 16.16 -22.42
CA ALA A 653 -21.27 16.89 -22.25
C ALA A 653 -20.23 16.49 -23.31
N MET A 654 -20.07 15.18 -23.49
CA MET A 654 -19.17 14.65 -24.50
C MET A 654 -19.57 15.14 -25.89
N TYR A 655 -20.87 15.09 -26.16
CA TYR A 655 -21.41 15.60 -27.42
C TYR A 655 -21.01 17.06 -27.66
N TYR A 656 -21.38 17.91 -26.72
CA TYR A 656 -21.05 19.33 -26.80
C TYR A 656 -19.56 19.57 -27.03
N LEU A 657 -18.72 18.83 -26.30
CA LEU A 657 -17.28 18.98 -26.43
C LEU A 657 -16.78 18.57 -27.81
N ARG A 658 -17.32 17.48 -28.35
CA ARG A 658 -17.01 17.04 -29.70
C ARG A 658 -17.27 18.19 -30.67
N LEU A 659 -18.48 18.76 -30.55
CA LEU A 659 -18.87 19.91 -31.36
C LEU A 659 -17.92 21.08 -31.25
N LEU A 660 -17.47 21.36 -30.03
CA LEU A 660 -16.58 22.49 -29.77
C LEU A 660 -15.19 22.29 -30.39
N MET A 661 -14.66 21.07 -30.24
CA MET A 661 -13.28 20.81 -30.58
C MET A 661 -13.09 20.27 -32.00
N THR A 662 -14.17 20.04 -32.73
CA THR A 662 -14.04 19.64 -34.14
C THR A 662 -14.21 20.82 -35.08
N GLU A 663 -13.34 20.88 -36.08
CA GLU A 663 -13.36 21.94 -37.08
C GLU A 663 -14.72 22.07 -37.74
N VAL A 664 -15.26 20.94 -38.18
CA VAL A 664 -16.57 20.91 -38.82
C VAL A 664 -17.46 19.87 -38.15
N ALA A 665 -18.63 20.30 -37.69
CA ALA A 665 -19.60 19.40 -37.07
C ALA A 665 -20.99 20.04 -37.06
N TRP A 666 -21.99 19.26 -37.47
CA TRP A 666 -23.36 19.75 -37.50
C TRP A 666 -24.12 19.30 -36.26
N THR A 667 -24.73 20.25 -35.55
CA THR A 667 -25.50 19.94 -34.36
C THR A 667 -26.77 19.19 -34.74
N LYS A 668 -27.32 18.44 -33.78
CA LYS A 668 -28.51 17.65 -34.03
C LYS A 668 -29.71 18.55 -34.28
N ASP A 669 -29.65 19.77 -33.76
CA ASP A 669 -30.70 20.76 -33.99
C ASP A 669 -30.64 21.27 -35.43
N GLU A 670 -29.42 21.45 -35.93
CA GLU A 670 -29.22 21.82 -37.34
C GLU A 670 -29.69 20.70 -38.26
N LEU A 671 -29.31 19.47 -37.93
CA LEU A 671 -29.74 18.30 -38.70
C LEU A 671 -31.26 18.20 -38.75
N LYS A 672 -31.87 18.27 -37.57
CA LYS A 672 -33.32 18.21 -37.43
C LYS A 672 -34.01 19.29 -38.24
N GLU A 673 -33.50 20.52 -38.14
CA GLU A 673 -34.06 21.63 -38.88
C GLU A 673 -33.99 21.40 -40.39
N ALA A 674 -32.85 20.88 -40.85
CA ALA A 674 -32.65 20.67 -42.28
C ALA A 674 -33.33 19.40 -42.79
N LEU A 675 -33.86 18.59 -41.87
CA LEU A 675 -34.45 17.31 -42.25
C LEU A 675 -35.78 17.48 -42.99
N ASP A 676 -36.48 18.58 -42.74
CA ASP A 676 -37.78 18.81 -43.38
C ASP A 676 -37.63 19.04 -44.89
N ASP A 677 -36.48 19.58 -45.30
CA ASP A 677 -36.24 19.93 -46.69
C ASP A 677 -35.78 18.74 -47.54
N VAL A 678 -35.90 17.54 -46.99
CA VAL A 678 -35.40 16.35 -47.68
C VAL A 678 -36.51 15.61 -48.43
N THR A 679 -36.66 15.92 -49.72
CA THR A 679 -37.69 15.28 -50.53
C THR A 679 -37.14 14.06 -51.25
N LEU A 680 -38.05 13.16 -51.61
CA LEU A 680 -37.71 11.94 -52.34
C LEU A 680 -36.94 12.20 -53.65
N PRO A 681 -37.36 13.17 -54.47
CA PRO A 681 -36.55 13.40 -55.66
C PRO A 681 -35.17 13.94 -55.33
N ARG A 682 -35.06 14.70 -54.25
CA ARG A 682 -33.78 15.32 -53.88
C ARG A 682 -32.80 14.27 -53.36
N LEU A 683 -33.32 13.27 -52.64
CA LEU A 683 -32.48 12.16 -52.19
C LEU A 683 -32.10 11.27 -53.36
N LYS A 684 -33.09 10.98 -54.20
CA LYS A 684 -32.90 10.16 -55.40
C LYS A 684 -31.87 10.79 -56.34
N ALA A 685 -31.76 12.12 -56.27
CA ALA A 685 -30.74 12.85 -57.02
C ALA A 685 -29.41 12.84 -56.26
N PHE A 686 -29.50 12.79 -54.94
CA PHE A 686 -28.33 12.81 -54.07
C PHE A 686 -27.45 11.57 -54.24
N ILE A 687 -28.07 10.39 -54.23
CA ILE A 687 -27.33 9.13 -54.30
C ILE A 687 -26.31 9.03 -55.46
N PRO A 688 -26.74 9.32 -56.72
CA PRO A 688 -25.76 9.17 -57.80
C PRO A 688 -24.61 10.16 -57.74
N GLN A 689 -24.86 11.36 -57.23
CA GLN A 689 -23.80 12.36 -57.09
C GLN A 689 -22.89 11.99 -55.93
N LEU A 690 -23.44 11.28 -54.95
CA LEU A 690 -22.64 10.77 -53.85
C LEU A 690 -21.68 9.70 -54.37
N LEU A 691 -22.19 8.85 -55.24
CA LEU A 691 -21.39 7.75 -55.80
C LEU A 691 -20.57 8.16 -57.03
N SER A 692 -20.71 9.40 -57.47
CA SER A 692 -20.09 9.84 -58.72
C SER A 692 -18.57 9.77 -58.66
N ARG A 693 -17.99 10.35 -57.62
CA ARG A 693 -16.53 10.31 -57.43
C ARG A 693 -16.23 9.85 -56.02
N LEU A 694 -15.43 8.79 -55.90
CA LEU A 694 -15.15 8.20 -54.59
C LEU A 694 -13.69 7.85 -54.38
N HIS A 695 -13.29 7.73 -53.12
CA HIS A 695 -12.05 7.03 -52.82
C HIS A 695 -12.39 5.85 -51.91
N ILE A 696 -11.58 4.80 -51.92
CA ILE A 696 -11.86 3.65 -51.05
C ILE A 696 -10.60 3.13 -50.36
N GLU A 697 -10.53 3.31 -49.05
CA GLU A 697 -9.42 2.73 -48.30
C GLU A 697 -9.92 1.50 -47.55
N ALA A 698 -9.36 0.34 -47.90
CA ALA A 698 -9.87 -0.93 -47.38
C ALA A 698 -8.82 -1.71 -46.60
N LEU A 699 -9.30 -2.54 -45.67
CA LEU A 699 -8.44 -3.45 -44.93
C LEU A 699 -9.06 -4.85 -44.95
N LEU A 700 -8.42 -5.77 -45.67
CA LEU A 700 -8.88 -7.15 -45.75
C LEU A 700 -7.96 -8.08 -44.96
N HIS A 701 -8.53 -8.73 -43.95
CA HIS A 701 -7.73 -9.48 -42.99
C HIS A 701 -8.36 -10.83 -42.66
N GLY A 702 -7.58 -11.89 -42.75
CA GLY A 702 -8.08 -13.19 -42.34
C GLY A 702 -7.69 -14.38 -43.21
N ASN A 703 -8.58 -15.35 -43.31
CA ASN A 703 -8.31 -16.54 -44.10
C ASN A 703 -8.53 -16.32 -45.59
N ILE A 704 -7.67 -15.50 -46.19
CA ILE A 704 -7.74 -15.23 -47.62
C ILE A 704 -6.35 -14.97 -48.19
N THR A 705 -6.21 -15.21 -49.48
CA THR A 705 -4.95 -14.95 -50.17
C THR A 705 -4.91 -13.53 -50.72
N LYS A 706 -3.71 -13.06 -51.05
CA LYS A 706 -3.54 -11.74 -51.63
C LYS A 706 -4.33 -11.60 -52.92
N GLN A 707 -4.23 -12.61 -53.77
CA GLN A 707 -4.97 -12.64 -55.03
C GLN A 707 -6.47 -12.58 -54.79
N ALA A 708 -6.94 -13.29 -53.77
CA ALA A 708 -8.36 -13.25 -53.42
C ALA A 708 -8.77 -11.85 -53.02
N ALA A 709 -7.95 -11.22 -52.17
CA ALA A 709 -8.22 -9.87 -51.67
C ALA A 709 -8.28 -8.84 -52.81
N LEU A 710 -7.30 -8.92 -53.71
CA LEU A 710 -7.26 -8.06 -54.88
C LEU A 710 -8.50 -8.27 -55.75
N GLY A 711 -8.88 -9.52 -55.94
CA GLY A 711 -10.09 -9.83 -56.68
C GLY A 711 -11.32 -9.20 -56.07
N ILE A 712 -11.40 -9.24 -54.75
CA ILE A 712 -12.53 -8.66 -54.02
C ILE A 712 -12.59 -7.14 -54.19
N MET A 713 -11.47 -6.48 -53.92
CA MET A 713 -11.39 -5.02 -54.05
C MET A 713 -11.75 -4.58 -55.46
N GLN A 714 -11.18 -5.26 -56.45
CA GLN A 714 -11.44 -4.95 -57.84
C GLN A 714 -12.88 -5.27 -58.22
N MET A 715 -13.49 -6.24 -57.53
CA MET A 715 -14.89 -6.56 -57.74
C MET A 715 -15.75 -5.38 -57.33
N VAL A 716 -15.50 -4.86 -56.12
CA VAL A 716 -16.24 -3.71 -55.63
C VAL A 716 -16.07 -2.50 -56.57
N GLU A 717 -14.82 -2.18 -56.90
CA GLU A 717 -14.55 -1.09 -57.80
C GLU A 717 -15.28 -1.24 -59.13
N ASP A 718 -15.17 -2.42 -59.73
CA ASP A 718 -15.80 -2.71 -61.01
C ASP A 718 -17.33 -2.58 -60.93
N THR A 719 -17.91 -3.00 -59.81
CA THR A 719 -19.34 -2.87 -59.61
C THR A 719 -19.74 -1.39 -59.59
N LEU A 720 -19.03 -0.60 -58.78
CA LEU A 720 -19.31 0.83 -58.67
C LEU A 720 -19.15 1.57 -59.99
N ILE A 721 -18.09 1.26 -60.72
CA ILE A 721 -17.85 1.88 -62.02
C ILE A 721 -18.96 1.49 -63.01
N GLU A 722 -19.29 0.21 -63.03
CA GLU A 722 -20.29 -0.30 -63.96
C GLU A 722 -21.67 0.33 -63.74
N HIS A 723 -22.15 0.27 -62.50
CA HIS A 723 -23.53 0.65 -62.23
C HIS A 723 -23.71 2.11 -61.80
N ALA A 724 -22.62 2.77 -61.41
CA ALA A 724 -22.73 4.13 -60.90
C ALA A 724 -21.76 5.08 -61.57
N HIS A 725 -20.96 4.56 -62.50
CA HIS A 725 -20.00 5.36 -63.26
C HIS A 725 -19.06 6.13 -62.33
N THR A 726 -18.59 5.46 -61.28
CA THR A 726 -17.73 6.09 -60.30
C THR A 726 -16.34 6.39 -60.87
N LYS A 727 -15.85 7.59 -60.60
CA LYS A 727 -14.51 7.98 -61.00
C LYS A 727 -13.69 8.30 -59.75
N PRO A 728 -12.35 8.28 -59.87
CA PRO A 728 -11.53 8.54 -58.68
C PRO A 728 -11.76 9.92 -58.07
N LEU A 729 -11.21 10.12 -56.87
CA LEU A 729 -11.28 11.40 -56.19
C LEU A 729 -9.90 12.03 -56.16
N LEU A 730 -9.83 13.35 -56.17
CA LEU A 730 -8.55 14.04 -56.14
C LEU A 730 -7.85 13.84 -54.79
N PRO A 731 -6.52 13.71 -54.80
CA PRO A 731 -5.74 13.52 -53.57
C PRO A 731 -5.92 14.67 -52.59
N SER A 732 -5.80 15.90 -53.10
CA SER A 732 -5.97 17.10 -52.29
C SER A 732 -7.40 17.21 -51.78
N GLN A 733 -8.32 16.61 -52.51
CA GLN A 733 -9.75 16.68 -52.19
C GLN A 733 -10.08 15.84 -50.96
N LEU A 734 -9.20 14.90 -50.63
CA LEU A 734 -9.38 14.05 -49.46
C LEU A 734 -9.19 14.83 -48.16
N VAL A 735 -10.23 15.53 -47.73
CA VAL A 735 -10.14 16.43 -46.58
C VAL A 735 -10.08 15.70 -45.25
N ARG A 736 -9.62 16.41 -44.22
CA ARG A 736 -9.52 15.90 -42.87
C ARG A 736 -9.79 17.03 -41.89
N TYR A 737 -10.58 16.77 -40.85
CA TYR A 737 -10.95 17.83 -39.93
C TYR A 737 -9.95 17.96 -38.78
N ARG A 738 -9.58 19.20 -38.48
CA ARG A 738 -8.59 19.50 -37.45
C ARG A 738 -9.26 19.70 -36.09
N GLU A 739 -8.46 19.77 -35.04
CA GLU A 739 -8.97 20.08 -33.71
C GLU A 739 -8.62 21.52 -33.35
N VAL A 740 -9.55 22.22 -32.70
CA VAL A 740 -9.34 23.60 -32.29
C VAL A 740 -8.18 23.72 -31.31
N GLN A 741 -7.29 24.68 -31.54
CA GLN A 741 -6.12 24.85 -30.68
C GLN A 741 -6.36 25.89 -29.60
N LEU A 742 -6.28 25.46 -28.34
CA LEU A 742 -6.46 26.35 -27.20
C LEU A 742 -5.21 27.18 -26.94
N PRO A 743 -5.39 28.42 -26.47
CA PRO A 743 -4.27 29.30 -26.11
C PRO A 743 -3.65 28.90 -24.77
N ASP A 744 -2.37 29.20 -24.58
CA ASP A 744 -1.68 28.92 -23.34
C ASP A 744 -2.37 29.59 -22.17
N ARG A 745 -2.40 28.90 -21.02
CA ARG A 745 -3.01 29.39 -19.78
C ARG A 745 -4.45 29.88 -19.97
N GLY A 746 -5.19 29.24 -20.86
CA GLY A 746 -6.55 29.62 -21.14
C GLY A 746 -7.60 28.68 -20.56
N TRP A 747 -8.74 29.23 -20.17
CA TRP A 747 -9.85 28.43 -19.66
C TRP A 747 -11.18 28.86 -20.27
N PHE A 748 -11.86 27.92 -20.90
CA PHE A 748 -13.14 28.19 -21.55
C PHE A 748 -14.23 27.30 -20.95
N VAL A 749 -15.44 27.84 -20.83
CA VAL A 749 -16.56 27.05 -20.30
C VAL A 749 -17.80 27.19 -21.16
N TYR A 750 -18.38 26.06 -21.54
CA TYR A 750 -19.66 26.04 -22.25
C TYR A 750 -20.72 25.41 -21.36
N GLN A 751 -21.82 26.13 -21.17
CA GLN A 751 -22.86 25.69 -20.24
C GLN A 751 -24.20 25.43 -20.94
N GLN A 752 -24.83 24.31 -20.58
CA GLN A 752 -26.14 23.94 -21.08
C GLN A 752 -26.99 23.33 -19.97
N ARG A 753 -28.22 22.98 -20.31
CA ARG A 753 -29.13 22.32 -19.38
C ARG A 753 -29.66 21.04 -20.02
N ASN A 754 -29.95 20.03 -19.20
CA ASN A 754 -30.35 18.74 -19.74
C ASN A 754 -31.84 18.68 -20.02
N GLU A 755 -32.62 19.08 -19.02
CA GLU A 755 -34.08 19.29 -19.15
C GLU A 755 -34.84 17.98 -18.92
N VAL A 756 -34.14 16.85 -18.75
CA VAL A 756 -34.83 15.56 -18.64
C VAL A 756 -34.36 14.72 -17.44
N HIS A 757 -33.23 15.06 -16.84
CA HIS A 757 -32.60 14.12 -15.90
C HIS A 757 -32.46 14.58 -14.45
N ASN A 758 -32.53 15.88 -14.18
CA ASN A 758 -32.37 16.38 -12.82
C ASN A 758 -31.09 15.88 -12.18
N ASN A 759 -30.03 15.90 -12.99
CA ASN A 759 -28.74 15.35 -12.60
C ASN A 759 -27.70 16.03 -13.47
N SER A 760 -26.62 16.54 -12.89
CA SER A 760 -25.67 17.32 -13.69
C SER A 760 -24.52 16.48 -14.22
N GLY A 761 -24.05 16.83 -15.41
CA GLY A 761 -22.91 16.16 -16.01
C GLY A 761 -21.82 17.17 -16.33
N ILE A 762 -20.59 16.69 -16.49
CA ILE A 762 -19.47 17.59 -16.73
C ILE A 762 -18.30 16.89 -17.38
N GLU A 763 -17.65 17.55 -18.34
CA GLU A 763 -16.39 17.05 -18.87
C GLU A 763 -15.32 18.13 -18.83
N ILE A 764 -14.20 17.80 -18.21
CA ILE A 764 -13.04 18.69 -18.18
C ILE A 764 -11.94 18.15 -19.07
N TYR A 765 -11.43 19.01 -19.95
CA TYR A 765 -10.45 18.61 -20.95
C TYR A 765 -9.20 19.48 -20.89
N TYR A 766 -8.06 18.85 -20.62
CA TYR A 766 -6.78 19.54 -20.65
C TYR A 766 -5.99 19.09 -21.87
N GLN A 767 -5.89 19.96 -22.87
CA GLN A 767 -5.34 19.58 -24.17
C GLN A 767 -3.85 19.18 -24.04
N ASP A 769 -0.88 18.29 -26.51
CA ASP A 769 -0.39 18.50 -27.86
C ASP A 769 -0.75 17.31 -28.75
N MET A 770 -0.25 17.31 -29.99
CA MET A 770 -0.51 16.25 -30.95
C MET A 770 0.00 14.88 -30.48
N GLN A 771 -0.34 13.84 -31.23
CA GLN A 771 0.04 12.48 -30.86
C GLN A 771 1.39 12.08 -31.43
N SER A 772 2.47 12.49 -30.77
CA SER A 772 3.80 11.97 -31.04
C SER A 772 4.10 10.93 -29.97
N THR A 773 5.05 10.04 -30.22
CA THR A 773 5.34 8.94 -29.29
C THR A 773 5.56 9.43 -27.86
N SER A 774 6.43 10.42 -27.72
CA SER A 774 6.75 11.00 -26.42
C SER A 774 5.52 11.53 -25.69
N GLU A 775 4.77 12.39 -26.37
CA GLU A 775 3.57 13.00 -25.81
C GLU A 775 2.56 11.92 -25.40
N ASN A 776 2.35 10.98 -26.31
CA ASN A 776 1.49 9.82 -26.10
C ASN A 776 1.80 9.12 -24.79
N MET A 777 3.07 8.75 -24.60
CA MET A 777 3.42 7.98 -23.42
C MET A 777 3.45 8.82 -22.14
N PHE A 778 3.78 10.10 -22.25
CA PHE A 778 3.63 11.03 -21.13
C PHE A 778 2.20 10.99 -20.61
N LEU A 779 1.28 11.30 -21.52
CA LEU A 779 -0.14 11.32 -21.22
C LEU A 779 -0.65 9.99 -20.65
N GLU A 780 -0.31 8.90 -21.33
CA GLU A 780 -0.83 7.60 -20.96
C GLU A 780 -0.28 7.11 -19.62
N LEU A 781 0.99 7.39 -19.35
CA LEU A 781 1.57 6.99 -18.07
C LEU A 781 0.96 7.80 -16.94
N PHE A 782 0.81 9.10 -17.15
CA PHE A 782 0.18 9.93 -16.14
C PHE A 782 -1.23 9.44 -15.84
N ALA A 783 -1.97 9.14 -16.91
CA ALA A 783 -3.33 8.65 -16.80
C ALA A 783 -3.37 7.33 -16.03
N GLN A 784 -2.35 6.49 -16.24
CA GLN A 784 -2.24 5.24 -15.50
C GLN A 784 -2.02 5.51 -14.01
N ILE A 785 -1.11 6.42 -13.71
CA ILE A 785 -0.78 6.74 -12.32
C ILE A 785 -1.97 7.33 -11.56
N ILE A 786 -2.78 8.15 -12.23
CA ILE A 786 -3.92 8.75 -11.57
C ILE A 786 -5.20 7.94 -11.72
N SER A 787 -5.14 6.86 -12.51
CA SER A 787 -6.32 6.07 -12.89
C SER A 787 -7.22 5.67 -11.72
N GLU A 788 -6.67 4.88 -10.80
CA GLU A 788 -7.43 4.41 -9.66
C GLU A 788 -7.53 5.44 -8.52
N PRO A 789 -6.46 6.23 -8.25
CA PRO A 789 -6.62 7.29 -7.24
C PRO A 789 -7.80 8.24 -7.50
N ALA A 790 -8.10 8.49 -8.77
CA ALA A 790 -9.21 9.37 -9.13
C ALA A 790 -10.55 8.75 -8.74
N PHE A 791 -10.72 7.48 -9.08
CA PHE A 791 -11.92 6.74 -8.71
C PHE A 791 -12.08 6.71 -7.19
N ASN A 792 -10.99 6.37 -6.50
CA ASN A 792 -10.99 6.25 -5.05
C ASN A 792 -11.31 7.57 -4.35
N THR A 793 -10.79 8.67 -4.89
CA THR A 793 -10.97 9.98 -4.28
C THR A 793 -12.34 10.59 -4.60
N LEU A 794 -12.63 10.71 -5.89
CA LEU A 794 -13.84 11.38 -6.35
C LEU A 794 -15.11 10.57 -6.10
N ARG A 795 -15.00 9.24 -6.17
CA ARG A 795 -16.19 8.42 -5.95
C ARG A 795 -16.19 7.71 -4.60
N THR A 796 -15.18 6.88 -4.36
CA THR A 796 -15.18 6.05 -3.16
C THR A 796 -15.14 6.89 -1.88
N LYS A 797 -14.34 7.95 -1.88
CA LYS A 797 -14.22 8.82 -0.71
C LYS A 797 -15.23 9.96 -0.72
N GLU A 798 -15.20 10.78 -1.76
CA GLU A 798 -16.02 11.99 -1.81
C GLU A 798 -17.44 11.75 -2.33
N GLN A 799 -17.66 10.59 -2.96
CA GLN A 799 -18.98 10.19 -3.41
C GLN A 799 -19.70 11.24 -4.25
N LEU A 800 -18.99 11.78 -5.24
CA LEU A 800 -19.57 12.81 -6.09
C LEU A 800 -20.67 12.25 -6.98
N GLY A 801 -20.41 11.07 -7.54
CA GLY A 801 -21.40 10.40 -8.37
C GLY A 801 -21.08 8.94 -8.57
N TYR A 802 -21.92 8.25 -9.34
CA TYR A 802 -21.65 6.88 -9.73
C TYR A 802 -20.68 6.88 -10.90
N ILE A 803 -20.90 7.80 -11.83
CA ILE A 803 -20.08 7.89 -13.02
C ILE A 803 -18.95 8.90 -12.85
N VAL A 804 -17.76 8.36 -12.61
CA VAL A 804 -16.53 9.13 -12.49
C VAL A 804 -15.45 8.48 -13.34
N PHE A 805 -15.10 9.14 -14.45
CA PHE A 805 -14.15 8.59 -15.41
C PHE A 805 -13.00 9.55 -15.64
N SER A 806 -11.82 9.00 -15.87
CA SER A 806 -10.66 9.83 -16.20
C SER A 806 -9.76 9.07 -17.15
N GLY A 807 -9.12 9.80 -18.06
CA GLY A 807 -8.18 9.16 -18.95
C GLY A 807 -7.88 9.99 -20.17
N PRO A 808 -7.09 9.44 -21.10
CA PRO A 808 -6.73 10.17 -22.32
C PRO A 808 -7.91 10.38 -23.26
N ARG A 809 -7.91 11.52 -23.93
CA ARG A 809 -8.84 11.79 -25.02
C ARG A 809 -8.05 12.01 -26.30
N ARG A 810 -8.37 11.23 -27.33
CA ARG A 810 -7.69 11.33 -28.61
C ARG A 810 -8.67 11.68 -29.72
N ALA A 811 -8.33 12.69 -30.52
CA ALA A 811 -9.19 13.11 -31.62
C ALA A 811 -8.41 13.93 -32.64
N ASN A 812 -8.56 13.57 -33.91
CA ASN A 812 -7.94 14.30 -35.01
C ASN A 812 -6.43 14.44 -34.87
N GLY A 813 -5.79 13.44 -34.27
CA GLY A 813 -4.36 13.44 -34.11
C GLY A 813 -3.86 14.26 -32.93
N ILE A 814 -4.79 14.84 -32.18
CA ILE A 814 -4.45 15.66 -31.03
C ILE A 814 -5.03 15.01 -29.76
N GLN A 815 -4.29 15.08 -28.66
CA GLN A 815 -4.68 14.40 -27.43
C GLN A 815 -4.69 15.29 -26.20
N GLY A 816 -5.34 14.80 -25.14
CA GLY A 816 -5.40 15.51 -23.89
C GLY A 816 -5.85 14.61 -22.75
N LEU A 817 -6.10 15.20 -21.59
CA LEU A 817 -6.53 14.45 -20.41
C LEU A 817 -7.95 14.88 -20.03
N ARG A 818 -8.87 13.91 -19.94
CA ARG A 818 -10.25 14.22 -19.66
C ARG A 818 -10.76 13.60 -18.37
N PHE A 819 -11.63 14.36 -17.69
CA PHE A 819 -12.43 13.88 -16.58
C PHE A 819 -13.90 14.00 -16.95
N ILE A 820 -14.67 12.95 -16.71
CA ILE A 820 -16.11 13.00 -16.95
C ILE A 820 -16.85 12.59 -15.69
N ILE A 821 -17.77 13.43 -15.22
CA ILE A 821 -18.52 13.10 -14.00
C ILE A 821 -20.01 13.37 -14.15
N GLN A 822 -20.81 12.44 -13.64
CA GLN A 822 -22.25 12.65 -13.54
C GLN A 822 -22.65 12.64 -12.06
N SER A 823 -22.97 13.82 -11.55
CA SER A 823 -23.18 14.02 -10.13
C SER A 823 -24.49 14.74 -9.81
N GLU A 824 -24.87 14.69 -8.54
CA GLU A 824 -26.02 15.41 -8.03
C GLU A 824 -25.64 16.88 -7.82
N LYS A 825 -24.35 17.11 -7.59
CA LYS A 825 -23.82 18.43 -7.28
C LYS A 825 -23.60 19.28 -8.52
N PRO A 826 -23.45 20.60 -8.35
CA PRO A 826 -23.13 21.47 -9.48
C PRO A 826 -21.64 21.48 -9.86
N PRO A 827 -21.38 21.64 -11.16
CA PRO A 827 -20.01 21.64 -11.70
C PRO A 827 -19.12 22.75 -11.14
N HIS A 828 -19.69 23.88 -10.74
CA HIS A 828 -18.89 24.97 -10.22
C HIS A 828 -18.17 24.54 -8.93
N TYR A 829 -18.61 23.43 -8.36
CA TYR A 829 -18.00 22.85 -7.15
C TYR A 829 -17.26 21.58 -7.52
N LEU A 830 -17.89 20.81 -8.40
CA LEU A 830 -17.31 19.57 -8.89
C LEU A 830 -15.90 19.78 -9.46
N GLU A 831 -15.78 20.77 -10.33
CA GLU A 831 -14.50 21.15 -10.94
C GLU A 831 -13.44 21.48 -9.89
N SER A 832 -13.87 22.19 -8.85
CA SER A 832 -13.00 22.52 -7.74
C SER A 832 -12.44 21.24 -7.09
N ARG A 833 -13.32 20.28 -6.87
CA ARG A 833 -12.89 18.99 -6.31
C ARG A 833 -11.88 18.28 -7.22
N VAL A 834 -12.10 18.39 -8.54
CA VAL A 834 -11.16 17.81 -9.49
C VAL A 834 -9.77 18.44 -9.39
N GLU A 835 -9.73 19.77 -9.37
CA GLU A 835 -8.45 20.49 -9.26
C GLU A 835 -7.72 20.15 -7.97
N ALA A 836 -8.46 20.10 -6.87
CA ALA A 836 -7.90 19.70 -5.58
C ALA A 836 -7.26 18.31 -5.69
N PHE A 837 -7.99 17.39 -6.31
CA PHE A 837 -7.46 16.05 -6.53
C PHE A 837 -6.17 16.09 -7.34
N LEU A 838 -6.12 16.96 -8.34
CA LEU A 838 -4.95 17.10 -9.19
C LEU A 838 -3.73 17.50 -8.36
N ILE A 839 -3.93 18.45 -7.43
CA ILE A 839 -2.87 18.81 -6.50
C ILE A 839 -2.44 17.60 -5.65
N THR A 840 -3.43 16.86 -5.16
CA THR A 840 -3.17 15.64 -4.39
C THR A 840 -2.27 14.67 -5.17
N MET A 841 -2.49 14.57 -6.48
CA MET A 841 -1.64 13.72 -7.33
C MET A 841 -0.24 14.30 -7.47
N GLU A 842 -0.14 15.61 -7.67
CA GLU A 842 1.17 16.26 -7.71
C GLU A 842 2.00 15.90 -6.50
N LYS A 843 1.33 15.83 -5.34
CA LYS A 843 2.00 15.44 -4.09
C LYS A 843 2.38 13.95 -4.08
N SER A 844 1.40 13.10 -4.36
CA SER A 844 1.58 11.65 -4.24
C SER A 844 2.64 11.12 -5.21
N ILE A 845 2.82 11.79 -6.34
CA ILE A 845 3.88 11.41 -7.28
C ILE A 845 5.24 11.73 -6.69
N GLU A 846 5.34 12.88 -6.05
CA GLU A 846 6.59 13.30 -5.41
C GLU A 846 6.94 12.42 -4.22
N ASP A 847 5.92 11.83 -3.61
CA ASP A 847 6.17 10.98 -2.44
C ASP A 847 6.22 9.47 -2.72
N MET A 848 5.80 9.05 -3.91
CA MET A 848 5.86 7.63 -4.25
C MET A 848 7.29 7.22 -4.59
N THR A 849 7.59 5.93 -4.43
CA THR A 849 8.93 5.41 -4.68
C THR A 849 9.18 5.14 -6.16
N GLU A 850 10.46 5.10 -6.54
CA GLU A 850 10.82 4.86 -7.92
C GLU A 850 10.40 3.45 -8.35
N GLU A 851 10.36 2.53 -7.40
CA GLU A 851 9.94 1.17 -7.70
C GLU A 851 8.42 1.12 -7.94
N ALA A 852 7.66 1.88 -7.15
CA ALA A 852 6.22 2.01 -7.38
C ALA A 852 5.96 2.61 -8.75
N PHE A 853 6.70 3.68 -9.05
CA PHE A 853 6.70 4.30 -10.36
C PHE A 853 6.94 3.24 -11.45
N GLN A 854 7.89 2.36 -11.21
CA GLN A 854 8.23 1.32 -12.17
C GLN A 854 7.14 0.26 -12.25
N LYS A 855 6.34 0.14 -11.20
CA LYS A 855 5.21 -0.80 -11.21
C LYS A 855 4.09 -0.24 -12.05
N HIS A 856 3.91 1.07 -12.03
CA HIS A 856 2.96 1.72 -12.92
C HIS A 856 3.42 1.56 -14.37
N ILE A 857 4.70 1.84 -14.60
CA ILE A 857 5.31 1.67 -15.92
C ILE A 857 5.06 0.26 -16.44
N GLN A 858 5.30 -0.73 -15.59
CA GLN A 858 5.12 -2.13 -15.96
C GLN A 858 3.67 -2.47 -16.26
N ALA A 859 2.77 -2.00 -15.41
CA ALA A 859 1.34 -2.24 -15.59
C ALA A 859 0.85 -1.72 -16.94
N LEU A 860 1.20 -0.46 -17.24
CA LEU A 860 0.85 0.13 -18.53
C LEU A 860 1.49 -0.63 -19.69
N ALA A 861 2.73 -1.02 -19.51
CA ALA A 861 3.45 -1.80 -20.53
C ALA A 861 2.69 -3.07 -20.88
N ILE A 862 2.23 -3.77 -19.85
CA ILE A 862 1.49 -5.01 -20.02
C ILE A 862 0.16 -4.75 -20.73
N ARG A 863 -0.58 -3.74 -20.26
CA ARG A 863 -1.85 -3.37 -20.88
C ARG A 863 -1.69 -3.05 -22.36
N ARG A 864 -0.58 -2.42 -22.72
CA ARG A 864 -0.33 -2.06 -24.10
C ARG A 864 0.15 -3.24 -24.96
N LEU A 865 0.88 -4.17 -24.34
CA LEU A 865 1.45 -5.28 -25.08
C LEU A 865 0.55 -6.51 -25.08
N ASP A 866 -0.62 -6.40 -24.46
CA ASP A 866 -1.58 -7.50 -24.41
C ASP A 866 -2.04 -7.92 -25.81
N LYS A 867 -1.67 -9.12 -26.25
CA LYS A 867 -2.03 -9.59 -27.57
C LYS A 867 -3.53 -9.84 -27.69
N PRO A 868 -4.13 -9.46 -28.83
CA PRO A 868 -5.53 -9.80 -29.12
C PRO A 868 -5.74 -11.31 -29.21
N LYS A 869 -6.93 -11.78 -28.86
CA LYS A 869 -7.19 -13.21 -28.81
C LYS A 869 -8.13 -13.68 -29.93
N LYS A 870 -8.70 -12.72 -30.66
CA LYS A 870 -9.57 -13.02 -31.79
C LYS A 870 -9.21 -12.13 -32.97
N LEU A 871 -9.57 -12.56 -34.19
CA LEU A 871 -9.24 -11.83 -35.41
C LEU A 871 -9.76 -10.40 -35.40
N SER A 872 -11.01 -10.23 -34.97
CA SER A 872 -11.66 -8.93 -34.98
C SER A 872 -10.89 -7.87 -34.20
N ALA A 873 -10.23 -8.29 -33.13
CA ALA A 873 -9.50 -7.37 -32.26
C ALA A 873 -8.24 -6.84 -32.95
N GLU A 874 -7.50 -7.76 -33.58
CA GLU A 874 -6.33 -7.43 -34.38
C GLU A 874 -6.73 -6.47 -35.50
N SER A 875 -7.78 -6.86 -36.23
CA SER A 875 -8.33 -6.04 -37.30
C SER A 875 -8.71 -4.66 -36.79
N ALA A 876 -9.18 -4.60 -35.55
CA ALA A 876 -9.57 -3.33 -34.95
C ALA A 876 -8.36 -2.44 -34.73
N LYS A 877 -7.27 -3.03 -34.22
CA LYS A 877 -6.03 -2.28 -34.02
C LYS A 877 -5.53 -1.69 -35.34
N TYR A 878 -5.42 -2.56 -36.33
CA TYR A 878 -4.99 -2.14 -37.67
C TYR A 878 -5.88 -1.04 -38.23
N TRP A 879 -7.19 -1.23 -38.09
CA TRP A 879 -8.17 -0.30 -38.62
C TRP A 879 -8.05 1.05 -37.93
N GLY A 880 -7.71 1.04 -36.64
CA GLY A 880 -7.45 2.27 -35.93
C GLY A 880 -6.27 2.98 -36.55
N GLU A 881 -5.17 2.25 -36.70
CA GLU A 881 -3.97 2.77 -37.34
C GLU A 881 -4.25 3.37 -38.71
N ILE A 882 -5.26 2.83 -39.40
CA ILE A 882 -5.57 3.26 -40.76
C ILE A 882 -6.50 4.48 -40.82
N ILE A 883 -7.60 4.43 -40.09
CA ILE A 883 -8.54 5.55 -40.12
C ILE A 883 -7.94 6.78 -39.45
N SER A 884 -7.00 6.57 -38.54
CA SER A 884 -6.27 7.69 -37.95
C SER A 884 -5.24 8.22 -38.95
N GLN A 885 -5.06 7.44 -40.02
CA GLN A 885 -4.07 7.72 -41.06
C GLN A 885 -2.68 7.96 -40.49
N GLN A 886 -2.33 7.16 -39.48
CA GLN A 886 -1.00 7.24 -38.87
C GLN A 886 -0.18 6.02 -39.29
N TYR A 887 -0.86 4.89 -39.46
CA TYR A 887 -0.28 3.67 -40.01
C TYR A 887 0.91 3.13 -39.20
N ASN A 888 0.89 3.36 -37.89
CA ASN A 888 1.95 2.86 -37.04
C ASN A 888 1.62 1.46 -36.52
N PHE A 889 1.83 0.45 -37.35
CA PHE A 889 1.42 -0.90 -37.00
C PHE A 889 2.27 -1.48 -35.87
N ASP A 890 3.47 -0.94 -35.65
CA ASP A 890 4.37 -1.44 -34.61
C ASP A 890 4.38 -0.49 -33.40
N ARG A 891 3.28 0.24 -33.28
CA ARG A 891 3.11 1.27 -32.26
C ARG A 891 3.34 0.71 -30.87
N ASP A 892 2.82 -0.48 -30.59
CA ASP A 892 2.91 -1.06 -29.25
C ASP A 892 4.37 -1.24 -28.82
N ASN A 893 5.13 -1.95 -29.64
CA ASN A 893 6.53 -2.19 -29.31
C ASN A 893 7.29 -0.88 -29.20
N THR A 894 7.14 0.00 -30.19
CA THR A 894 7.85 1.28 -30.17
C THR A 894 7.56 2.08 -28.89
N GLU A 895 6.28 2.31 -28.63
CA GLU A 895 5.82 3.16 -27.54
C GLU A 895 6.05 2.56 -26.15
N VAL A 896 6.05 1.23 -26.04
CA VAL A 896 6.38 0.61 -24.76
C VAL A 896 7.88 0.74 -24.49
N ALA A 897 8.67 0.46 -25.54
CA ALA A 897 10.11 0.62 -25.48
C ALA A 897 10.46 2.01 -24.98
N TYR A 898 9.82 3.03 -25.55
CA TYR A 898 10.05 4.40 -25.09
C TYR A 898 9.41 4.66 -23.72
N LEU A 899 8.38 3.92 -23.38
CA LEU A 899 7.68 4.13 -22.12
C LEU A 899 8.59 3.80 -20.95
N LYS A 900 9.34 2.70 -21.05
CA LYS A 900 10.22 2.31 -19.95
C LYS A 900 11.44 3.22 -19.79
N THR A 901 11.65 4.10 -20.76
CA THR A 901 12.71 5.11 -20.73
C THR A 901 12.46 6.17 -19.66
N LEU A 902 11.19 6.42 -19.38
CA LEU A 902 10.75 7.58 -18.59
C LEU A 902 11.07 7.49 -17.09
N THR A 903 11.33 8.66 -16.50
CA THR A 903 11.60 8.79 -15.06
C THR A 903 10.53 9.64 -14.39
N LYS A 904 10.54 9.69 -13.06
CA LYS A 904 9.47 10.37 -12.33
C LYS A 904 9.30 11.85 -12.68
N GLU A 905 10.40 12.56 -12.92
CA GLU A 905 10.26 14.00 -13.13
C GLU A 905 10.07 14.39 -14.61
N ASP A 906 10.24 13.42 -15.51
CA ASP A 906 9.72 13.64 -16.86
C ASP A 906 8.23 13.91 -16.68
N ILE A 907 7.60 13.09 -15.84
CA ILE A 907 6.20 13.25 -15.49
C ILE A 907 5.97 14.50 -14.63
N ILE A 908 6.88 14.79 -13.70
CA ILE A 908 6.71 15.98 -12.84
C ILE A 908 6.66 17.27 -13.66
N LYS A 909 7.63 17.48 -14.54
CA LYS A 909 7.62 18.68 -15.40
C LYS A 909 6.54 18.59 -16.49
N PHE A 910 6.13 17.38 -16.86
CA PHE A 910 4.99 17.26 -17.74
C PHE A 910 3.77 17.88 -17.07
N TYR A 911 3.55 17.51 -15.81
CA TYR A 911 2.43 18.02 -15.04
C TYR A 911 2.54 19.52 -14.81
N LYS A 912 3.74 19.98 -14.43
CA LYS A 912 3.95 21.36 -14.05
C LYS A 912 3.89 22.30 -15.25
N GLU A 913 4.12 21.75 -16.43
CA GLU A 913 4.12 22.56 -17.65
C GLU A 913 2.79 22.53 -18.39
N MET A 914 2.12 21.38 -18.36
CA MET A 914 0.89 21.21 -19.14
C MET A 914 -0.38 21.18 -18.30
N LEU A 915 -0.30 20.61 -17.10
CA LEU A 915 -1.49 20.26 -16.35
C LEU A 915 -1.76 21.06 -15.08
N ALA A 916 -0.70 21.51 -14.41
CA ALA A 916 -0.83 22.22 -13.14
C ALA A 916 -1.72 23.46 -13.31
N VAL A 917 -2.35 23.89 -12.21
CA VAL A 917 -3.31 24.99 -12.25
C VAL A 917 -2.66 26.30 -12.71
N ASP A 918 -1.37 26.45 -12.45
CA ASP A 918 -0.61 27.64 -12.83
C ASP A 918 0.39 27.33 -13.94
N ALA A 919 0.21 26.20 -14.61
CA ALA A 919 1.10 25.77 -15.68
C ALA A 919 1.10 26.75 -16.85
N PRO A 920 2.29 26.99 -17.43
CA PRO A 920 2.47 27.93 -18.55
C PRO A 920 1.75 27.51 -19.82
N ARG A 921 1.54 26.21 -20.02
CA ARG A 921 0.87 25.72 -21.21
C ARG A 921 -0.40 24.94 -20.88
N ARG A 922 -1.15 25.42 -19.90
CA ARG A 922 -2.41 24.79 -19.54
C ARG A 922 -3.51 25.18 -20.53
N HIS A 923 -4.18 24.17 -21.07
CA HIS A 923 -5.24 24.38 -22.05
C HIS A 923 -6.53 23.72 -21.56
N LYS A 924 -7.37 24.48 -20.87
CA LYS A 924 -8.52 23.90 -20.19
C LYS A 924 -9.86 24.28 -20.84
N VAL A 925 -10.65 23.26 -21.17
CA VAL A 925 -12.00 23.46 -21.66
C VAL A 925 -12.98 22.66 -20.81
N SER A 926 -14.04 23.31 -20.33
CA SER A 926 -15.02 22.63 -19.49
C SER A 926 -16.41 22.70 -20.07
N VAL A 927 -17.04 21.53 -20.19
CA VAL A 927 -18.44 21.45 -20.54
C VAL A 927 -19.26 21.17 -19.30
N HIS A 928 -20.17 22.09 -19.00
CA HIS A 928 -21.08 21.97 -17.86
C HIS A 928 -22.51 21.74 -18.33
N VAL A 929 -23.02 20.53 -18.12
CA VAL A 929 -24.42 20.24 -18.39
C VAL A 929 -25.19 20.28 -17.08
N LEU A 930 -26.06 21.27 -16.95
CA LEU A 930 -26.80 21.50 -15.72
C LEU A 930 -27.95 20.50 -15.56
N ALA A 931 -28.43 20.36 -14.32
CA ALA A 931 -29.56 19.51 -14.03
C ALA A 931 -30.88 20.15 -14.48
N ARG A 932 -31.98 19.44 -14.29
CA ARG A 932 -33.29 19.92 -14.72
C ARG A 932 -33.74 21.15 -13.92
N GLU A 933 -33.32 21.22 -12.65
CA GLU A 933 -33.88 22.18 -11.72
C GLU A 933 -32.94 23.32 -11.32
N MET A 934 -31.65 23.16 -11.58
CA MET A 934 -30.64 24.12 -11.14
C MET A 934 -30.90 25.53 -11.65
N ASN A 950 -11.30 16.43 6.84
CA ASN A 950 -12.27 16.75 5.80
C ASN A 950 -11.78 16.39 4.40
N LEU A 951 -12.05 17.31 3.47
CA LEU A 951 -11.61 17.18 2.09
C LEU A 951 -10.28 17.89 1.90
N SER A 952 -9.66 17.68 0.74
CA SER A 952 -8.40 18.35 0.45
C SER A 952 -8.61 19.84 0.19
N GLN A 953 -7.52 20.57 0.07
CA GLN A 953 -7.59 22.01 -0.20
C GLN A 953 -7.72 22.27 -1.70
N ALA A 954 -8.75 23.01 -2.07
CA ALA A 954 -8.98 23.34 -3.47
C ALA A 954 -8.34 24.66 -3.86
N PRO A 955 -7.62 24.68 -4.99
CA PRO A 955 -6.90 25.86 -5.47
C PRO A 955 -7.82 26.94 -6.03
N ALA A 956 -7.43 28.19 -5.89
CA ALA A 956 -8.20 29.30 -6.45
C ALA A 956 -8.03 29.35 -7.96
N LEU A 957 -9.14 29.19 -8.67
CA LEU A 957 -9.12 29.12 -10.14
C LEU A 957 -9.26 30.50 -10.77
N PRO A 958 -8.68 30.70 -11.98
CA PRO A 958 -8.85 31.94 -12.78
C PRO A 958 -10.33 32.19 -13.13
N GLN A 959 -10.74 33.37 -13.60
CA GLN A 959 -12.14 33.48 -14.08
C GLN A 959 -12.25 32.95 -15.53
N PRO A 960 -13.02 31.87 -15.72
CA PRO A 960 -13.31 31.29 -17.03
C PRO A 960 -13.99 32.24 -18.03
N GLU A 961 -13.67 32.04 -19.31
CA GLU A 961 -14.34 32.71 -20.41
C GLU A 961 -15.46 31.85 -20.98
N VAL A 962 -16.70 32.30 -20.81
CA VAL A 962 -17.86 31.51 -21.18
C VAL A 962 -18.21 31.61 -22.66
N ILE A 963 -18.18 30.46 -23.34
CA ILE A 963 -18.61 30.37 -24.73
C ILE A 963 -20.12 30.53 -24.83
N GLN A 964 -20.55 31.48 -25.65
CA GLN A 964 -21.98 31.68 -25.88
C GLN A 964 -22.34 31.43 -27.33
N ASN A 965 -21.33 31.10 -28.15
CA ASN A 965 -21.58 30.67 -29.52
C ASN A 965 -20.41 29.86 -30.06
N MET A 966 -20.68 28.58 -30.32
CA MET A 966 -19.67 27.61 -30.70
C MET A 966 -18.89 28.01 -31.95
N THR A 967 -19.61 28.47 -32.97
CA THR A 967 -18.95 28.83 -34.21
C THR A 967 -18.05 30.05 -34.03
N GLU A 968 -18.58 31.14 -33.49
CA GLU A 968 -17.75 32.32 -33.23
C GLU A 968 -16.49 31.92 -32.43
N PHE A 969 -16.67 31.05 -31.45
CA PHE A 969 -15.56 30.52 -30.67
C PHE A 969 -14.51 29.85 -31.56
N LYS A 970 -14.97 28.97 -32.45
CA LYS A 970 -14.06 28.24 -33.33
C LYS A 970 -13.38 29.13 -34.38
N ARG A 971 -14.08 30.18 -34.82
CA ARG A 971 -13.52 31.11 -35.80
C ARG A 971 -12.46 31.96 -35.15
N GLY A 972 -12.60 32.20 -33.86
CA GLY A 972 -11.64 33.02 -33.13
C GLY A 972 -10.37 32.30 -32.70
N LEU A 973 -10.25 31.03 -33.06
CA LEU A 973 -9.11 30.24 -32.59
C LEU A 973 -8.33 29.53 -33.71
N PRO A 974 -7.04 29.24 -33.47
CA PRO A 974 -6.24 28.52 -34.45
C PRO A 974 -6.62 27.04 -34.57
N LEU A 975 -6.26 26.42 -35.68
CA LEU A 975 -6.50 24.99 -35.88
C LEU A 975 -5.18 24.24 -35.85
N PHE A 976 -5.17 23.08 -35.21
CA PHE A 976 -3.99 22.23 -35.16
C PHE A 976 -3.60 21.69 -36.54
N PRO A 977 -2.33 21.30 -36.70
CA PRO A 977 -1.91 20.59 -37.91
C PRO A 977 -2.40 19.14 -37.89
N LEU A 978 -1.92 18.34 -38.83
CA LEU A 978 -2.29 16.93 -38.91
C LEU A 978 -1.06 16.03 -38.75
N VAL A 979 -1.26 14.88 -38.12
CA VAL A 979 -0.17 13.93 -37.92
C VAL A 979 0.31 13.35 -39.25
N LYS A 980 1.63 13.26 -39.40
CA LYS A 980 2.22 12.66 -40.59
C LYS A 980 2.26 11.14 -40.46
N PRO A 981 1.95 10.42 -41.56
CA PRO A 981 1.88 8.96 -41.58
C PRO A 981 3.23 8.27 -41.32
N HIS A 982 3.21 6.94 -41.31
CA HIS A 982 4.40 6.14 -41.04
C HIS A 982 4.84 5.35 -42.26
N ASN B 14 27.11 24.04 -15.89
CA ASN B 14 27.12 23.45 -14.55
C ASN B 14 28.52 23.53 -13.94
N ASN B 15 28.96 22.42 -13.34
CA ASN B 15 30.20 22.38 -12.59
C ASN B 15 30.87 21.01 -12.75
N PRO B 16 32.13 21.00 -13.23
CA PRO B 16 32.88 19.76 -13.43
C PRO B 16 33.32 19.10 -12.12
N ALA B 17 33.02 19.74 -10.99
CA ALA B 17 33.34 19.17 -9.68
C ALA B 17 32.22 18.25 -9.20
N ILE B 18 31.12 18.21 -9.95
CA ILE B 18 29.98 17.38 -9.62
C ILE B 18 29.62 16.44 -10.77
N LYS B 19 29.72 15.14 -10.52
CA LYS B 19 29.45 14.14 -11.55
C LYS B 19 27.96 14.01 -11.79
N ARG B 20 27.16 14.10 -10.73
CA ARG B 20 25.73 13.97 -10.89
C ARG B 20 25.00 14.73 -9.79
N ILE B 21 23.80 15.21 -10.10
CA ILE B 21 22.94 15.82 -9.08
C ILE B 21 21.69 14.98 -8.85
N GLY B 22 21.37 14.73 -7.59
CA GLY B 22 20.22 13.94 -7.24
C GLY B 22 18.90 14.56 -7.63
N ASN B 23 17.94 13.69 -7.90
CA ASN B 23 16.58 14.13 -8.18
C ASN B 23 15.92 14.40 -6.82
N HIS B 24 14.63 14.73 -6.82
CA HIS B 24 13.89 14.80 -5.56
C HIS B 24 14.23 13.60 -4.70
N ILE B 25 14.67 13.88 -3.47
CA ILE B 25 14.93 12.82 -2.51
C ILE B 25 13.59 12.48 -1.87
N THR B 26 13.09 11.29 -2.14
CA THR B 26 11.81 10.85 -1.59
C THR B 26 11.84 10.90 -0.07
N LYS B 27 11.01 11.75 0.51
CA LYS B 27 10.98 11.91 1.95
C LYS B 27 9.57 11.72 2.52
N SER B 28 9.47 11.71 3.84
CA SER B 28 8.18 11.66 4.50
C SER B 28 7.40 12.92 4.19
N PRO B 29 6.09 12.79 3.97
CA PRO B 29 5.26 13.97 3.69
C PRO B 29 5.21 14.95 4.86
N GLU B 30 5.50 14.44 6.06
CA GLU B 30 5.50 15.28 7.26
C GLU B 30 6.85 15.97 7.47
N ASP B 31 7.85 15.58 6.69
CA ASP B 31 9.20 16.12 6.83
C ASP B 31 9.29 17.52 6.24
N LYS B 32 9.67 18.49 7.07
CA LYS B 32 9.74 19.88 6.64
C LYS B 32 11.17 20.33 6.33
N ARG B 33 12.11 19.40 6.41
CA ARG B 33 13.47 19.64 5.97
C ARG B 33 13.57 19.39 4.48
N GLU B 34 14.49 20.06 3.79
CA GLU B 34 14.61 19.84 2.36
C GLU B 34 15.94 19.19 1.99
N TYR B 35 15.90 18.21 1.09
CA TYR B 35 17.06 17.38 0.81
C TYR B 35 17.55 17.53 -0.63
N ARG B 36 18.84 17.32 -0.83
CA ARG B 36 19.42 17.24 -2.16
C ARG B 36 20.65 16.35 -2.18
N GLY B 37 20.59 15.28 -2.95
CA GLY B 37 21.71 14.38 -3.08
C GLY B 37 22.54 14.74 -4.30
N LEU B 38 23.81 14.29 -4.32
CA LEU B 38 24.68 14.53 -5.47
C LEU B 38 25.95 13.70 -5.37
N GLU B 39 26.46 13.26 -6.52
CA GLU B 39 27.72 12.54 -6.56
C GLU B 39 28.82 13.44 -7.13
N LEU B 40 29.89 13.59 -6.36
CA LEU B 40 31.02 14.43 -6.77
C LEU B 40 31.83 13.77 -7.89
N ALA B 41 32.72 14.54 -8.49
CA ALA B 41 33.53 14.07 -9.59
C ALA B 41 34.49 12.98 -9.13
N ASN B 42 34.91 13.04 -7.87
CA ASN B 42 35.81 12.03 -7.31
C ASN B 42 35.08 10.81 -6.75
N GLY B 43 33.78 10.72 -7.02
CA GLY B 43 33.01 9.54 -6.68
C GLY B 43 32.34 9.51 -5.32
N ILE B 44 32.49 10.61 -4.57
CA ILE B 44 31.88 10.70 -3.25
C ILE B 44 30.37 10.87 -3.35
N LYS B 45 29.64 10.05 -2.59
CA LYS B 45 28.18 10.14 -2.53
C LYS B 45 27.78 11.09 -1.40
N VAL B 46 27.05 12.15 -1.75
CA VAL B 46 26.73 13.21 -0.81
C VAL B 46 25.21 13.41 -0.66
N LEU B 47 24.77 13.63 0.58
CA LEU B 47 23.37 13.97 0.85
C LEU B 47 23.32 15.25 1.67
N LEU B 48 22.55 16.22 1.21
CA LEU B 48 22.49 17.52 1.85
C LEU B 48 21.13 17.79 2.47
N ILE B 49 21.14 18.21 3.72
CA ILE B 49 19.90 18.49 4.45
C ILE B 49 19.85 19.96 4.88
N SER B 50 18.86 20.67 4.36
CA SER B 50 18.62 22.05 4.75
C SER B 50 17.45 22.13 5.71
N ASP B 51 17.76 22.59 6.92
CA ASP B 51 16.77 22.78 7.98
C ASP B 51 17.03 24.09 8.71
N PRO B 52 16.44 25.18 8.23
CA PRO B 52 16.71 26.55 8.70
C PRO B 52 16.38 26.77 10.18
N THR B 53 15.80 25.78 10.84
CA THR B 53 15.34 25.95 12.22
C THR B 53 16.28 25.35 13.26
N THR B 54 17.15 24.43 12.83
CA THR B 54 17.97 23.68 13.77
C THR B 54 18.96 24.58 14.52
N ASP B 55 19.09 24.33 15.83
CA ASP B 55 20.06 25.05 16.65
C ASP B 55 21.42 24.36 16.56
N LYS B 56 21.41 23.18 15.96
CA LYS B 56 22.59 22.34 15.87
C LYS B 56 22.79 21.81 14.47
N SER B 57 23.79 22.32 13.76
CA SER B 57 24.16 21.76 12.47
C SER B 57 25.16 20.62 12.66
N SER B 58 25.02 19.57 11.85
CA SER B 58 25.84 18.39 12.01
C SER B 58 26.39 17.88 10.68
N ALA B 59 27.38 16.99 10.75
CA ALA B 59 27.89 16.33 9.55
C ALA B 59 28.55 15.01 9.89
N ALA B 60 28.54 14.11 8.92
CA ALA B 60 29.11 12.79 9.09
C ALA B 60 29.68 12.23 7.79
N LEU B 61 30.75 11.44 7.92
CA LEU B 61 31.34 10.75 6.78
C LEU B 61 31.50 9.26 7.10
N ASP B 62 31.13 8.43 6.13
CA ASP B 62 31.29 6.99 6.26
C ASP B 62 32.22 6.45 5.18
N VAL B 63 33.32 5.82 5.63
CA VAL B 63 34.26 5.15 4.72
C VAL B 63 33.95 3.67 4.66
N HIS B 64 33.72 3.14 3.45
CA HIS B 64 33.32 1.75 3.32
C HIS B 64 34.50 0.79 3.45
N ILE B 65 35.20 0.89 4.59
CA ILE B 65 36.34 0.03 4.92
C ILE B 65 36.36 -0.21 6.43
N GLY B 66 36.55 -1.47 6.85
CA GLY B 66 36.46 -1.80 8.26
C GLY B 66 37.54 -2.73 8.77
N SER B 67 37.32 -3.29 9.96
CA SER B 67 38.26 -4.18 10.61
C SER B 67 38.61 -5.41 9.76
N LEU B 68 37.67 -5.84 8.93
CA LEU B 68 37.88 -6.97 8.04
C LEU B 68 39.02 -6.73 7.05
N SER B 69 39.37 -5.45 6.85
CA SER B 69 40.46 -5.07 5.96
C SER B 69 41.80 -4.90 6.68
N ASP B 70 41.81 -5.12 8.00
CA ASP B 70 43.05 -5.02 8.78
C ASP B 70 44.06 -6.04 8.33
N PRO B 71 45.34 -5.65 8.26
CA PRO B 71 46.39 -6.63 7.94
C PRO B 71 46.46 -7.72 9.00
N PRO B 72 46.71 -8.96 8.57
CA PRO B 72 46.75 -10.15 9.45
C PRO B 72 47.76 -10.01 10.58
N ASN B 73 48.90 -9.38 10.31
CA ASN B 73 49.95 -9.24 11.31
C ASN B 73 49.69 -8.08 12.27
N ILE B 74 48.79 -7.17 11.89
CA ILE B 74 48.45 -6.03 12.72
C ILE B 74 46.96 -5.95 13.01
N ALA B 75 46.52 -6.62 14.08
CA ALA B 75 45.12 -6.63 14.43
C ALA B 75 44.66 -5.32 15.04
N GLY B 76 43.63 -4.73 14.44
CA GLY B 76 42.98 -3.55 14.99
C GLY B 76 43.41 -2.24 14.37
N LEU B 77 44.03 -2.32 13.20
CA LEU B 77 44.63 -1.15 12.57
C LEU B 77 43.62 -0.07 12.21
N SER B 78 42.46 -0.49 11.66
CA SER B 78 41.44 0.48 11.27
C SER B 78 40.84 1.20 12.47
N HIS B 79 40.66 0.47 13.57
CA HIS B 79 40.18 1.06 14.81
C HIS B 79 41.18 2.08 15.34
N PHE B 80 42.45 1.67 15.39
CA PHE B 80 43.53 2.54 15.85
C PHE B 80 43.56 3.80 14.97
N LEU B 81 43.31 3.62 13.68
CA LEU B 81 43.27 4.72 12.72
C LEU B 81 42.14 5.70 13.05
N GLN B 82 40.95 5.17 13.29
CA GLN B 82 39.81 5.97 13.72
C GLN B 82 40.18 6.80 14.94
N HIS B 83 40.85 6.19 15.91
CA HIS B 83 41.29 6.93 17.08
C HIS B 83 42.29 8.03 16.72
N MET B 84 43.18 7.72 15.79
CA MET B 84 44.29 8.62 15.48
C MET B 84 43.91 9.84 14.67
N LEU B 85 42.85 9.74 13.86
CA LEU B 85 42.45 10.87 13.02
C LEU B 85 42.10 12.12 13.82
N PHE B 86 41.65 11.94 15.06
CA PHE B 86 41.22 13.05 15.89
C PHE B 86 42.36 13.90 16.46
N LEU B 87 43.57 13.34 16.48
CA LEU B 87 44.68 13.96 17.21
C LEU B 87 45.47 14.98 16.40
N GLY B 88 44.87 15.52 15.36
CA GLY B 88 45.53 16.56 14.58
C GLY B 88 45.66 16.29 13.09
N THR B 89 45.84 17.37 12.33
CA THR B 89 46.05 17.32 10.88
C THR B 89 47.15 18.30 10.51
N LYS B 90 47.36 18.51 9.22
CA LYS B 90 48.42 19.41 8.79
C LYS B 90 47.98 20.87 8.86
N LYS B 91 46.73 21.14 8.48
CA LYS B 91 46.21 22.51 8.60
C LYS B 91 45.99 22.87 10.06
N TYR B 92 45.50 21.91 10.84
CA TYR B 92 45.29 22.14 12.27
C TYR B 92 46.12 21.16 13.09
N PRO B 93 47.40 21.50 13.30
CA PRO B 93 48.39 20.64 13.95
C PRO B 93 48.16 20.45 15.44
N LYS B 94 47.41 21.35 16.07
CA LYS B 94 47.17 21.25 17.51
C LYS B 94 46.38 19.98 17.78
N GLU B 95 46.90 19.16 18.68
CA GLU B 95 46.39 17.81 18.92
C GLU B 95 44.89 17.80 19.18
N ASN B 96 44.42 18.75 19.97
CA ASN B 96 43.00 18.80 20.32
C ASN B 96 42.31 20.04 19.77
N GLU B 97 42.77 20.54 18.63
CA GLU B 97 42.14 21.69 18.00
C GLU B 97 40.69 21.38 17.67
N TYR B 98 40.46 20.18 17.18
CA TYR B 98 39.13 19.70 16.81
C TYR B 98 38.19 19.66 18.02
N SER B 99 38.57 18.87 19.03
CA SER B 99 37.79 18.69 20.23
C SER B 99 37.56 20.00 20.97
N GLN B 100 38.58 20.85 21.00
CA GLN B 100 38.50 22.13 21.70
C GLN B 100 37.58 23.08 20.97
N PHE B 101 37.64 23.10 19.65
CA PHE B 101 36.74 23.95 18.88
C PHE B 101 35.29 23.53 19.11
N LEU B 102 35.02 22.23 18.94
CA LEU B 102 33.67 21.71 19.16
C LEU B 102 33.20 21.96 20.59
N SER B 103 34.15 22.01 21.53
CA SER B 103 33.82 22.30 22.92
C SER B 103 33.43 23.76 23.10
N GLU B 104 34.20 24.64 22.46
CA GLU B 104 34.00 26.08 22.57
C GLU B 104 32.79 26.54 21.76
N HIS B 105 32.21 25.66 20.96
CA HIS B 105 31.04 26.06 20.18
C HIS B 105 29.87 25.09 20.29
N ALA B 106 29.62 24.65 21.52
CA ALA B 106 28.43 23.85 21.87
C ALA B 106 28.25 22.61 21.01
N GLY B 107 29.36 21.96 20.65
CA GLY B 107 29.29 20.80 19.80
C GLY B 107 29.93 19.57 20.41
N SER B 108 29.85 18.46 19.67
CA SER B 108 30.45 17.20 20.11
C SER B 108 30.75 16.31 18.92
N SER B 109 31.61 15.31 19.13
CA SER B 109 31.97 14.39 18.05
C SER B 109 32.22 12.99 18.58
N ASN B 110 32.10 12.01 17.69
CA ASN B 110 32.46 10.63 18.00
C ASN B 110 32.54 9.80 16.74
N ALA B 111 33.13 8.61 16.85
CA ALA B 111 33.27 7.71 15.71
C ALA B 111 33.10 6.25 16.12
N PHE B 112 32.95 5.37 15.12
CA PHE B 112 32.96 3.93 15.39
C PHE B 112 33.41 3.14 14.18
N THR B 113 33.91 1.93 14.42
CA THR B 113 34.40 1.06 13.35
C THR B 113 33.67 -0.28 13.35
N SER B 114 33.06 -0.60 12.21
CA SER B 114 32.40 -1.89 12.02
C SER B 114 33.11 -2.68 10.92
N GLY B 115 32.76 -3.96 10.80
CA GLY B 115 33.41 -4.89 9.90
C GLY B 115 33.66 -4.40 8.48
N GLU B 116 32.79 -3.51 7.99
CA GLU B 116 32.93 -3.00 6.64
C GLU B 116 32.88 -1.48 6.58
N HIS B 117 32.91 -0.83 7.74
CA HIS B 117 32.79 0.63 7.75
C HIS B 117 33.62 1.31 8.81
N THR B 118 33.95 2.58 8.55
CA THR B 118 34.48 3.46 9.59
C THR B 118 33.69 4.76 9.50
N ASN B 119 32.97 5.07 10.56
CA ASN B 119 32.02 6.18 10.55
C ASN B 119 32.41 7.29 11.52
N TYR B 120 32.45 8.52 11.02
CA TYR B 120 32.83 9.69 11.81
C TYR B 120 31.71 10.72 11.81
N TYR B 121 31.30 11.18 12.99
CA TYR B 121 30.20 12.14 13.07
C TYR B 121 30.41 13.25 14.11
N PHE B 122 29.82 14.42 13.83
CA PHE B 122 29.86 15.54 14.78
C PHE B 122 28.67 16.48 14.63
N ASP B 123 28.35 17.18 15.71
CA ASP B 123 27.39 18.29 15.68
C ASP B 123 28.01 19.53 16.32
N VAL B 124 27.42 20.68 16.05
CA VAL B 124 27.96 21.96 16.52
C VAL B 124 26.90 23.04 16.35
N SER B 125 27.12 24.21 16.94
CA SER B 125 26.22 25.35 16.76
C SER B 125 26.00 25.63 15.28
N HIS B 126 24.77 25.93 14.89
CA HIS B 126 24.43 26.13 13.49
C HIS B 126 25.21 27.28 12.84
N GLU B 127 25.89 28.07 13.65
CA GLU B 127 26.59 29.24 13.14
C GLU B 127 28.04 28.89 12.75
N HIS B 128 28.64 27.94 13.44
CA HIS B 128 30.04 27.64 13.27
C HIS B 128 30.25 26.35 12.51
N LEU B 129 29.39 26.13 11.52
CA LEU B 129 29.39 24.88 10.76
C LEU B 129 30.61 24.75 9.85
N GLU B 130 31.02 25.83 9.20
CA GLU B 130 32.10 25.72 8.22
C GLU B 130 33.46 25.45 8.88
N GLY B 131 33.72 26.10 10.00
CA GLY B 131 34.99 25.90 10.68
C GLY B 131 35.13 24.46 11.13
N ALA B 132 34.07 23.98 11.78
CA ALA B 132 34.02 22.61 12.27
C ALA B 132 34.14 21.61 11.12
N LEU B 133 33.47 21.91 10.02
CA LEU B 133 33.45 20.99 8.88
C LEU B 133 34.79 20.97 8.16
N ASP B 134 35.51 22.08 8.20
CA ASP B 134 36.84 22.15 7.60
C ASP B 134 37.82 21.36 8.45
N ARG B 135 37.83 21.65 9.74
CA ARG B 135 38.66 20.90 10.70
C ARG B 135 38.38 19.40 10.61
N PHE B 136 37.12 19.05 10.37
CA PHE B 136 36.71 17.67 10.19
C PHE B 136 37.23 17.08 8.88
N ALA B 137 37.03 17.81 7.79
CA ALA B 137 37.44 17.37 6.46
C ALA B 137 38.93 17.11 6.39
N GLN B 138 39.69 17.85 7.19
CA GLN B 138 41.13 17.66 7.26
C GLN B 138 41.53 16.24 7.68
N PHE B 139 40.60 15.51 8.30
CA PHE B 139 40.87 14.15 8.75
C PHE B 139 41.17 13.19 7.59
N PHE B 140 40.74 13.58 6.39
CA PHE B 140 40.80 12.68 5.24
C PHE B 140 41.76 13.16 4.17
N LEU B 141 42.30 14.36 4.36
CA LEU B 141 43.24 14.91 3.40
C LEU B 141 44.68 14.58 3.80
N SER B 142 45.07 15.00 5.00
CA SER B 142 46.40 14.74 5.50
C SER B 142 46.47 14.80 7.03
N PRO B 143 46.29 13.64 7.68
CA PRO B 143 46.45 13.49 9.13
C PRO B 143 47.91 13.55 9.54
N LEU B 144 48.20 13.76 10.82
CA LEU B 144 49.59 13.85 11.26
C LEU B 144 50.17 12.51 11.68
N PHE B 145 49.39 11.75 12.45
CA PHE B 145 49.89 10.52 13.07
C PHE B 145 51.18 10.76 13.83
N ASP B 146 51.16 11.75 14.73
CA ASP B 146 52.31 12.04 15.57
C ASP B 146 52.76 10.79 16.32
N GLU B 147 54.07 10.55 16.35
CA GLU B 147 54.61 9.35 16.97
C GLU B 147 54.29 9.33 18.47
N SER B 148 54.43 10.49 19.11
CA SER B 148 54.09 10.65 20.52
C SER B 148 52.61 10.37 20.77
N ALA B 149 51.77 10.97 19.93
CA ALA B 149 50.32 10.79 20.01
C ALA B 149 49.93 9.32 19.85
N LYS B 150 50.66 8.61 19.00
CA LYS B 150 50.43 7.19 18.77
C LYS B 150 50.77 6.39 20.02
N ASP B 151 52.00 6.57 20.49
CA ASP B 151 52.49 5.89 21.68
C ASP B 151 51.60 6.12 22.89
N ARG B 152 50.88 7.24 22.90
CA ARG B 152 49.95 7.50 23.99
C ARG B 152 48.57 6.89 23.74
N GLU B 153 48.01 7.12 22.56
CA GLU B 153 46.63 6.71 22.26
C GLU B 153 46.41 5.19 22.20
N VAL B 154 47.48 4.47 21.87
CA VAL B 154 47.44 3.01 21.89
C VAL B 154 46.93 2.51 23.24
N ASN B 155 47.22 3.26 24.30
CA ASN B 155 46.76 2.92 25.65
C ASN B 155 45.26 3.05 25.80
N ALA B 156 44.69 4.07 25.17
CA ALA B 156 43.25 4.24 25.15
C ALA B 156 42.60 3.06 24.47
N VAL B 157 43.15 2.66 23.31
CA VAL B 157 42.60 1.46 22.66
C VAL B 157 42.71 0.23 23.57
N ASP B 158 43.88 0.06 24.18
CA ASP B 158 44.16 -1.08 25.05
C ASP B 158 43.18 -1.18 26.21
N SER B 159 42.91 -0.06 26.88
CA SER B 159 42.02 -0.10 28.03
C SER B 159 40.56 -0.18 27.59
N GLU B 160 40.29 0.20 26.34
CA GLU B 160 38.97 -0.05 25.77
C GLU B 160 38.74 -1.55 25.62
N HIS B 161 39.72 -2.24 25.02
CA HIS B 161 39.63 -3.69 24.92
C HIS B 161 39.53 -4.34 26.29
N GLU B 162 40.37 -3.91 27.23
CA GLU B 162 40.36 -4.45 28.58
C GLU B 162 38.97 -4.26 29.20
N LYS B 163 38.37 -3.10 28.94
CA LYS B 163 36.99 -2.83 29.36
C LYS B 163 36.04 -3.86 28.78
N ASN B 164 36.28 -4.27 27.54
CA ASN B 164 35.39 -5.23 26.89
C ASN B 164 35.71 -6.71 27.17
N VAL B 165 36.82 -6.96 27.87
CA VAL B 165 37.29 -8.34 28.07
C VAL B 165 36.33 -9.20 28.87
N MET B 166 35.88 -8.69 30.01
CA MET B 166 35.00 -9.47 30.88
C MET B 166 33.53 -9.28 30.53
N ASN B 167 33.28 -8.70 29.35
CA ASN B 167 31.92 -8.58 28.86
C ASN B 167 31.52 -9.82 28.07
N ASP B 168 30.52 -10.53 28.59
CA ASP B 168 30.05 -11.78 28.00
C ASP B 168 29.63 -11.62 26.55
N ALA B 169 29.01 -10.50 26.23
CA ALA B 169 28.56 -10.21 24.87
C ALA B 169 29.74 -10.20 23.89
N TRP B 170 30.82 -9.54 24.31
CA TRP B 170 32.04 -9.48 23.50
C TRP B 170 32.73 -10.82 23.40
N ARG B 171 32.85 -11.50 24.54
CA ARG B 171 33.46 -12.82 24.57
C ARG B 171 32.77 -13.76 23.59
N LEU B 172 31.43 -13.76 23.61
CA LEU B 172 30.64 -14.57 22.68
C LEU B 172 30.80 -14.12 21.23
N PHE B 173 30.78 -12.82 21.02
CA PHE B 173 30.98 -12.22 19.70
C PHE B 173 32.26 -12.74 19.04
N GLN B 174 33.37 -12.52 19.72
CA GLN B 174 34.67 -12.96 19.23
C GLN B 174 34.76 -14.47 19.17
N LEU B 175 34.02 -15.16 20.05
CA LEU B 175 34.01 -16.61 20.05
C LEU B 175 33.38 -17.15 18.77
N GLU B 176 32.26 -16.57 18.36
CA GLU B 176 31.66 -16.95 17.09
C GLU B 176 32.63 -16.62 15.97
N LYS B 177 33.28 -15.46 16.09
CA LYS B 177 34.27 -15.07 15.10
C LYS B 177 35.44 -16.07 15.03
N ALA B 178 35.64 -16.84 16.09
CA ALA B 178 36.81 -17.72 16.18
C ALA B 178 36.46 -19.20 16.21
N THR B 179 35.34 -19.58 15.60
CA THR B 179 34.94 -20.98 15.56
C THR B 179 34.68 -21.43 14.13
N GLY B 180 34.69 -20.48 13.21
CA GLY B 180 34.52 -20.78 11.80
C GLY B 180 35.87 -20.91 11.12
N ASN B 181 35.90 -20.63 9.82
CA ASN B 181 37.12 -20.71 9.05
C ASN B 181 38.19 -19.76 9.60
N PRO B 182 39.30 -20.31 10.10
CA PRO B 182 40.34 -19.48 10.72
C PRO B 182 41.09 -18.60 9.71
N LYS B 183 41.00 -18.94 8.43
CA LYS B 183 41.68 -18.17 7.40
C LYS B 183 40.74 -17.20 6.73
N HIS B 184 39.49 -17.20 7.18
CA HIS B 184 38.51 -16.20 6.78
C HIS B 184 38.80 -14.92 7.57
N PRO B 185 38.76 -13.76 6.89
CA PRO B 185 38.98 -12.49 7.59
C PRO B 185 37.95 -12.25 8.71
N PHE B 186 36.82 -12.93 8.65
CA PHE B 186 35.82 -12.86 9.71
C PHE B 186 36.40 -13.26 11.07
N SER B 187 37.49 -14.03 11.05
CA SER B 187 38.15 -14.51 12.26
C SER B 187 39.03 -13.44 12.92
N LYS B 188 39.19 -12.31 12.25
CA LYS B 188 40.10 -11.27 12.73
C LYS B 188 39.64 -10.62 14.03
N PHE B 189 40.61 -10.13 14.79
CA PHE B 189 40.35 -9.33 15.97
C PHE B 189 40.18 -7.88 15.55
N GLY B 190 39.02 -7.30 15.87
CA GLY B 190 38.70 -5.97 15.41
C GLY B 190 39.18 -4.86 16.33
N THR B 191 39.05 -5.06 17.63
CA THR B 191 39.42 -4.05 18.61
C THR B 191 40.92 -3.77 18.61
N GLY B 192 41.71 -4.82 18.84
CA GLY B 192 43.15 -4.67 18.98
C GLY B 192 43.55 -4.25 20.38
N ASN B 193 44.83 -4.35 20.69
CA ASN B 193 45.35 -3.92 21.99
C ASN B 193 46.84 -3.55 21.92
N LYS B 194 47.41 -3.28 23.08
CA LYS B 194 48.82 -2.89 23.18
C LYS B 194 49.74 -3.90 22.50
N TYR B 195 49.34 -5.17 22.54
CA TYR B 195 50.14 -6.24 21.97
C TYR B 195 50.11 -6.20 20.44
N THR B 196 48.91 -6.19 19.88
CA THR B 196 48.75 -6.25 18.43
C THR B 196 49.18 -4.96 17.74
N LEU B 197 49.15 -3.86 18.48
CA LEU B 197 49.42 -2.55 17.91
C LEU B 197 50.81 -2.00 18.20
N GLU B 198 51.36 -2.39 19.34
CA GLU B 198 52.69 -1.89 19.73
C GLU B 198 53.71 -3.01 19.88
N THR B 199 53.44 -3.92 20.80
CA THR B 199 54.40 -4.96 21.19
C THR B 199 54.86 -5.85 20.04
N ARG B 200 53.94 -6.63 19.48
CA ARG B 200 54.29 -7.54 18.38
C ARG B 200 54.83 -6.80 17.15
N PRO B 201 54.26 -5.63 16.80
CA PRO B 201 54.89 -4.93 15.69
C PRO B 201 56.34 -4.51 15.97
N ASN B 202 56.62 -4.05 17.19
CA ASN B 202 57.99 -3.67 17.55
C ASN B 202 58.92 -4.89 17.55
N GLN B 203 58.37 -6.05 17.92
CA GLN B 203 59.14 -7.29 17.92
C GLN B 203 59.43 -7.78 16.51
N GLU B 204 58.47 -7.59 15.61
CA GLU B 204 58.60 -8.02 14.23
C GLU B 204 59.24 -6.93 13.36
N GLY B 205 59.67 -5.85 14.00
CA GLY B 205 60.34 -4.77 13.31
C GLY B 205 59.43 -3.88 12.48
N ILE B 206 58.12 -4.06 12.62
CA ILE B 206 57.15 -3.29 11.85
C ILE B 206 57.01 -1.85 12.37
N ASP B 207 57.01 -0.87 11.46
CA ASP B 207 56.75 0.51 11.83
C ASP B 207 55.26 0.79 11.78
N VAL B 208 54.67 0.89 12.96
CA VAL B 208 53.23 1.10 13.09
C VAL B 208 52.74 2.36 12.38
N ARG B 209 53.37 3.50 12.65
CA ARG B 209 52.96 4.76 12.05
C ARG B 209 52.97 4.67 10.52
N GLN B 210 54.02 4.05 10.00
CA GLN B 210 54.12 3.86 8.55
C GLN B 210 52.96 3.00 8.06
N GLU B 211 52.66 1.93 8.80
CA GLU B 211 51.58 1.05 8.39
C GLU B 211 50.22 1.77 8.43
N LEU B 212 50.08 2.70 9.37
CA LEU B 212 48.89 3.53 9.50
C LEU B 212 48.74 4.44 8.29
N LEU B 213 49.82 5.12 7.96
CA LEU B 213 49.84 6.01 6.79
C LEU B 213 49.54 5.25 5.51
N LYS B 214 50.13 4.06 5.38
CA LYS B 214 49.91 3.26 4.18
C LYS B 214 48.45 2.81 4.11
N PHE B 215 47.89 2.40 5.25
CA PHE B 215 46.50 1.96 5.28
C PHE B 215 45.56 3.10 4.90
N HIS B 216 45.74 4.26 5.51
CA HIS B 216 44.93 5.43 5.23
C HIS B 216 45.04 5.80 3.75
N SER B 217 46.27 5.84 3.25
CA SER B 217 46.53 6.22 1.88
C SER B 217 46.21 5.12 0.87
N ALA B 218 45.76 3.96 1.35
CA ALA B 218 45.44 2.87 0.44
C ALA B 218 43.94 2.62 0.40
N TYR B 219 43.26 2.93 1.51
CA TYR B 219 41.86 2.55 1.65
C TYR B 219 40.93 3.75 1.81
N TYR B 220 41.44 4.87 2.30
CA TYR B 220 40.60 6.06 2.45
C TYR B 220 40.50 6.81 1.14
N SER B 221 39.73 6.24 0.22
CA SER B 221 39.54 6.81 -1.11
C SER B 221 38.15 7.41 -1.25
N SER B 222 38.04 8.43 -2.09
CA SER B 222 36.79 9.17 -2.25
C SER B 222 35.67 8.31 -2.83
N ASN B 223 36.02 7.29 -3.61
CA ASN B 223 35.01 6.43 -4.22
C ASN B 223 34.40 5.46 -3.23
N LEU B 224 34.99 5.37 -2.04
CA LEU B 224 34.45 4.54 -0.97
C LEU B 224 33.91 5.38 0.17
N MET B 225 33.62 6.66 -0.11
CA MET B 225 33.16 7.57 0.93
C MET B 225 31.76 8.10 0.68
N ALA B 226 31.01 8.25 1.76
CA ALA B 226 29.68 8.86 1.70
C ALA B 226 29.58 9.99 2.74
N VAL B 227 29.06 11.14 2.33
CA VAL B 227 29.02 12.31 3.20
C VAL B 227 27.60 12.87 3.38
N VAL B 228 27.26 13.22 4.61
CA VAL B 228 25.99 13.88 4.89
C VAL B 228 26.20 15.14 5.73
N VAL B 229 25.63 16.25 5.27
CA VAL B 229 25.75 17.52 5.98
C VAL B 229 24.38 18.18 6.18
N LEU B 230 24.07 18.47 7.44
CA LEU B 230 22.81 19.10 7.81
C LEU B 230 23.05 20.47 8.44
N GLY B 231 22.44 21.50 7.86
CA GLY B 231 22.59 22.85 8.38
C GLY B 231 21.44 23.77 8.02
N ARG B 232 21.50 25.00 8.51
CA ARG B 232 20.45 26.00 8.23
C ARG B 232 20.60 26.59 6.83
N GLU B 233 21.83 26.60 6.32
CA GLU B 233 22.15 27.19 5.03
C GLU B 233 21.32 26.58 3.89
N SER B 234 21.13 27.34 2.82
CA SER B 234 20.38 26.86 1.67
C SER B 234 21.12 25.70 1.01
N LEU B 235 20.40 24.91 0.23
CA LEU B 235 20.98 23.74 -0.42
C LEU B 235 22.15 24.09 -1.34
N ASP B 236 22.09 25.27 -1.95
CA ASP B 236 23.15 25.70 -2.85
C ASP B 236 24.40 26.13 -2.08
N ASP B 237 24.19 26.83 -0.96
CA ASP B 237 25.30 27.24 -0.10
C ASP B 237 25.98 26.01 0.50
N LEU B 238 25.16 25.05 0.90
CA LEU B 238 25.66 23.76 1.40
C LEU B 238 26.46 23.04 0.33
N THR B 239 25.95 23.06 -0.90
CA THR B 239 26.65 22.44 -2.02
C THR B 239 28.02 23.08 -2.22
N ASN B 240 28.04 24.41 -2.28
CA ASN B 240 29.29 25.16 -2.45
C ASN B 240 30.29 24.81 -1.35
N LEU B 241 29.79 24.75 -0.12
CA LEU B 241 30.61 24.37 1.03
C LEU B 241 31.25 22.99 0.85
N VAL B 242 30.40 22.01 0.60
CA VAL B 242 30.82 20.62 0.40
C VAL B 242 31.86 20.50 -0.69
N VAL B 243 31.58 21.05 -1.87
CA VAL B 243 32.55 21.05 -2.96
C VAL B 243 33.88 21.64 -2.52
N LYS B 244 33.81 22.87 -2.00
CA LYS B 244 34.96 23.59 -1.46
C LYS B 244 35.79 22.74 -0.48
N LEU B 245 35.17 21.81 0.23
CA LEU B 245 35.94 21.04 1.22
C LEU B 245 36.27 19.58 0.86
N PHE B 246 35.60 19.02 -0.14
CA PHE B 246 35.73 17.60 -0.39
C PHE B 246 35.96 17.25 -1.86
N SER B 247 36.11 18.24 -2.74
CA SER B 247 36.52 17.92 -4.11
C SER B 247 38.00 17.54 -4.13
N GLU B 248 38.72 17.93 -3.09
CA GLU B 248 40.16 17.76 -3.00
C GLU B 248 40.53 16.33 -2.59
N VAL B 249 39.53 15.51 -2.31
CA VAL B 249 39.78 14.17 -1.80
C VAL B 249 40.25 13.21 -2.89
N GLU B 250 41.34 12.51 -2.56
CA GLU B 250 41.99 11.50 -3.39
C GLU B 250 41.02 10.44 -3.92
N ASN B 251 41.26 9.96 -5.14
CA ASN B 251 40.50 8.80 -5.65
C ASN B 251 41.42 7.72 -6.18
N LYS B 252 41.76 6.77 -5.32
CA LYS B 252 42.61 5.65 -5.69
C LYS B 252 41.84 4.63 -6.50
N ASN B 253 40.53 4.83 -6.60
CA ASN B 253 39.62 3.87 -7.21
C ASN B 253 39.82 2.49 -6.59
N VAL B 254 39.50 2.39 -5.31
CA VAL B 254 39.63 1.13 -4.59
C VAL B 254 38.44 0.22 -4.86
N PRO B 255 38.69 -1.02 -5.26
CA PRO B 255 37.61 -2.00 -5.39
C PRO B 255 37.09 -2.42 -4.01
N LEU B 256 35.78 -2.39 -3.85
CA LEU B 256 35.14 -2.63 -2.56
C LEU B 256 35.22 -4.11 -2.19
N PRO B 257 35.80 -4.41 -1.01
CA PRO B 257 36.04 -5.79 -0.55
C PRO B 257 34.78 -6.64 -0.54
N GLU B 258 34.87 -7.85 -1.06
CA GLU B 258 33.76 -8.79 -1.02
C GLU B 258 34.17 -10.12 -0.41
N PHE B 259 33.22 -10.75 0.26
CA PHE B 259 33.47 -12.03 0.92
C PHE B 259 32.38 -13.03 0.54
N PRO B 260 32.51 -13.61 -0.66
CA PRO B 260 31.51 -14.55 -1.19
C PRO B 260 31.50 -15.88 -0.44
N GLU B 261 32.68 -16.34 -0.02
CA GLU B 261 32.77 -17.59 0.73
C GLU B 261 32.37 -17.39 2.18
N HIS B 262 31.41 -18.17 2.64
CA HIS B 262 30.94 -18.09 4.00
C HIS B 262 32.02 -18.55 4.98
N PRO B 263 32.16 -17.85 6.12
CA PRO B 263 33.09 -18.25 7.17
C PRO B 263 32.76 -19.62 7.74
N PHE B 264 31.47 -19.94 7.74
CA PHE B 264 31.02 -21.23 8.24
C PHE B 264 30.83 -22.22 7.09
N GLN B 265 31.83 -23.07 6.89
CA GLN B 265 31.70 -24.14 5.91
C GLN B 265 31.19 -25.39 6.59
N GLU B 266 31.15 -26.51 5.86
CA GLU B 266 30.42 -27.68 6.34
C GLU B 266 31.09 -28.30 7.57
N GLU B 267 32.42 -28.27 7.62
CA GLU B 267 33.12 -28.80 8.79
C GLU B 267 32.89 -27.93 10.03
N HIS B 268 32.29 -26.75 9.82
CA HIS B 268 31.92 -25.88 10.92
C HIS B 268 30.42 -25.91 11.17
N LEU B 269 29.74 -26.92 10.62
CA LEU B 269 28.31 -27.06 10.79
C LEU B 269 27.97 -28.33 11.56
N LYS B 270 26.75 -28.42 12.06
CA LYS B 270 26.31 -29.49 12.93
C LYS B 270 27.24 -29.60 14.14
N GLN B 271 27.65 -28.45 14.66
CA GLN B 271 28.57 -28.39 15.78
C GLN B 271 27.91 -27.80 17.02
N LEU B 272 28.35 -28.28 18.18
CA LEU B 272 27.84 -27.84 19.47
C LEU B 272 28.97 -27.24 20.30
N TYR B 273 28.69 -26.12 20.97
CA TYR B 273 29.68 -25.44 21.78
C TYR B 273 29.16 -25.27 23.20
N LYS B 274 30.02 -25.55 24.19
CA LYS B 274 29.66 -25.37 25.59
C LYS B 274 30.57 -24.35 26.22
N ILE B 275 29.99 -23.25 26.68
CA ILE B 275 30.77 -22.07 27.07
C ILE B 275 30.56 -21.66 28.52
N VAL B 276 31.65 -21.33 29.20
CA VAL B 276 31.57 -20.78 30.55
C VAL B 276 31.50 -19.25 30.49
N PRO B 277 30.42 -18.68 31.04
CA PRO B 277 30.22 -17.23 31.10
C PRO B 277 30.88 -16.60 32.31
N ILE B 278 30.86 -15.28 32.38
CA ILE B 278 31.35 -14.58 33.56
C ILE B 278 30.22 -14.42 34.57
N LYS B 279 29.08 -13.92 34.09
CA LYS B 279 27.88 -13.81 34.92
C LYS B 279 27.18 -15.16 35.03
N ASP B 280 26.33 -15.30 36.04
CA ASP B 280 25.47 -16.47 36.14
C ASP B 280 24.30 -16.33 35.19
N ILE B 281 24.51 -16.77 33.94
CA ILE B 281 23.48 -16.69 32.92
C ILE B 281 23.35 -18.02 32.17
N ARG B 282 22.13 -18.30 31.72
CA ARG B 282 21.89 -19.47 30.88
C ARG B 282 21.35 -19.00 29.54
N ASN B 283 22.08 -19.30 28.46
CA ASN B 283 21.62 -18.88 27.14
C ASN B 283 21.83 -19.93 26.07
N LEU B 284 20.99 -19.90 25.05
CA LEU B 284 21.09 -20.82 23.93
C LEU B 284 21.08 -20.04 22.62
N TYR B 285 22.16 -20.19 21.86
CA TYR B 285 22.30 -19.49 20.59
C TYR B 285 22.29 -20.46 19.43
N VAL B 286 21.24 -20.39 18.61
CA VAL B 286 21.16 -21.20 17.41
C VAL B 286 21.41 -20.35 16.17
N THR B 287 22.37 -20.79 15.35
CA THR B 287 22.83 -20.00 14.22
C THR B 287 22.79 -20.80 12.91
N PHE B 288 22.38 -20.12 11.84
CA PHE B 288 22.37 -20.69 10.49
C PHE B 288 23.15 -19.80 9.54
N PRO B 289 24.06 -20.39 8.75
CA PRO B 289 24.76 -19.63 7.71
C PRO B 289 23.89 -19.41 6.48
N ILE B 290 23.80 -18.17 6.00
CA ILE B 290 22.99 -17.87 4.83
C ILE B 290 23.72 -16.90 3.88
N PRO B 291 23.30 -16.86 2.60
CA PRO B 291 23.89 -15.87 1.67
C PRO B 291 23.47 -14.44 1.97
N ASP B 292 24.07 -13.48 1.28
CA ASP B 292 23.82 -12.07 1.55
C ASP B 292 22.47 -11.60 1.00
N LEU B 293 21.48 -11.47 1.89
CA LEU B 293 20.12 -11.13 1.51
C LEU B 293 19.92 -9.65 1.24
N GLN B 294 20.99 -8.87 1.36
CA GLN B 294 20.90 -7.41 1.22
C GLN B 294 20.24 -6.98 -0.09
N LYS B 295 20.66 -7.58 -1.19
CA LYS B 295 20.14 -7.19 -2.50
C LYS B 295 18.63 -7.46 -2.64
N TYR B 296 18.04 -8.20 -1.70
CA TYR B 296 16.61 -8.45 -1.73
C TYR B 296 15.90 -7.52 -0.74
N TYR B 297 16.43 -6.31 -0.55
CA TYR B 297 15.92 -5.42 0.48
C TYR B 297 14.51 -4.91 0.20
N LYS B 298 14.05 -5.05 -1.05
CA LYS B 298 12.70 -4.63 -1.39
C LYS B 298 11.68 -5.65 -0.91
N SER B 299 12.02 -6.93 -0.99
CA SER B 299 11.15 -7.99 -0.51
C SER B 299 11.42 -8.28 0.96
N ASN B 300 12.70 -8.29 1.32
CA ASN B 300 13.18 -8.54 2.68
C ASN B 300 12.67 -9.82 3.33
N PRO B 301 13.03 -10.97 2.73
CA PRO B 301 12.59 -12.27 3.22
C PRO B 301 13.08 -12.52 4.65
N GLY B 302 14.26 -12.00 4.98
CA GLY B 302 14.81 -12.12 6.30
C GLY B 302 14.00 -11.40 7.36
N HIS B 303 13.51 -10.22 7.03
CA HIS B 303 12.64 -9.50 7.94
C HIS B 303 11.33 -10.25 8.06
N TYR B 304 10.86 -10.84 6.96
CA TYR B 304 9.63 -11.63 7.01
C TYR B 304 9.75 -12.81 7.98
N LEU B 305 10.68 -13.71 7.70
CA LEU B 305 10.90 -14.91 8.51
C LEU B 305 11.28 -14.58 9.94
N GLY B 306 12.10 -13.55 10.11
CA GLY B 306 12.48 -13.09 11.42
C GLY B 306 11.29 -12.64 12.20
N HIS B 307 10.40 -11.89 11.58
CA HIS B 307 9.24 -11.48 12.36
C HIS B 307 8.25 -12.64 12.56
N LEU B 308 8.26 -13.69 11.73
CA LEU B 308 7.42 -14.84 12.10
C LEU B 308 8.04 -15.62 13.28
N ILE B 309 9.34 -15.88 13.24
CA ILE B 309 10.00 -16.64 14.32
C ILE B 309 10.01 -15.90 15.66
N GLY B 310 10.42 -14.63 15.61
CA GLY B 310 10.60 -13.85 16.83
C GLY B 310 9.32 -13.30 17.43
N HIS B 311 8.19 -13.76 16.93
CA HIS B 311 6.89 -13.28 17.38
C HIS B 311 6.63 -13.71 18.83
N GLU B 312 5.97 -12.85 19.59
CA GLU B 312 5.71 -13.10 21.00
C GLU B 312 4.22 -13.14 21.33
N GLY B 313 3.39 -13.11 20.30
CA GLY B 313 1.96 -13.21 20.48
C GLY B 313 1.52 -14.65 20.67
N PRO B 314 0.24 -14.87 20.96
CA PRO B 314 -0.29 -16.22 21.23
C PRO B 314 -0.06 -17.19 20.06
N GLY B 315 0.35 -18.41 20.39
CA GLY B 315 0.59 -19.44 19.40
C GLY B 315 2.01 -19.48 18.90
N SER B 316 2.83 -18.52 19.32
CA SER B 316 4.20 -18.42 18.86
C SER B 316 5.14 -19.36 19.61
N LEU B 317 6.27 -19.64 18.98
CA LEU B 317 7.31 -20.49 19.56
C LEU B 317 7.71 -20.02 20.96
N LEU B 318 7.93 -18.72 21.10
CA LEU B 318 8.29 -18.14 22.40
C LEU B 318 7.24 -18.47 23.45
N SER B 319 5.98 -18.23 23.12
CA SER B 319 4.89 -18.49 24.05
C SER B 319 4.84 -19.97 24.44
N GLU B 320 5.04 -20.86 23.47
CA GLU B 320 5.01 -22.28 23.78
C GLU B 320 6.17 -22.70 24.68
N LEU B 321 7.37 -22.28 24.33
CA LEU B 321 8.57 -22.61 25.10
C LEU B 321 8.52 -22.02 26.50
N LYS B 322 7.86 -20.88 26.63
CA LYS B 322 7.68 -20.23 27.92
C LYS B 322 6.65 -21.00 28.75
N SER B 323 5.65 -21.54 28.05
CA SER B 323 4.63 -22.39 28.69
C SER B 323 5.27 -23.66 29.25
N LYS B 324 6.22 -24.22 28.50
CA LYS B 324 6.97 -25.37 28.96
C LYS B 324 7.83 -25.07 30.19
N GLY B 325 8.04 -23.78 30.47
CA GLY B 325 8.89 -23.36 31.56
C GLY B 325 10.35 -23.51 31.20
N TRP B 326 10.66 -23.39 29.91
CA TRP B 326 12.02 -23.59 29.43
C TRP B 326 12.73 -22.28 29.13
N VAL B 327 11.99 -21.31 28.59
CA VAL B 327 12.58 -20.02 28.27
C VAL B 327 11.79 -18.86 28.89
N ASN B 328 12.33 -17.66 28.76
CA ASN B 328 11.66 -16.44 29.17
C ASN B 328 11.66 -15.44 28.03
N THR B 329 12.80 -15.33 27.36
CA THR B 329 12.95 -14.43 26.23
C THR B 329 13.61 -15.10 25.02
N LEU B 330 13.14 -14.72 23.85
CA LEU B 330 13.61 -15.23 22.57
C LEU B 330 13.82 -14.08 21.59
N VAL B 331 14.82 -14.19 20.73
CA VAL B 331 14.98 -13.30 19.60
C VAL B 331 15.27 -14.11 18.33
N GLY B 332 14.72 -13.67 17.22
CA GLY B 332 14.89 -14.42 15.97
C GLY B 332 14.93 -13.50 14.77
N GLY B 333 15.80 -13.83 13.81
CA GLY B 333 15.87 -13.04 12.59
C GLY B 333 17.22 -13.01 11.91
N GLN B 334 17.36 -12.16 10.91
CA GLN B 334 18.60 -12.08 10.15
C GLN B 334 19.65 -11.24 10.87
N LYS B 335 20.82 -11.81 11.07
CA LYS B 335 21.96 -11.07 11.60
C LYS B 335 22.93 -10.79 10.47
N GLU B 336 23.33 -9.54 10.33
CA GLU B 336 24.21 -9.14 9.25
C GLU B 336 25.62 -9.71 9.45
N GLY B 337 26.27 -10.06 8.35
CA GLY B 337 27.65 -10.51 8.40
C GLY B 337 28.54 -9.52 7.67
N ALA B 338 28.55 -9.63 6.35
CA ALA B 338 29.26 -8.70 5.47
C ALA B 338 28.77 -8.89 4.03
N ARG B 339 29.39 -8.14 3.11
CA ARG B 339 29.15 -8.34 1.69
C ARG B 339 29.34 -9.83 1.51
N GLY B 340 28.42 -10.47 0.79
CA GLY B 340 28.56 -11.87 0.49
C GLY B 340 28.05 -12.95 1.43
N PHE B 341 27.85 -12.60 2.70
CA PHE B 341 27.35 -13.57 3.66
C PHE B 341 26.61 -12.97 4.85
N MET B 342 25.66 -13.73 5.37
CA MET B 342 24.87 -13.34 6.53
C MET B 342 24.55 -14.53 7.40
N PHE B 343 23.85 -14.26 8.50
CA PHE B 343 23.41 -15.31 9.40
C PHE B 343 21.92 -15.19 9.69
N PHE B 344 21.32 -16.27 10.17
CA PHE B 344 19.98 -16.23 10.72
C PHE B 344 20.02 -16.86 12.11
N ILE B 345 19.47 -16.17 13.09
CA ILE B 345 19.62 -16.62 14.47
C ILE B 345 18.30 -16.80 15.20
N ILE B 346 18.31 -17.76 16.11
CA ILE B 346 17.29 -17.92 17.11
C ILE B 346 17.98 -18.08 18.44
N ASN B 347 17.86 -17.08 19.31
CA ASN B 347 18.51 -17.12 20.62
C ASN B 347 17.48 -17.03 21.74
N VAL B 348 17.72 -17.77 22.82
CA VAL B 348 16.82 -17.75 23.96
C VAL B 348 17.59 -17.70 25.27
N ASP B 349 16.92 -17.30 26.35
CA ASP B 349 17.53 -17.48 27.67
C ASP B 349 16.92 -18.74 28.30
N LEU B 350 17.71 -19.47 29.07
CA LEU B 350 17.27 -20.74 29.61
C LEU B 350 16.93 -20.66 31.09
N THR B 351 15.94 -21.44 31.49
CA THR B 351 15.62 -21.65 32.90
C THR B 351 16.40 -22.86 33.39
N GLU B 352 16.39 -23.07 34.70
CA GLU B 352 17.04 -24.24 35.29
C GLU B 352 16.60 -25.50 34.58
N GLU B 353 15.32 -25.58 34.26
CA GLU B 353 14.74 -26.74 33.61
C GLU B 353 15.00 -26.72 32.11
N GLY B 354 14.90 -25.54 31.50
CA GLY B 354 15.18 -25.39 30.09
C GLY B 354 16.62 -25.74 29.76
N LEU B 355 17.48 -25.60 30.75
CA LEU B 355 18.89 -25.97 30.62
C LEU B 355 19.04 -27.49 30.42
N LEU B 356 18.11 -28.24 30.98
CA LEU B 356 18.13 -29.69 30.88
C LEU B 356 17.37 -30.21 29.65
N HIS B 357 16.83 -29.30 28.85
CA HIS B 357 15.99 -29.70 27.73
C HIS B 357 16.27 -28.95 26.44
N VAL B 358 17.55 -28.67 26.20
CA VAL B 358 17.99 -27.95 25.01
C VAL B 358 17.57 -28.68 23.73
N GLU B 359 17.78 -29.99 23.70
CA GLU B 359 17.42 -30.81 22.55
C GLU B 359 15.94 -30.65 22.21
N ASP B 360 15.08 -30.76 23.23
CA ASP B 360 13.64 -30.59 23.06
C ASP B 360 13.29 -29.18 22.56
N ILE B 361 13.92 -28.17 23.15
CA ILE B 361 13.70 -26.78 22.72
C ILE B 361 13.99 -26.61 21.23
N ILE B 362 15.15 -27.09 20.80
CA ILE B 362 15.55 -27.00 19.40
C ILE B 362 14.58 -27.77 18.51
N LEU B 363 14.13 -28.93 18.99
CA LEU B 363 13.11 -29.70 18.29
C LEU B 363 11.86 -28.85 18.05
N HIS B 364 11.41 -28.17 19.09
CA HIS B 364 10.28 -27.25 18.98
C HIS B 364 10.54 -26.16 17.94
N MET B 365 11.77 -25.64 17.94
CA MET B 365 12.15 -24.64 16.95
C MET B 365 11.94 -25.15 15.53
N PHE B 366 12.53 -26.30 15.22
CA PHE B 366 12.42 -26.86 13.88
C PHE B 366 10.96 -27.24 13.54
N GLN B 367 10.20 -27.64 14.55
CA GLN B 367 8.79 -27.92 14.35
C GLN B 367 8.03 -26.69 13.89
N TYR B 368 8.28 -25.56 14.56
CA TYR B 368 7.69 -24.28 14.14
C TYR B 368 8.13 -23.93 12.73
N ILE B 369 9.42 -24.12 12.46
CA ILE B 369 9.99 -23.82 11.15
C ILE B 369 9.29 -24.60 10.03
N GLN B 370 8.99 -25.88 10.30
CA GLN B 370 8.34 -26.68 9.27
C GLN B 370 6.82 -26.49 9.27
N LYS B 371 6.29 -25.89 10.33
CA LYS B 371 4.90 -25.41 10.26
C LYS B 371 4.85 -24.27 9.26
N LEU B 372 5.82 -23.37 9.35
CA LEU B 372 5.96 -22.30 8.36
C LEU B 372 6.12 -22.86 6.96
N ARG B 373 7.04 -23.81 6.82
CA ARG B 373 7.29 -24.47 5.54
C ARG B 373 6.02 -25.09 4.97
N ALA B 374 5.23 -25.72 5.83
CA ALA B 374 4.03 -26.43 5.40
C ALA B 374 2.91 -25.49 4.99
N GLU B 375 2.69 -24.43 5.77
CA GLU B 375 1.62 -23.50 5.45
C GLU B 375 1.99 -22.57 4.30
N GLY B 376 3.28 -22.40 4.05
CA GLY B 376 3.75 -21.55 2.97
C GLY B 376 3.51 -20.07 3.22
N PRO B 377 4.27 -19.21 2.53
CA PRO B 377 4.31 -17.75 2.72
C PRO B 377 2.94 -17.08 2.76
N GLN B 378 2.76 -16.14 3.69
CA GLN B 378 1.46 -15.49 3.86
C GLN B 378 1.49 -14.00 3.47
N GLU B 379 0.84 -13.73 2.34
CA GLU B 379 0.84 -12.42 1.74
C GLU B 379 0.17 -11.38 2.58
N TRP B 380 -0.89 -11.74 3.31
CA TRP B 380 -1.55 -10.78 4.18
C TRP B 380 -0.59 -10.33 5.27
N VAL B 381 0.31 -11.24 5.69
CA VAL B 381 1.35 -10.89 6.64
C VAL B 381 2.29 -9.88 6.01
N PHE B 382 2.79 -10.20 4.81
CA PHE B 382 3.65 -9.23 4.12
C PHE B 382 2.95 -7.88 3.98
N GLN B 383 1.72 -7.92 3.48
CA GLN B 383 0.91 -6.71 3.51
C GLN B 383 0.92 -5.87 4.78
N GLU B 384 0.57 -6.55 5.88
CA GLU B 384 0.45 -5.92 7.18
C GLU B 384 1.76 -5.22 7.52
N LEU B 385 2.87 -5.91 7.28
CA LEU B 385 4.19 -5.36 7.57
C LEU B 385 4.47 -4.12 6.73
N LYS B 386 4.19 -4.21 5.43
CA LYS B 386 4.43 -3.10 4.52
C LYS B 386 3.63 -1.85 4.91
N ASP B 387 2.34 -2.02 5.17
CA ASP B 387 1.48 -0.89 5.52
C ASP B 387 1.87 -0.28 6.87
N LEU B 388 2.19 -1.15 7.82
CA LEU B 388 2.63 -0.70 9.13
C LEU B 388 3.90 0.14 9.01
N ASN B 389 4.82 -0.32 8.16
CA ASN B 389 6.04 0.42 7.86
C ASN B 389 5.75 1.75 7.16
N ALA B 390 4.68 1.78 6.37
CA ALA B 390 4.29 3.01 5.68
C ALA B 390 3.83 4.06 6.68
N VAL B 391 2.97 3.65 7.61
CA VAL B 391 2.52 4.56 8.66
C VAL B 391 3.71 5.01 9.51
N ALA B 392 4.54 4.05 9.90
CA ALA B 392 5.72 4.32 10.72
C ALA B 392 6.64 5.35 10.06
N PHE B 393 6.84 5.21 8.75
CA PHE B 393 7.70 6.13 8.03
C PHE B 393 7.06 7.50 7.88
N ARG B 394 5.76 7.55 7.63
CA ARG B 394 5.11 8.84 7.38
C ARG B 394 5.05 9.65 8.67
N PHE B 395 4.72 9.01 9.78
CA PHE B 395 4.63 9.70 11.06
C PHE B 395 5.91 9.64 11.88
N LYS B 396 7.02 9.41 11.19
CA LYS B 396 8.33 9.30 11.81
C LYS B 396 8.70 10.51 12.67
N ASP B 397 9.19 10.26 13.88
CA ASP B 397 9.67 11.31 14.76
C ASP B 397 10.90 12.00 14.16
N LYS B 398 10.99 13.31 14.30
CA LYS B 398 12.13 14.05 13.76
C LYS B 398 13.39 13.71 14.57
N GLU B 399 14.48 13.41 13.86
CA GLU B 399 15.67 12.85 14.48
C GLU B 399 16.68 13.91 14.90
N ARG B 400 17.58 13.50 15.79
CA ARG B 400 18.70 14.34 16.18
C ARG B 400 19.75 14.33 15.08
N PRO B 401 20.30 15.50 14.75
CA PRO B 401 21.19 15.72 13.61
C PRO B 401 22.38 14.77 13.57
N ARG B 402 23.07 14.59 14.69
CA ARG B 402 24.26 13.75 14.74
C ARG B 402 23.98 12.32 14.26
N GLY B 403 23.11 11.63 15.00
CA GLY B 403 22.73 10.28 14.65
C GLY B 403 22.12 10.17 13.27
N TYR B 404 21.38 11.20 12.88
CA TYR B 404 20.75 11.23 11.57
C TYR B 404 21.80 11.19 10.46
N THR B 405 22.69 12.18 10.45
CA THR B 405 23.75 12.27 9.45
C THR B 405 24.63 11.03 9.46
N SER B 406 24.95 10.54 10.65
CA SER B 406 25.76 9.33 10.78
C SER B 406 25.10 8.14 10.09
N LYS B 407 23.87 7.85 10.47
CA LYS B 407 23.13 6.72 9.90
C LYS B 407 22.98 6.84 8.39
N ILE B 408 22.56 8.01 7.91
CA ILE B 408 22.35 8.23 6.49
C ILE B 408 23.65 8.05 5.70
N ALA B 409 24.74 8.64 6.20
CA ALA B 409 26.05 8.45 5.60
C ALA B 409 26.42 6.98 5.57
N GLY B 410 25.93 6.23 6.56
CA GLY B 410 26.15 4.80 6.59
C GLY B 410 25.40 4.05 5.50
N ILE B 411 24.14 4.40 5.30
CA ILE B 411 23.30 3.65 4.36
C ILE B 411 23.38 4.18 2.92
N LEU B 412 24.16 5.25 2.72
CA LEU B 412 24.34 5.80 1.38
C LEU B 412 25.10 4.86 0.43
N HIS B 413 25.84 3.91 1.02
CA HIS B 413 26.64 2.97 0.24
C HIS B 413 25.79 1.83 -0.31
N TYR B 414 24.52 1.76 0.10
CA TYR B 414 23.70 0.61 -0.20
C TYR B 414 22.48 0.94 -1.05
N TYR B 415 22.18 2.23 -1.18
CA TYR B 415 20.99 2.65 -1.91
C TYR B 415 21.25 3.89 -2.75
N PRO B 416 20.59 3.99 -3.91
CA PRO B 416 20.68 5.18 -4.77
C PRO B 416 20.20 6.44 -4.03
N LEU B 417 20.66 7.59 -4.50
CA LEU B 417 20.53 8.85 -3.78
C LEU B 417 19.09 9.23 -3.46
N GLU B 418 18.16 8.87 -4.34
CA GLU B 418 16.77 9.27 -4.18
C GLU B 418 15.99 8.28 -3.30
N GLU B 419 16.63 7.20 -2.90
CA GLU B 419 15.93 6.14 -2.16
C GLU B 419 16.33 6.03 -0.70
N VAL B 420 17.42 6.68 -0.30
CA VAL B 420 18.03 6.46 1.01
C VAL B 420 17.10 6.68 2.21
N LEU B 421 16.20 7.65 2.11
CA LEU B 421 15.33 8.00 3.23
C LEU B 421 14.24 6.95 3.47
N THR B 422 13.79 6.32 2.39
CA THR B 422 12.72 5.33 2.46
C THR B 422 13.26 3.91 2.45
N ALA B 423 14.55 3.78 2.21
CA ALA B 423 15.18 2.50 1.90
C ALA B 423 14.96 1.44 2.98
N GLU B 424 15.28 1.78 4.22
CA GLU B 424 15.20 0.81 5.29
C GLU B 424 13.86 0.86 6.02
N TYR B 425 12.90 1.53 5.42
CA TYR B 425 11.55 1.62 5.99
C TYR B 425 10.52 0.83 5.18
N LEU B 426 10.53 1.02 3.86
CA LEU B 426 9.44 0.52 3.03
C LEU B 426 9.76 -0.79 2.31
N LEU B 427 8.87 -1.77 2.49
CA LEU B 427 8.89 -2.97 1.67
C LEU B 427 8.04 -2.68 0.44
N GLU B 428 8.41 -3.22 -0.72
CA GLU B 428 7.66 -2.90 -1.93
C GLU B 428 6.88 -4.07 -2.52
N GLU B 429 7.55 -5.21 -2.73
CA GLU B 429 6.91 -6.35 -3.37
C GLU B 429 7.12 -7.67 -2.63
N PHE B 430 6.11 -8.52 -2.64
CA PHE B 430 6.15 -9.80 -1.94
C PHE B 430 6.75 -10.90 -2.80
N ARG B 431 7.81 -11.53 -2.30
CA ARG B 431 8.48 -12.61 -3.04
C ARG B 431 8.57 -13.93 -2.28
N PRO B 432 7.49 -14.71 -2.37
CA PRO B 432 7.32 -16.01 -1.72
C PRO B 432 8.47 -16.95 -2.02
N ASP B 433 8.98 -16.90 -3.25
CA ASP B 433 10.10 -17.75 -3.66
C ASP B 433 11.34 -17.47 -2.83
N LEU B 434 11.66 -16.19 -2.64
CA LEU B 434 12.75 -15.81 -1.76
C LEU B 434 12.47 -16.30 -0.35
N ILE B 435 11.22 -16.16 0.10
CA ILE B 435 10.87 -16.66 1.43
C ILE B 435 11.23 -18.16 1.58
N GLU B 436 10.70 -19.00 0.67
CA GLU B 436 10.94 -20.44 0.73
C GLU B 436 12.42 -20.77 0.56
N MET B 437 13.14 -19.92 -0.17
CA MET B 437 14.56 -20.14 -0.41
C MET B 437 15.39 -19.94 0.86
N VAL B 438 15.11 -18.86 1.57
CA VAL B 438 15.81 -18.60 2.82
C VAL B 438 15.40 -19.64 3.86
N LEU B 439 14.10 -19.93 3.89
CA LEU B 439 13.53 -20.90 4.81
C LEU B 439 14.11 -22.30 4.59
N ASP B 440 14.53 -22.54 3.35
CA ASP B 440 15.14 -23.81 2.98
C ASP B 440 16.54 -23.99 3.57
N LYS B 441 17.15 -22.88 3.96
CA LYS B 441 18.50 -22.91 4.52
C LYS B 441 18.49 -23.21 6.01
N LEU B 442 17.32 -23.05 6.64
CA LEU B 442 17.19 -23.28 8.08
C LEU B 442 16.87 -24.74 8.38
N ARG B 443 17.90 -25.58 8.36
CA ARG B 443 17.73 -27.02 8.54
C ARG B 443 18.79 -27.59 9.50
N PRO B 444 18.50 -28.75 10.12
CA PRO B 444 19.40 -29.37 11.09
C PRO B 444 20.81 -29.68 10.58
N GLU B 445 20.95 -29.98 9.29
CA GLU B 445 22.26 -30.27 8.72
C GLU B 445 23.07 -29.00 8.54
N ASN B 446 22.40 -27.86 8.71
CA ASN B 446 22.99 -26.56 8.43
C ASN B 446 23.05 -25.69 9.69
N VAL B 447 23.15 -26.33 10.86
CA VAL B 447 22.97 -25.60 12.11
C VAL B 447 24.24 -25.54 12.97
N ARG B 448 24.37 -24.46 13.74
CA ARG B 448 25.39 -24.33 14.77
C ARG B 448 24.74 -24.01 16.10
N VAL B 449 25.06 -24.78 17.13
CA VAL B 449 24.42 -24.62 18.43
C VAL B 449 25.43 -24.23 19.51
N ALA B 450 25.09 -23.21 20.29
CA ALA B 450 25.93 -22.78 21.39
C ALA B 450 25.14 -22.72 22.70
N ILE B 451 25.72 -23.25 23.77
CA ILE B 451 25.08 -23.24 25.08
C ILE B 451 25.98 -22.55 26.10
N VAL B 452 25.42 -21.57 26.81
CA VAL B 452 26.16 -20.79 27.80
C VAL B 452 25.61 -21.01 29.19
N SER B 453 26.42 -21.63 30.05
CA SER B 453 26.02 -21.97 31.41
C SER B 453 27.22 -22.11 32.33
N LYS B 454 27.03 -21.76 33.59
CA LYS B 454 28.09 -21.91 34.58
C LYS B 454 28.38 -23.38 34.89
N SER B 455 27.40 -24.23 34.59
CA SER B 455 27.52 -25.66 34.83
C SER B 455 28.65 -26.33 34.05
N PHE B 456 29.25 -25.59 33.13
CA PHE B 456 30.35 -26.11 32.33
C PHE B 456 31.69 -25.82 32.98
N GLU B 457 31.67 -25.12 34.11
CA GLU B 457 32.89 -24.76 34.82
C GLU B 457 33.70 -26.00 35.15
N GLY B 458 34.95 -26.01 34.69
CA GLY B 458 35.86 -27.12 34.93
C GLY B 458 35.56 -28.33 34.07
N LYS B 459 34.72 -28.15 33.05
CA LYS B 459 34.37 -29.25 32.15
C LYS B 459 34.74 -28.93 30.71
N THR B 460 35.45 -27.82 30.51
CA THR B 460 35.86 -27.39 29.18
C THR B 460 37.32 -27.72 28.95
N ASP B 461 37.77 -27.58 27.70
CA ASP B 461 39.16 -27.91 27.38
C ASP B 461 39.83 -26.88 26.48
N ARG B 462 39.03 -26.08 25.78
CA ARG B 462 39.56 -25.04 24.89
C ARG B 462 39.46 -23.64 25.49
N THR B 463 40.29 -22.74 24.96
CA THR B 463 40.38 -21.37 25.45
C THR B 463 40.50 -20.39 24.29
N GLU B 464 39.60 -19.43 24.21
CA GLU B 464 39.70 -18.39 23.18
C GLU B 464 40.90 -17.51 23.45
N GLU B 465 41.67 -17.18 22.42
CA GLU B 465 42.96 -16.55 22.61
C GLU B 465 42.89 -15.10 23.07
N TRP B 466 41.95 -14.34 22.54
CA TRP B 466 41.89 -12.90 22.81
C TRP B 466 41.10 -12.52 24.07
N TYR B 467 40.19 -13.40 24.48
CA TYR B 467 39.35 -13.09 25.64
C TYR B 467 39.52 -14.12 26.76
N GLY B 468 40.14 -15.24 26.46
CA GLY B 468 40.39 -16.27 27.45
C GLY B 468 39.13 -17.04 27.81
N THR B 469 38.22 -17.16 26.85
CA THR B 469 36.94 -17.81 27.07
C THR B 469 37.10 -19.32 27.20
N GLN B 470 36.66 -19.86 28.33
CA GLN B 470 36.69 -21.30 28.56
C GLN B 470 35.53 -21.98 27.82
N TYR B 471 35.83 -22.84 26.86
CA TYR B 471 34.76 -23.51 26.12
C TYR B 471 35.14 -24.91 25.64
N LYS B 472 34.17 -25.61 25.08
CA LYS B 472 34.37 -26.97 24.60
C LYS B 472 33.59 -27.19 23.31
N GLN B 473 34.22 -27.81 22.32
CA GLN B 473 33.56 -28.04 21.04
C GLN B 473 33.32 -29.52 20.78
N GLU B 474 32.06 -29.86 20.53
CA GLU B 474 31.67 -31.22 20.15
C GLU B 474 30.96 -31.22 18.81
N ALA B 475 30.86 -32.37 18.18
CA ALA B 475 30.05 -32.51 16.97
C ALA B 475 28.72 -33.14 17.34
N ILE B 476 27.62 -32.55 16.86
CA ILE B 476 26.30 -33.06 17.20
C ILE B 476 26.05 -34.40 16.51
N PRO B 477 25.63 -35.41 17.28
CA PRO B 477 25.40 -36.75 16.73
C PRO B 477 24.29 -36.86 15.68
N ASP B 478 24.55 -37.76 14.73
CA ASP B 478 23.66 -38.01 13.60
C ASP B 478 22.26 -38.37 14.05
N GLU B 479 22.14 -39.04 15.20
CA GLU B 479 20.84 -39.42 15.73
C GLU B 479 20.02 -38.18 16.06
N VAL B 480 20.67 -37.20 16.68
CA VAL B 480 20.00 -35.96 17.04
C VAL B 480 19.66 -35.16 15.79
N ILE B 481 20.62 -35.07 14.86
CA ILE B 481 20.35 -34.32 13.62
C ILE B 481 19.17 -34.96 12.88
N LYS B 482 19.16 -36.28 12.81
CA LYS B 482 18.11 -37.03 12.12
C LYS B 482 16.76 -36.81 12.80
N LYS B 483 16.77 -36.81 14.13
CA LYS B 483 15.55 -36.59 14.89
C LYS B 483 15.00 -35.19 14.63
N TRP B 484 15.89 -34.22 14.44
CA TRP B 484 15.46 -32.86 14.11
C TRP B 484 15.01 -32.74 12.66
N GLN B 485 15.55 -33.59 11.80
CA GLN B 485 15.18 -33.56 10.38
C GLN B 485 13.79 -34.17 10.19
N ASN B 486 13.34 -34.93 11.19
CA ASN B 486 12.00 -35.52 11.16
C ASN B 486 11.03 -34.68 11.97
N ALA B 487 11.30 -33.37 12.04
CA ALA B 487 10.46 -32.43 12.76
C ALA B 487 9.02 -32.51 12.27
N ASP B 488 8.12 -32.76 13.21
CA ASP B 488 6.69 -32.75 12.93
C ASP B 488 6.23 -31.29 12.84
N LEU B 489 4.92 -31.08 12.71
CA LEU B 489 4.34 -29.75 12.90
C LEU B 489 3.12 -29.92 13.81
N ASN B 490 3.01 -29.09 14.84
CA ASN B 490 2.12 -29.40 15.94
C ASN B 490 0.96 -28.43 16.18
N GLY B 491 0.00 -28.87 16.99
CA GLY B 491 -1.11 -28.04 17.38
C GLY B 491 -0.76 -27.13 18.55
N LYS B 492 0.53 -27.05 18.84
CA LYS B 492 1.05 -26.16 19.87
C LYS B 492 1.24 -24.77 19.28
N PHE B 493 1.42 -24.74 17.97
CA PHE B 493 1.79 -23.51 17.27
C PHE B 493 0.67 -23.01 16.37
N LYS B 494 0.28 -21.76 16.60
CA LYS B 494 -0.69 -21.09 15.75
C LYS B 494 -0.04 -19.85 15.14
N LEU B 495 -0.27 -19.64 13.85
CA LEU B 495 0.25 -18.44 13.21
C LEU B 495 -0.43 -17.21 13.79
N PRO B 496 0.26 -16.05 13.75
CA PRO B 496 -0.30 -14.81 14.31
C PRO B 496 -1.62 -14.39 13.67
N THR B 497 -2.57 -13.99 14.52
CA THR B 497 -3.83 -13.46 14.03
C THR B 497 -3.61 -12.05 13.48
N LYS B 498 -4.61 -11.53 12.78
CA LYS B 498 -4.53 -10.18 12.23
C LYS B 498 -4.39 -9.15 13.36
N ASN B 499 -3.39 -8.28 13.22
CA ASN B 499 -3.12 -7.27 14.23
C ASN B 499 -4.25 -6.26 14.32
N GLU B 500 -4.82 -6.13 15.51
CA GLU B 500 -5.97 -5.24 15.71
C GLU B 500 -5.61 -4.00 16.49
N PHE B 501 -4.32 -3.81 16.76
CA PHE B 501 -3.86 -2.58 17.41
C PHE B 501 -3.45 -1.55 16.37
N ILE B 502 -3.57 -1.91 15.10
CA ILE B 502 -3.21 -1.02 14.00
C ILE B 502 -4.02 0.26 14.08
N PRO B 503 -3.34 1.40 14.19
CA PRO B 503 -3.98 2.71 14.32
C PRO B 503 -4.74 3.13 13.05
N THR B 504 -5.92 3.71 13.24
CA THR B 504 -6.74 4.17 12.13
C THR B 504 -6.95 5.68 12.21
N ASN B 505 -7.21 6.17 13.41
CA ASN B 505 -7.43 7.60 13.62
C ASN B 505 -6.12 8.38 13.70
N PHE B 506 -5.80 9.10 12.64
CA PHE B 506 -4.58 9.90 12.59
C PHE B 506 -4.89 11.38 12.65
N GLU B 507 -6.15 11.70 12.94
CA GLU B 507 -6.61 13.09 12.99
C GLU B 507 -5.93 13.87 14.11
N ILE B 508 -5.20 14.92 13.73
CA ILE B 508 -4.63 15.82 14.71
C ILE B 508 -5.70 16.81 15.15
N LEU B 509 -6.11 16.72 16.41
CA LEU B 509 -7.16 17.58 16.94
C LEU B 509 -6.69 19.02 16.99
N PRO B 510 -7.54 19.96 16.57
CA PRO B 510 -7.22 21.39 16.54
C PRO B 510 -6.87 21.95 17.92
N LEU B 511 -6.06 23.00 17.93
CA LEU B 511 -5.56 23.59 19.17
C LEU B 511 -6.65 24.35 19.92
N GLU B 512 -6.82 24.03 21.20
CA GLU B 512 -7.86 24.65 22.02
C GLU B 512 -7.61 26.13 22.25
N LYS B 513 -8.68 26.89 22.44
CA LYS B 513 -8.57 28.32 22.64
C LYS B 513 -7.86 28.64 23.96
N GLU B 514 -8.02 27.76 24.94
CA GLU B 514 -7.34 27.92 26.22
C GLU B 514 -6.12 26.99 26.31
N ALA B 515 -5.47 26.75 25.18
CA ALA B 515 -4.26 25.94 25.15
C ALA B 515 -3.14 26.64 25.90
N THR B 516 -2.19 25.87 26.39
CA THR B 516 -1.11 26.41 27.21
C THR B 516 0.27 26.06 26.66
N PRO B 517 1.20 27.02 26.73
CA PRO B 517 2.60 26.83 26.31
C PRO B 517 3.31 25.77 27.14
N TYR B 518 3.15 25.84 28.46
CA TYR B 518 3.72 24.85 29.36
C TYR B 518 2.60 24.02 29.96
N PRO B 519 2.92 22.81 30.46
CA PRO B 519 1.90 21.97 31.08
C PRO B 519 1.19 22.68 32.22
N ALA B 520 -0.14 22.61 32.22
CA ALA B 520 -0.92 23.25 33.26
C ALA B 520 -1.52 22.22 34.21
N LEU B 521 -1.56 22.54 35.49
CA LEU B 521 -2.20 21.69 36.47
C LEU B 521 -3.72 21.79 36.34
N ILE B 522 -4.35 20.73 35.84
CA ILE B 522 -5.77 20.77 35.57
C ILE B 522 -6.57 19.88 36.51
N LYS B 523 -5.88 19.24 37.46
CA LYS B 523 -6.57 18.46 38.48
C LYS B 523 -5.69 18.32 39.72
N ASP B 524 -6.25 18.60 40.89
CA ASP B 524 -5.50 18.51 42.13
C ASP B 524 -6.38 18.00 43.28
N THR B 525 -6.68 16.71 43.25
CA THR B 525 -7.42 16.07 44.33
C THR B 525 -6.45 15.41 45.29
N ALA B 526 -6.97 14.89 46.40
CA ALA B 526 -6.15 14.16 47.35
C ALA B 526 -5.72 12.84 46.73
N MET B 527 -6.43 12.43 45.69
CA MET B 527 -6.12 11.21 44.96
C MET B 527 -5.01 11.42 43.94
N SER B 528 -5.04 12.52 43.21
CA SER B 528 -4.09 12.71 42.12
C SER B 528 -3.86 14.14 41.63
N LYS B 529 -2.65 14.40 41.14
CA LYS B 529 -2.30 15.63 40.47
C LYS B 529 -2.11 15.38 38.96
N LEU B 530 -2.80 16.17 38.14
CA LEU B 530 -2.75 15.95 36.69
C LEU B 530 -2.20 17.15 35.95
N TRP B 531 -1.09 16.93 35.25
CA TRP B 531 -0.51 17.95 34.37
C TRP B 531 -0.88 17.64 32.93
N PHE B 532 -1.30 18.68 32.20
CA PHE B 532 -1.73 18.50 30.82
C PHE B 532 -1.06 19.50 29.88
N LYS B 533 -0.70 19.03 28.70
CA LYS B 533 -0.11 19.87 27.68
C LYS B 533 -0.46 19.35 26.30
N GLN B 534 -1.23 20.13 25.55
CA GLN B 534 -1.56 19.79 24.17
C GLN B 534 -0.39 20.15 23.26
N ASP B 535 0.09 19.18 22.50
CA ASP B 535 1.24 19.38 21.62
C ASP B 535 1.00 20.48 20.59
N ASP B 536 1.89 21.46 20.54
CA ASP B 536 1.75 22.60 19.65
C ASP B 536 2.99 22.83 18.80
N LYS B 537 3.85 21.82 18.68
CA LYS B 537 5.10 21.99 17.94
C LYS B 537 5.28 20.94 16.84
N PHE B 538 4.88 19.71 17.11
CA PHE B 538 5.19 18.60 16.21
C PHE B 538 3.99 18.15 15.41
N PHE B 539 2.81 18.19 16.04
CA PHE B 539 1.55 17.86 15.37
C PHE B 539 1.55 16.49 14.71
N LEU B 540 1.93 15.47 15.47
CA LEU B 540 1.84 14.09 15.03
C LEU B 540 0.74 13.38 15.80
N PRO B 541 0.15 12.33 15.21
CA PRO B 541 -0.92 11.58 15.89
C PRO B 541 -0.39 10.70 17.03
N LYS B 542 0.32 11.30 17.97
CA LYS B 542 0.93 10.55 19.06
C LYS B 542 0.68 11.20 20.41
N ALA B 543 1.09 10.52 21.47
CA ALA B 543 0.88 10.97 22.84
C ALA B 543 1.79 10.23 23.82
N ASN B 544 2.13 10.92 24.89
CA ASN B 544 2.89 10.37 25.99
C ASN B 544 2.12 10.54 27.30
N LEU B 545 1.75 9.41 27.90
CA LEU B 545 0.98 9.40 29.14
C LEU B 545 1.85 8.87 30.27
N ASN B 546 2.32 9.77 31.13
CA ASN B 546 3.19 9.40 32.24
C ASN B 546 2.45 9.38 33.57
N PHE B 547 2.78 8.40 34.40
CA PHE B 547 2.09 8.17 35.67
C PHE B 547 3.06 7.75 36.76
N GLU B 548 3.09 8.53 37.84
CA GLU B 548 3.85 8.16 39.03
C GLU B 548 2.89 7.79 40.16
N PHE B 549 2.96 6.53 40.59
CA PHE B 549 2.13 6.03 41.68
C PHE B 549 2.93 6.00 42.98
N PHE B 550 2.44 6.75 43.97
CA PHE B 550 3.11 6.89 45.26
C PHE B 550 2.51 5.97 46.31
N SER B 551 3.37 5.12 46.88
CA SER B 551 3.04 4.29 48.03
C SER B 551 4.27 3.95 48.87
N PRO B 552 4.23 4.26 50.17
CA PRO B 552 5.33 4.07 51.11
C PRO B 552 5.71 2.60 51.25
N PHE B 553 4.78 1.72 50.90
CA PHE B 553 5.01 0.28 50.96
C PHE B 553 5.86 -0.22 49.81
N ALA B 554 6.30 0.69 48.95
CA ALA B 554 7.13 0.31 47.81
C ALA B 554 8.59 0.10 48.22
N TYR B 555 9.07 0.90 49.16
CA TYR B 555 10.49 0.91 49.51
C TYR B 555 10.70 0.91 51.02
N VAL B 556 9.69 0.48 51.77
CA VAL B 556 9.74 0.48 53.23
C VAL B 556 10.86 -0.41 53.76
N ASP B 557 11.15 -1.50 53.04
CA ASP B 557 12.19 -2.42 53.45
C ASP B 557 12.61 -3.28 52.25
N PRO B 558 13.77 -3.94 52.33
CA PRO B 558 14.24 -4.82 51.25
C PRO B 558 13.20 -5.83 50.78
N LEU B 559 12.50 -6.46 51.72
CA LEU B 559 11.47 -7.44 51.38
C LEU B 559 10.40 -6.85 50.45
N HIS B 560 9.99 -5.63 50.74
CA HIS B 560 8.93 -4.98 49.97
C HIS B 560 9.45 -4.40 48.66
N SER B 561 10.71 -3.98 48.64
CA SER B 561 11.36 -3.59 47.38
C SER B 561 11.33 -4.77 46.42
N ASN B 562 11.80 -5.91 46.94
CA ASN B 562 11.75 -7.16 46.20
C ASN B 562 10.35 -7.45 45.69
N MET B 563 9.41 -7.57 46.61
CA MET B 563 8.03 -7.93 46.27
C MET B 563 7.41 -6.99 45.24
N ALA B 564 7.75 -5.71 45.30
CA ALA B 564 7.29 -4.75 44.31
C ALA B 564 7.88 -5.07 42.93
N TYR B 565 9.20 -5.20 42.89
CA TYR B 565 9.89 -5.56 41.64
C TYR B 565 9.26 -6.80 41.00
N LEU B 566 9.16 -7.87 41.77
CA LEU B 566 8.59 -9.13 41.30
C LEU B 566 7.14 -8.96 40.84
N TYR B 567 6.40 -8.12 41.56
CA TYR B 567 5.02 -7.83 41.20
C TYR B 567 4.96 -7.28 39.77
N LEU B 568 5.70 -6.21 39.53
CA LEU B 568 5.65 -5.58 38.20
C LEU B 568 6.26 -6.46 37.11
N GLU B 569 7.26 -7.25 37.47
CA GLU B 569 7.88 -8.14 36.50
C GLU B 569 6.93 -9.24 36.07
N LEU B 570 6.22 -9.81 37.04
CA LEU B 570 5.24 -10.86 36.77
C LEU B 570 4.08 -10.29 35.98
N LEU B 571 3.70 -9.06 36.30
CA LEU B 571 2.65 -8.35 35.57
C LEU B 571 3.03 -8.20 34.11
N LYS B 572 4.21 -7.62 33.88
CA LYS B 572 4.73 -7.43 32.53
C LYS B 572 4.81 -8.74 31.77
N ASP B 573 5.36 -9.76 32.40
CA ASP B 573 5.49 -11.08 31.79
C ASP B 573 4.13 -11.62 31.37
N SER B 574 3.17 -11.49 32.26
CA SER B 574 1.82 -12.01 32.01
C SER B 574 1.13 -11.24 30.89
N LEU B 575 1.48 -9.97 30.73
CA LEU B 575 0.79 -9.13 29.76
C LEU B 575 1.55 -9.01 28.44
N ASN B 576 2.72 -9.63 28.36
CA ASN B 576 3.59 -9.52 27.19
C ASN B 576 2.91 -9.97 25.88
N GLU B 577 2.25 -11.13 25.92
CA GLU B 577 1.56 -11.65 24.74
C GLU B 577 0.57 -10.63 24.17
N TYR B 578 -0.23 -10.06 25.05
CA TYR B 578 -1.23 -9.08 24.65
C TYR B 578 -0.61 -7.78 24.16
N ALA B 579 0.45 -7.33 24.84
CA ALA B 579 1.02 -6.01 24.55
C ALA B 579 2.01 -6.02 23.39
N TYR B 580 2.40 -7.21 22.94
CA TYR B 580 3.39 -7.31 21.87
C TYR B 580 2.82 -6.79 20.56
N ALA B 581 1.58 -7.12 20.29
CA ALA B 581 0.90 -6.66 19.08
C ALA B 581 0.85 -5.13 19.07
N ALA B 582 0.43 -4.56 20.20
CA ALA B 582 0.36 -3.12 20.37
C ALA B 582 1.73 -2.51 20.12
N GLU B 583 2.75 -3.12 20.73
CA GLU B 583 4.14 -2.69 20.54
C GLU B 583 4.47 -2.59 19.06
N LEU B 584 4.15 -3.65 18.32
CA LEU B 584 4.38 -3.66 16.88
C LEU B 584 3.58 -2.59 16.16
N ALA B 585 2.42 -2.25 16.72
CA ALA B 585 1.55 -1.25 16.10
C ALA B 585 1.97 0.17 16.43
N GLY B 586 3.15 0.31 17.04
CA GLY B 586 3.68 1.62 17.40
C GLY B 586 3.13 2.13 18.71
N LEU B 587 2.52 1.24 19.48
CA LEU B 587 1.96 1.58 20.79
C LEU B 587 2.70 0.87 21.91
N SER B 588 3.65 1.56 22.53
CA SER B 588 4.50 0.93 23.52
C SER B 588 4.23 1.41 24.94
N TYR B 589 4.67 0.65 25.92
CA TYR B 589 4.54 1.05 27.32
C TYR B 589 5.70 0.54 28.15
N ASP B 590 6.08 1.34 29.15
CA ASP B 590 7.12 0.96 30.10
C ASP B 590 6.62 1.05 31.53
N LEU B 591 6.76 -0.04 32.27
CA LEU B 591 6.29 -0.11 33.65
C LEU B 591 7.39 -0.64 34.54
N GLN B 592 7.70 0.09 35.61
CA GLN B 592 8.77 -0.32 36.52
C GLN B 592 8.66 0.33 37.88
N ASN B 593 9.33 -0.27 38.86
CA ASN B 593 9.27 0.22 40.24
C ASN B 593 10.36 1.24 40.56
N THR B 594 10.03 2.17 41.45
CA THR B 594 10.96 3.19 41.93
C THR B 594 10.89 3.29 43.45
N ILE B 595 11.85 3.99 44.04
CA ILE B 595 11.98 4.09 45.49
C ILE B 595 10.81 4.81 46.17
N TYR B 596 9.86 5.31 45.38
CA TYR B 596 8.68 5.97 45.92
C TYR B 596 7.40 5.23 45.55
N GLY B 597 7.50 4.31 44.60
CA GLY B 597 6.33 3.60 44.11
C GLY B 597 6.44 3.30 42.63
N MET B 598 5.32 2.98 42.00
CA MET B 598 5.34 2.53 40.61
C MET B 598 5.47 3.66 39.60
N TYR B 599 5.95 3.31 38.41
CA TYR B 599 6.00 4.25 37.29
C TYR B 599 5.48 3.56 36.03
N LEU B 600 4.44 4.14 35.45
CA LEU B 600 3.83 3.58 34.24
C LEU B 600 3.83 4.65 33.16
N SER B 601 4.19 4.27 31.94
CA SER B 601 4.29 5.23 30.85
C SER B 601 3.85 4.65 29.51
N VAL B 602 2.77 5.19 28.95
CA VAL B 602 2.29 4.71 27.65
C VAL B 602 2.56 5.74 26.55
N LYS B 603 3.35 5.35 25.55
CA LYS B 603 3.72 6.26 24.48
C LYS B 603 3.37 5.69 23.10
N GLY B 604 2.98 6.55 22.18
CA GLY B 604 2.72 6.12 20.82
C GLY B 604 1.49 6.74 20.19
N TYR B 605 0.93 6.11 19.17
CA TYR B 605 -0.29 6.62 18.53
C TYR B 605 -1.43 6.70 19.52
N ASN B 606 -2.10 7.85 19.56
CA ASN B 606 -3.12 8.09 20.56
C ASN B 606 -4.49 7.51 20.21
N ASP B 607 -4.52 6.57 19.28
CA ASP B 607 -5.78 5.98 18.84
C ASP B 607 -6.22 4.85 19.77
N LYS B 608 -5.31 3.93 20.08
CA LYS B 608 -5.65 2.75 20.87
C LYS B 608 -5.10 2.82 22.30
N GLN B 609 -4.51 3.96 22.62
CA GLN B 609 -3.91 4.19 23.93
C GLN B 609 -4.84 3.90 25.11
N PRO B 610 -6.10 4.41 25.08
CA PRO B 610 -6.94 4.10 26.23
C PRO B 610 -7.22 2.60 26.38
N ILE B 611 -7.35 1.88 25.27
CA ILE B 611 -7.52 0.44 25.31
C ILE B 611 -6.37 -0.19 26.07
N LEU B 612 -5.15 0.07 25.59
CA LEU B 612 -3.98 -0.53 26.21
C LEU B 612 -3.85 -0.15 27.69
N LEU B 613 -3.97 1.14 27.97
CA LEU B 613 -3.80 1.64 29.34
C LEU B 613 -4.81 1.03 30.29
N LYS B 614 -6.09 1.02 29.90
CA LYS B 614 -7.12 0.46 30.75
C LYS B 614 -6.85 -1.02 30.99
N LYS B 615 -6.44 -1.73 29.94
CA LYS B 615 -6.04 -3.14 30.11
C LYS B 615 -4.95 -3.29 31.17
N ILE B 616 -3.87 -2.52 31.01
CA ILE B 616 -2.76 -2.51 31.95
C ILE B 616 -3.20 -2.29 33.39
N ILE B 617 -4.07 -1.30 33.60
CA ILE B 617 -4.49 -0.96 34.97
C ILE B 617 -5.44 -1.99 35.56
N GLU B 618 -6.44 -2.43 34.81
CA GLU B 618 -7.40 -3.39 35.36
C GLU B 618 -6.69 -4.72 35.67
N LYS B 619 -5.74 -5.09 34.80
CA LYS B 619 -4.98 -6.30 35.05
C LYS B 619 -4.06 -6.09 36.24
N MET B 620 -3.59 -4.85 36.40
CA MET B 620 -2.73 -4.48 37.52
C MET B 620 -3.46 -4.64 38.85
N ALA B 621 -4.73 -4.21 38.88
CA ALA B 621 -5.52 -4.20 40.10
C ALA B 621 -6.18 -5.54 40.40
N THR B 622 -6.31 -6.38 39.37
CA THR B 622 -6.89 -7.70 39.54
C THR B 622 -5.93 -8.81 39.13
N PHE B 623 -4.67 -8.68 39.54
CA PHE B 623 -3.62 -9.59 39.08
C PHE B 623 -3.65 -10.93 39.81
N GLU B 624 -3.83 -12.00 39.05
CA GLU B 624 -3.66 -13.35 39.57
C GLU B 624 -2.27 -13.86 39.18
N ILE B 625 -1.62 -14.59 40.07
CA ILE B 625 -0.22 -14.98 39.84
C ILE B 625 -0.04 -16.46 39.53
N ASP B 626 0.66 -16.74 38.43
CA ASP B 626 1.10 -18.10 38.11
C ASP B 626 2.36 -18.42 38.90
N GLU B 627 2.34 -19.52 39.63
CA GLU B 627 3.43 -19.80 40.56
C GLU B 627 4.71 -20.27 39.87
N LYS B 628 4.60 -21.01 38.77
CA LYS B 628 5.78 -21.40 38.02
C LYS B 628 6.48 -20.16 37.48
N ARG B 629 5.68 -19.25 36.93
CA ARG B 629 6.17 -17.96 36.48
C ARG B 629 6.87 -17.23 37.62
N PHE B 630 6.22 -17.23 38.79
CA PHE B 630 6.76 -16.57 39.97
C PHE B 630 8.12 -17.13 40.38
N GLU B 631 8.26 -18.45 40.37
CA GLU B 631 9.50 -19.09 40.77
C GLU B 631 10.61 -18.83 39.76
N ILE B 632 10.27 -18.92 38.48
CA ILE B 632 11.24 -18.67 37.42
C ILE B 632 11.77 -17.24 37.49
N ILE B 633 10.85 -16.29 37.56
CA ILE B 633 11.23 -14.88 37.61
C ILE B 633 11.96 -14.55 38.90
N LYS B 634 11.58 -15.19 40.00
CA LYS B 634 12.26 -15.01 41.28
C LYS B 634 13.71 -15.46 41.18
N GLU B 635 13.92 -16.63 40.60
CA GLU B 635 15.27 -17.16 40.44
C GLU B 635 16.09 -16.27 39.53
N ALA B 636 15.47 -15.82 38.45
CA ALA B 636 16.12 -14.93 37.49
C ALA B 636 16.53 -13.63 38.16
N TYR B 637 15.71 -13.16 39.10
CA TYR B 637 15.98 -11.92 39.82
C TYR B 637 17.09 -12.11 40.83
N MET B 638 17.13 -13.29 41.45
CA MET B 638 18.24 -13.68 42.30
C MET B 638 19.54 -13.56 41.52
N ARG B 639 19.65 -14.30 40.43
CA ARG B 639 20.81 -14.21 39.55
C ARG B 639 21.08 -12.79 39.07
N SER B 640 20.03 -11.98 38.95
CA SER B 640 20.21 -10.59 38.51
C SER B 640 20.92 -9.73 39.55
N LEU B 641 20.47 -9.80 40.80
CA LEU B 641 21.12 -9.11 41.91
C LEU B 641 22.54 -9.60 42.05
N ASN B 642 22.63 -10.92 42.04
CA ASN B 642 23.87 -11.67 41.94
C ASN B 642 24.89 -11.21 40.90
N ASN B 643 24.46 -10.99 39.67
CA ASN B 643 25.39 -10.67 38.58
C ASN B 643 25.98 -9.24 38.58
N PHE B 644 25.74 -8.49 39.64
CA PHE B 644 26.31 -7.15 39.73
C PHE B 644 27.82 -7.23 39.98
N ARG B 645 28.25 -8.35 40.55
CA ARG B 645 29.67 -8.62 40.77
C ARG B 645 30.50 -8.33 39.55
N ALA B 646 29.96 -8.69 38.38
CA ALA B 646 30.67 -8.63 37.11
C ALA B 646 30.50 -7.30 36.38
N GLU B 647 29.83 -6.34 37.01
CA GLU B 647 29.70 -5.02 36.40
C GLU B 647 31.02 -4.27 36.47
N GLN B 648 31.13 -3.19 35.70
CA GLN B 648 32.38 -2.45 35.63
C GLN B 648 32.64 -1.61 36.88
N PRO B 649 33.92 -1.51 37.26
CA PRO B 649 34.36 -0.82 38.48
C PRO B 649 33.80 0.60 38.60
N HIS B 650 33.67 1.32 37.49
CA HIS B 650 33.23 2.69 37.59
C HIS B 650 31.75 2.72 37.96
N GLN B 651 31.01 1.71 37.49
CA GLN B 651 29.56 1.69 37.65
C GLN B 651 29.37 1.35 39.10
N HIS B 652 30.31 0.53 39.59
CA HIS B 652 30.38 0.14 41.00
C HIS B 652 30.58 1.38 41.89
N ALA B 653 31.51 2.22 41.48
CA ALA B 653 31.78 3.46 42.20
C ALA B 653 30.53 4.32 42.27
N MET B 654 29.86 4.48 41.13
CA MET B 654 28.65 5.29 41.06
C MET B 654 27.57 4.75 42.00
N TYR B 655 27.39 3.42 41.96
CA TYR B 655 26.45 2.72 42.81
C TYR B 655 26.71 3.00 44.29
N TYR B 656 27.95 2.77 44.71
CA TYR B 656 28.36 3.02 46.08
C TYR B 656 28.11 4.46 46.50
N LEU B 657 28.45 5.41 45.63
CA LEU B 657 28.27 6.81 45.94
C LEU B 657 26.79 7.13 46.13
N ARG B 658 25.95 6.55 45.28
CA ARG B 658 24.51 6.75 45.35
C ARG B 658 24.02 6.28 46.73
N LEU B 659 24.44 5.07 47.12
CA LEU B 659 24.13 4.53 48.44
C LEU B 659 24.55 5.46 49.57
N LEU B 660 25.80 5.94 49.51
CA LEU B 660 26.36 6.81 50.54
C LEU B 660 25.59 8.13 50.67
N MET B 661 25.23 8.73 49.54
CA MET B 661 24.65 10.06 49.57
C MET B 661 23.14 10.11 49.70
N THR B 662 22.46 8.97 49.45
CA THR B 662 21.00 8.96 49.58
C THR B 662 20.58 8.56 50.99
N GLU B 663 19.54 9.23 51.48
CA GLU B 663 19.03 9.03 52.84
C GLU B 663 18.69 7.57 53.13
N VAL B 664 17.88 6.98 52.26
CA VAL B 664 17.53 5.57 52.38
C VAL B 664 17.71 4.85 51.05
N ALA B 665 18.53 3.82 51.07
CA ALA B 665 18.77 2.99 49.89
C ALA B 665 19.21 1.59 50.31
N TRP B 666 18.50 0.59 49.81
CA TRP B 666 18.82 -0.80 50.13
C TRP B 666 19.88 -1.33 49.18
N THR B 667 20.85 -2.06 49.72
CA THR B 667 21.92 -2.63 48.93
C THR B 667 21.51 -3.95 48.28
N LYS B 668 22.25 -4.34 47.25
CA LYS B 668 22.00 -5.58 46.52
C LYS B 668 22.08 -6.78 47.46
N ASP B 669 22.97 -6.72 48.45
CA ASP B 669 23.12 -7.81 49.40
C ASP B 669 21.91 -7.92 50.30
N GLU B 670 21.37 -6.76 50.70
CA GLU B 670 20.18 -6.72 51.53
C GLU B 670 18.97 -7.27 50.77
N LEU B 671 18.79 -6.80 49.54
CA LEU B 671 17.73 -7.30 48.68
C LEU B 671 17.85 -8.82 48.47
N LYS B 672 19.07 -9.26 48.21
CA LYS B 672 19.39 -10.67 47.99
C LYS B 672 19.04 -11.53 49.20
N GLU B 673 19.44 -11.07 50.38
CA GLU B 673 19.12 -11.74 51.63
C GLU B 673 17.62 -11.83 51.85
N ALA B 674 16.92 -10.72 51.59
CA ALA B 674 15.49 -10.65 51.85
C ALA B 674 14.67 -11.37 50.78
N LEU B 675 15.31 -11.74 49.69
CA LEU B 675 14.63 -12.39 48.56
C LEU B 675 14.16 -13.79 48.91
N ASP B 676 14.87 -14.45 49.82
CA ASP B 676 14.54 -15.81 50.22
C ASP B 676 13.23 -15.83 51.00
N ASP B 677 12.97 -14.76 51.73
CA ASP B 677 11.78 -14.68 52.57
C ASP B 677 10.53 -14.34 51.77
N VAL B 678 10.68 -14.13 50.47
CA VAL B 678 9.54 -13.80 49.61
C VAL B 678 8.80 -15.04 49.14
N THR B 679 7.73 -15.39 49.84
CA THR B 679 6.89 -16.51 49.42
C THR B 679 5.72 -15.99 48.61
N LEU B 680 5.14 -16.90 47.82
CA LEU B 680 3.98 -16.57 47.03
C LEU B 680 2.88 -15.91 47.86
N PRO B 681 2.39 -16.57 48.95
CA PRO B 681 1.35 -15.91 49.74
C PRO B 681 1.72 -14.53 50.22
N ARG B 682 2.97 -14.34 50.64
CA ARG B 682 3.43 -13.02 51.05
C ARG B 682 3.29 -12.01 49.92
N LEU B 683 3.62 -12.40 48.70
CA LEU B 683 3.46 -11.49 47.57
C LEU B 683 1.98 -11.18 47.32
N LYS B 684 1.17 -12.24 47.29
CA LYS B 684 -0.25 -12.10 46.99
C LYS B 684 -0.94 -11.19 48.00
N ALA B 685 -0.50 -11.25 49.24
CA ALA B 685 -1.03 -10.39 50.28
C ALA B 685 -0.41 -9.00 50.18
N PHE B 686 0.77 -8.91 49.58
CA PHE B 686 1.47 -7.64 49.42
C PHE B 686 0.79 -6.72 48.41
N ILE B 687 0.37 -7.28 47.28
CA ILE B 687 -0.20 -6.45 46.21
C ILE B 687 -1.42 -5.58 46.59
N PRO B 688 -2.48 -6.17 47.16
CA PRO B 688 -3.69 -5.37 47.37
C PRO B 688 -3.53 -4.25 48.42
N GLN B 689 -2.57 -4.42 49.32
CA GLN B 689 -2.34 -3.42 50.35
C GLN B 689 -1.27 -2.42 49.86
N LEU B 690 -0.56 -2.76 48.80
CA LEU B 690 0.23 -1.77 48.07
C LEU B 690 -0.73 -0.85 47.35
N LEU B 691 -1.75 -1.46 46.75
CA LEU B 691 -2.73 -0.73 45.95
C LEU B 691 -3.79 0.00 46.76
N SER B 692 -3.95 -0.38 48.02
CA SER B 692 -5.00 0.16 48.88
C SER B 692 -5.00 1.69 49.03
N ARG B 693 -3.83 2.26 49.22
CA ARG B 693 -3.73 3.70 49.41
C ARG B 693 -2.62 4.29 48.56
N LEU B 694 -2.99 5.19 47.64
CA LEU B 694 -2.00 5.70 46.69
C LEU B 694 -2.14 7.18 46.41
N HIS B 695 -1.10 7.75 45.81
CA HIS B 695 -1.26 9.06 45.21
C HIS B 695 -0.70 9.08 43.79
N ILE B 696 -1.53 9.46 42.83
CA ILE B 696 -1.09 9.49 41.44
C ILE B 696 -0.63 10.89 41.06
N GLU B 697 0.50 10.99 40.36
CA GLU B 697 0.89 12.26 39.75
C GLU B 697 1.20 12.00 38.28
N ALA B 698 0.42 12.62 37.40
CA ALA B 698 0.47 12.28 35.98
C ALA B 698 0.86 13.46 35.10
N LEU B 699 1.47 13.13 33.96
CA LEU B 699 1.80 14.11 32.94
C LEU B 699 1.32 13.58 31.59
N LEU B 700 0.27 14.20 31.05
CA LEU B 700 -0.27 13.78 29.77
C LEU B 700 0.06 14.83 28.70
N HIS B 701 0.87 14.44 27.72
CA HIS B 701 1.37 15.39 26.73
C HIS B 701 1.23 14.84 25.31
N GLY B 702 0.54 15.59 24.44
CA GLY B 702 0.44 15.20 23.05
C GLY B 702 -0.88 15.54 22.37
N ASN B 703 -1.27 14.69 21.43
CA ASN B 703 -2.48 14.89 20.62
C ASN B 703 -3.76 14.50 21.35
N ILE B 704 -4.04 15.18 22.46
CA ILE B 704 -5.29 14.98 23.18
C ILE B 704 -5.77 16.30 23.77
N THR B 705 -7.07 16.37 24.07
CA THR B 705 -7.66 17.59 24.59
C THR B 705 -7.69 17.57 26.11
N LYS B 706 -8.04 18.70 26.71
CA LYS B 706 -8.11 18.82 28.16
C LYS B 706 -9.14 17.84 28.74
N GLN B 707 -10.33 17.81 28.13
CA GLN B 707 -11.40 16.92 28.58
C GLN B 707 -11.01 15.46 28.34
N ALA B 708 -10.23 15.22 27.30
CA ALA B 708 -9.71 13.89 27.02
C ALA B 708 -8.79 13.46 28.15
N ALA B 709 -7.90 14.34 28.55
CA ALA B 709 -6.98 14.09 29.65
C ALA B 709 -7.72 13.78 30.93
N LEU B 710 -8.71 14.62 31.25
CA LEU B 710 -9.54 14.43 32.43
C LEU B 710 -10.21 13.05 32.39
N GLY B 711 -10.69 12.67 31.21
CA GLY B 711 -11.30 11.36 31.00
C GLY B 711 -10.33 10.22 31.23
N ILE B 712 -9.10 10.38 30.78
CA ILE B 712 -8.05 9.38 31.02
C ILE B 712 -7.77 9.20 32.51
N MET B 713 -7.38 10.30 33.14
CA MET B 713 -7.04 10.31 34.55
C MET B 713 -8.13 9.67 35.38
N GLN B 714 -9.37 10.08 35.10
CA GLN B 714 -10.49 9.60 35.90
C GLN B 714 -10.76 8.12 35.60
N MET B 715 -10.62 7.70 34.32
CA MET B 715 -10.72 6.28 34.00
C MET B 715 -9.79 5.45 34.86
N VAL B 716 -8.54 5.90 34.96
CA VAL B 716 -7.54 5.28 35.83
C VAL B 716 -8.03 5.19 37.27
N GLU B 717 -8.42 6.35 37.82
CA GLU B 717 -8.87 6.43 39.20
C GLU B 717 -10.02 5.47 39.49
N ASP B 718 -11.04 5.46 38.63
CA ASP B 718 -12.17 4.55 38.80
C ASP B 718 -11.75 3.10 38.74
N THR B 719 -10.85 2.77 37.81
CA THR B 719 -10.38 1.39 37.74
C THR B 719 -9.76 0.97 39.06
N LEU B 720 -8.88 1.82 39.59
CA LEU B 720 -8.21 1.53 40.86
C LEU B 720 -9.18 1.46 42.05
N ILE B 721 -10.12 2.38 42.11
CA ILE B 721 -11.07 2.41 43.22
C ILE B 721 -12.01 1.20 43.17
N GLU B 722 -12.47 0.85 41.97
CA GLU B 722 -13.37 -0.28 41.81
C GLU B 722 -12.69 -1.62 42.11
N HIS B 723 -11.58 -1.89 41.44
CA HIS B 723 -10.98 -3.21 41.52
C HIS B 723 -9.98 -3.38 42.67
N ALA B 724 -9.49 -2.26 43.22
CA ALA B 724 -8.48 -2.33 44.25
C ALA B 724 -8.85 -1.50 45.49
N HIS B 725 -10.01 -0.83 45.42
CA HIS B 725 -10.51 -0.03 46.53
C HIS B 725 -9.46 0.97 47.00
N THR B 726 -8.74 1.55 46.04
CA THR B 726 -7.68 2.51 46.34
C THR B 726 -8.26 3.80 46.89
N LYS B 727 -7.69 4.25 48.00
CA LYS B 727 -8.11 5.49 48.61
C LYS B 727 -6.93 6.47 48.65
N PRO B 728 -7.24 7.77 48.81
CA PRO B 728 -6.23 8.83 48.79
C PRO B 728 -5.22 8.72 49.92
N LEU B 729 -4.01 9.17 49.63
CA LEU B 729 -2.92 9.13 50.59
C LEU B 729 -2.80 10.48 51.27
N LEU B 730 -2.29 10.49 52.50
CA LEU B 730 -2.13 11.74 53.25
C LEU B 730 -1.00 12.58 52.67
N PRO B 731 -1.13 13.92 52.74
CA PRO B 731 -0.10 14.85 52.26
C PRO B 731 1.22 14.70 53.01
N SER B 732 1.12 14.59 54.33
CA SER B 732 2.29 14.39 55.19
C SER B 732 3.01 13.09 54.88
N GLN B 733 2.25 12.15 54.32
CA GLN B 733 2.74 10.81 54.06
C GLN B 733 3.60 10.77 52.79
N LEU B 734 3.49 11.81 51.97
CA LEU B 734 4.23 11.90 50.72
C LEU B 734 5.61 12.51 50.92
N VAL B 735 6.54 11.75 51.49
CA VAL B 735 7.87 12.28 51.80
C VAL B 735 8.92 11.91 50.76
N ARG B 736 9.89 12.81 50.57
CA ARG B 736 11.00 12.59 49.65
C ARG B 736 12.30 12.42 50.41
N TYR B 737 13.28 11.75 49.79
CA TYR B 737 14.56 11.47 50.44
C TYR B 737 15.50 12.67 50.36
N ARG B 738 16.31 12.84 51.40
CA ARG B 738 17.26 13.93 51.50
C ARG B 738 18.67 13.46 51.14
N GLU B 739 19.53 14.40 50.76
CA GLU B 739 20.93 14.07 50.54
C GLU B 739 21.75 14.38 51.79
N VAL B 740 22.70 13.51 52.09
CA VAL B 740 23.59 13.68 53.23
C VAL B 740 24.39 14.96 53.11
N GLN B 741 24.42 15.75 54.17
CA GLN B 741 25.16 17.01 54.17
C GLN B 741 26.59 16.84 54.68
N LEU B 742 27.56 17.03 53.78
CA LEU B 742 28.96 16.88 54.13
C LEU B 742 29.49 18.10 54.87
N PRO B 743 30.41 17.89 55.83
CA PRO B 743 30.99 18.98 56.60
C PRO B 743 32.00 19.78 55.79
N ASP B 744 32.13 21.07 56.11
CA ASP B 744 33.13 21.91 55.45
C ASP B 744 34.53 21.37 55.71
N ARG B 745 35.40 21.51 54.70
CA ARG B 745 36.78 21.05 54.74
C ARG B 745 36.90 19.55 55.08
N GLY B 746 35.87 18.77 54.75
CA GLY B 746 35.86 17.35 55.08
C GLY B 746 36.13 16.43 53.89
N TRP B 747 36.92 15.38 54.11
CA TRP B 747 37.20 14.42 53.05
C TRP B 747 36.98 12.98 53.52
N PHE B 748 36.01 12.32 52.90
CA PHE B 748 35.67 10.94 53.23
C PHE B 748 36.00 10.00 52.08
N VAL B 749 36.51 8.80 52.41
CA VAL B 749 36.82 7.81 51.40
C VAL B 749 36.23 6.45 51.74
N TYR B 750 35.52 5.88 50.77
CA TYR B 750 34.98 4.52 50.91
C TYR B 750 35.59 3.65 49.81
N GLN B 751 36.10 2.48 50.19
CA GLN B 751 36.74 1.60 49.20
C GLN B 751 36.20 0.18 49.19
N GLN B 752 36.27 -0.44 48.01
CA GLN B 752 35.83 -1.81 47.80
C GLN B 752 36.72 -2.49 46.76
N ARG B 753 36.30 -3.65 46.29
CA ARG B 753 37.11 -4.40 45.33
C ARG B 753 36.24 -5.14 44.33
N ASN B 754 36.45 -4.87 43.04
CA ASN B 754 35.76 -5.59 41.99
C ASN B 754 36.43 -6.95 41.79
N GLU B 755 35.71 -8.03 42.10
CA GLU B 755 36.28 -9.36 42.07
C GLU B 755 36.38 -9.92 40.66
N VAL B 756 35.91 -9.16 39.68
CA VAL B 756 35.86 -9.67 38.31
C VAL B 756 36.86 -8.97 37.38
N HIS B 757 36.81 -7.64 37.33
CA HIS B 757 37.68 -6.90 36.43
C HIS B 757 39.02 -6.55 37.07
N ASN B 758 40.10 -6.64 36.29
CA ASN B 758 41.42 -6.28 36.76
C ASN B 758 41.73 -4.82 36.45
N ASN B 759 40.68 -4.02 36.39
CA ASN B 759 40.81 -2.56 36.30
C ASN B 759 40.19 -1.92 37.54
N SER B 760 40.66 -0.75 37.90
CA SER B 760 40.13 -0.04 39.07
C SER B 760 39.27 1.13 38.64
N GLY B 761 38.20 1.38 39.39
CA GLY B 761 37.35 2.53 39.13
C GLY B 761 37.40 3.51 40.27
N ILE B 762 36.96 4.74 40.00
CA ILE B 762 36.93 5.75 41.05
C ILE B 762 35.92 6.85 40.72
N GLU B 763 35.24 7.34 41.76
CA GLU B 763 34.41 8.52 41.60
C GLU B 763 34.71 9.56 42.67
N ILE B 764 34.87 10.81 42.27
CA ILE B 764 35.14 11.89 43.20
C ILE B 764 34.03 12.92 43.13
N TYR B 765 33.55 13.33 44.30
CA TYR B 765 32.36 14.17 44.41
C TYR B 765 32.58 15.37 45.33
N TYR B 766 32.45 16.57 44.77
CA TYR B 766 32.56 17.81 45.52
C TYR B 766 31.20 18.46 45.65
N GLN B 767 30.55 18.28 46.78
CA GLN B 767 29.15 18.68 46.93
C GLN B 767 28.94 20.20 46.80
N ASP B 769 26.13 22.61 47.22
CA ASP B 769 24.92 23.04 47.93
C ASP B 769 23.66 22.76 47.09
N MET B 770 22.50 23.02 47.67
CA MET B 770 21.20 22.80 47.01
C MET B 770 21.10 23.51 45.67
N GLN B 771 20.30 22.93 44.79
CA GLN B 771 20.09 23.48 43.45
C GLN B 771 19.27 24.77 43.51
N SER B 772 19.82 25.82 42.92
CA SER B 772 19.17 27.12 42.82
C SER B 772 19.83 27.83 41.65
N THR B 773 19.10 28.68 40.94
CA THR B 773 19.63 29.32 39.72
C THR B 773 21.09 29.75 39.84
N SER B 774 21.39 30.41 40.95
CA SER B 774 22.76 30.82 41.28
C SER B 774 23.75 29.65 41.21
N GLU B 775 23.57 28.71 42.13
CA GLU B 775 24.46 27.57 42.29
C GLU B 775 24.51 26.69 41.03
N ASN B 776 23.34 26.44 40.45
CA ASN B 776 23.18 25.70 39.21
C ASN B 776 24.04 26.27 38.10
N MET B 777 23.96 27.57 37.90
CA MET B 777 24.70 28.15 36.78
C MET B 777 26.19 28.30 37.08
N PHE B 778 26.54 28.53 38.35
CA PHE B 778 27.94 28.48 38.76
C PHE B 778 28.55 27.13 38.38
N LEU B 779 27.94 26.07 38.89
CA LEU B 779 28.36 24.70 38.63
C LEU B 779 28.41 24.36 37.14
N GLU B 780 27.31 24.60 36.44
CA GLU B 780 27.23 24.25 35.02
C GLU B 780 28.25 25.00 34.17
N LEU B 781 28.44 26.29 34.45
CA LEU B 781 29.41 27.09 33.70
C LEU B 781 30.83 26.57 33.95
N PHE B 782 31.13 26.32 35.23
CA PHE B 782 32.44 25.77 35.57
C PHE B 782 32.69 24.44 34.86
N ALA B 783 31.72 23.54 34.96
CA ALA B 783 31.80 22.22 34.35
C ALA B 783 31.99 22.32 32.84
N GLN B 784 31.35 23.33 32.23
CA GLN B 784 31.50 23.59 30.80
C GLN B 784 32.94 23.99 30.51
N ILE B 785 33.50 24.86 31.33
CA ILE B 785 34.87 25.31 31.11
C ILE B 785 35.88 24.19 31.23
N ILE B 786 35.75 23.36 32.27
CA ILE B 786 36.72 22.28 32.49
C ILE B 786 36.43 21.04 31.66
N SER B 787 35.26 21.01 31.01
CA SER B 787 34.75 19.83 30.31
C SER B 787 35.78 19.15 29.41
N GLU B 788 36.12 19.82 28.32
CA GLU B 788 37.09 19.29 27.37
C GLU B 788 38.51 19.19 27.96
N PRO B 789 38.99 20.24 28.67
CA PRO B 789 40.32 20.11 29.27
C PRO B 789 40.46 18.90 30.19
N ALA B 790 39.37 18.48 30.83
CA ALA B 790 39.39 17.30 31.68
C ALA B 790 39.71 16.05 30.88
N PHE B 791 38.93 15.84 29.83
CA PHE B 791 39.12 14.71 28.93
C PHE B 791 40.51 14.71 28.31
N ASN B 792 40.95 15.88 27.86
CA ASN B 792 42.22 16.01 27.18
C ASN B 792 43.41 15.77 28.11
N THR B 793 43.38 16.36 29.30
CA THR B 793 44.49 16.21 30.24
C THR B 793 44.54 14.80 30.84
N LEU B 794 43.40 14.31 31.31
CA LEU B 794 43.36 13.03 32.00
C LEU B 794 43.45 11.81 31.06
N ARG B 795 42.84 11.90 29.88
CA ARG B 795 42.90 10.78 28.95
C ARG B 795 43.89 10.98 27.80
N THR B 796 43.72 12.07 27.05
CA THR B 796 44.52 12.28 25.84
C THR B 796 46.01 12.44 26.17
N LYS B 797 46.32 13.20 27.22
CA LYS B 797 47.71 13.41 27.62
C LYS B 797 48.24 12.29 28.50
N GLU B 798 47.63 12.12 29.67
CA GLU B 798 48.17 11.23 30.69
C GLU B 798 47.79 9.76 30.48
N GLN B 799 46.74 9.52 29.69
CA GLN B 799 46.32 8.16 29.34
C GLN B 799 46.10 7.28 30.58
N LEU B 800 45.13 7.67 31.39
CA LEU B 800 44.81 6.90 32.59
C LEU B 800 43.88 5.75 32.26
N GLY B 801 42.91 6.01 31.37
CA GLY B 801 41.99 4.99 30.94
C GLY B 801 41.08 5.50 29.83
N TYR B 802 40.39 4.58 29.16
CA TYR B 802 39.45 4.94 28.11
C TYR B 802 38.32 5.77 28.71
N ILE B 803 37.90 5.38 29.92
CA ILE B 803 36.78 6.04 30.58
C ILE B 803 37.26 7.12 31.55
N VAL B 804 37.14 8.36 31.10
CA VAL B 804 37.37 9.54 31.91
C VAL B 804 36.19 10.49 31.75
N PHE B 805 35.61 10.90 32.86
CA PHE B 805 34.37 11.69 32.85
C PHE B 805 34.40 12.80 33.88
N SER B 806 33.81 13.94 33.53
CA SER B 806 33.65 15.04 34.47
C SER B 806 32.32 15.72 34.22
N GLY B 807 31.71 16.29 35.25
CA GLY B 807 30.47 17.01 35.07
C GLY B 807 29.61 17.11 36.30
N PRO B 808 28.50 17.84 36.22
CA PRO B 808 27.61 18.03 37.38
C PRO B 808 26.94 16.74 37.86
N ARG B 809 26.72 16.64 39.17
CA ARG B 809 25.92 15.56 39.73
C ARG B 809 24.74 16.13 40.51
N ARG B 810 23.53 15.77 40.10
CA ARG B 810 22.32 16.23 40.77
C ARG B 810 21.51 15.06 41.33
N ALA B 811 21.15 15.15 42.61
CA ALA B 811 20.35 14.12 43.25
C ALA B 811 19.64 14.66 44.49
N ASN B 812 18.36 14.31 44.63
CA ASN B 812 17.56 14.68 45.78
C ASN B 812 17.55 16.19 46.05
N GLY B 813 17.82 16.97 45.01
CA GLY B 813 17.74 18.42 45.09
C GLY B 813 19.07 19.09 45.37
N ILE B 814 20.12 18.30 45.48
CA ILE B 814 21.45 18.82 45.80
C ILE B 814 22.37 18.54 44.62
N GLN B 815 23.34 19.41 44.38
CA GLN B 815 24.27 19.25 43.27
C GLN B 815 25.73 19.30 43.72
N GLY B 816 26.61 18.86 42.83
CA GLY B 816 28.04 18.91 43.07
C GLY B 816 28.84 18.63 41.82
N LEU B 817 30.17 18.51 41.98
CA LEU B 817 31.02 18.23 40.85
C LEU B 817 31.50 16.78 40.88
N ARG B 818 31.47 16.16 39.71
CA ARG B 818 31.68 14.73 39.56
C ARG B 818 32.89 14.44 38.67
N PHE B 819 33.75 13.53 39.14
CA PHE B 819 34.82 12.96 38.32
C PHE B 819 34.68 11.45 38.35
N ILE B 820 34.76 10.80 37.20
CA ILE B 820 34.69 9.34 37.16
C ILE B 820 35.78 8.76 36.27
N ILE B 821 36.61 7.88 36.82
CA ILE B 821 37.72 7.32 36.04
C ILE B 821 37.85 5.81 36.17
N GLN B 822 37.99 5.12 35.04
CA GLN B 822 38.34 3.71 35.06
C GLN B 822 39.73 3.53 34.47
N SER B 823 40.64 3.01 35.29
CA SER B 823 42.05 2.95 34.93
C SER B 823 42.73 1.65 35.32
N GLU B 824 44.00 1.52 34.96
CA GLU B 824 44.81 0.40 35.40
C GLU B 824 45.54 0.80 36.67
N LYS B 825 45.85 2.08 36.77
CA LYS B 825 46.54 2.62 37.94
C LYS B 825 45.60 2.65 39.13
N PRO B 826 46.16 2.51 40.35
CA PRO B 826 45.35 2.58 41.55
C PRO B 826 45.22 4.01 42.05
N PRO B 827 44.13 4.34 42.75
CA PRO B 827 44.11 5.56 43.57
C PRO B 827 44.83 5.27 44.89
N HIS B 828 45.37 6.25 45.64
CA HIS B 828 45.13 7.69 45.51
C HIS B 828 45.66 8.36 44.24
N TYR B 829 46.46 7.65 43.45
CA TYR B 829 47.16 8.27 42.33
C TYR B 829 46.23 9.03 41.40
N LEU B 830 45.10 8.40 41.07
CA LEU B 830 44.09 9.02 40.22
C LEU B 830 43.62 10.35 40.83
N GLU B 831 43.37 10.33 42.14
CA GLU B 831 42.95 11.54 42.85
C GLU B 831 44.00 12.64 42.74
N SER B 832 45.26 12.27 42.96
CA SER B 832 46.35 13.24 42.90
C SER B 832 46.41 13.90 41.52
N ARG B 833 46.30 13.08 40.48
CA ARG B 833 46.33 13.61 39.12
C ARG B 833 45.15 14.53 38.86
N VAL B 834 43.99 14.18 39.41
CA VAL B 834 42.80 15.03 39.30
C VAL B 834 43.04 16.41 39.93
N GLU B 835 43.49 16.43 41.19
CA GLU B 835 43.76 17.68 41.90
C GLU B 835 44.78 18.56 41.15
N ALA B 836 45.86 17.93 40.70
CA ALA B 836 46.86 18.61 39.88
C ALA B 836 46.19 19.27 38.70
N PHE B 837 45.34 18.50 38.01
CA PHE B 837 44.56 19.02 36.88
C PHE B 837 43.73 20.22 37.26
N LEU B 838 43.18 20.25 38.47
CA LEU B 838 42.38 21.38 38.92
C LEU B 838 43.23 22.65 39.01
N ILE B 839 44.34 22.56 39.75
CA ILE B 839 45.25 23.70 39.86
C ILE B 839 45.63 24.25 38.47
N THR B 840 46.01 23.33 37.60
CA THR B 840 46.27 23.63 36.19
C THR B 840 45.12 24.43 35.57
N MET B 841 43.92 23.87 35.72
CA MET B 841 42.71 24.47 35.17
C MET B 841 42.55 25.92 35.56
N GLU B 842 42.93 26.25 36.79
CA GLU B 842 42.75 27.62 37.25
C GLU B 842 43.84 28.60 36.88
N LYS B 843 45.07 28.12 36.74
CA LYS B 843 46.05 29.00 36.13
C LYS B 843 45.47 29.35 34.75
N SER B 844 44.87 28.34 34.11
CA SER B 844 44.21 28.56 32.84
C SER B 844 42.98 29.49 32.95
N ILE B 845 42.34 29.54 34.12
CA ILE B 845 41.18 30.42 34.28
C ILE B 845 41.60 31.88 34.43
N GLU B 846 42.54 32.14 35.32
CA GLU B 846 43.06 33.49 35.50
C GLU B 846 43.68 33.99 34.19
N ASP B 847 44.23 33.08 33.41
CA ASP B 847 44.88 33.46 32.17
C ASP B 847 43.97 33.59 30.95
N MET B 848 42.88 32.83 30.92
CA MET B 848 42.04 32.78 29.73
C MET B 848 41.37 34.13 29.47
N THR B 849 41.20 34.46 28.20
CA THR B 849 40.67 35.76 27.81
C THR B 849 39.19 35.85 28.05
N GLU B 850 38.69 37.07 28.09
CA GLU B 850 37.34 37.37 28.54
C GLU B 850 36.24 36.79 27.64
N GLU B 851 36.50 36.82 26.34
CA GLU B 851 35.57 36.33 25.34
C GLU B 851 35.72 34.83 25.24
N ALA B 852 36.97 34.34 25.33
CA ALA B 852 37.14 32.90 25.37
C ALA B 852 36.17 32.42 26.43
N PHE B 853 36.21 33.13 27.56
CA PHE B 853 35.27 32.94 28.67
C PHE B 853 33.82 33.05 28.19
N GLN B 854 33.50 34.10 27.44
CA GLN B 854 32.12 34.23 26.96
C GLN B 854 31.80 33.35 25.74
N LYS B 855 32.83 32.72 25.16
CA LYS B 855 32.59 31.68 24.17
C LYS B 855 32.15 30.42 24.90
N HIS B 856 32.70 30.22 26.10
CA HIS B 856 32.20 29.17 26.99
C HIS B 856 30.76 29.45 27.40
N ILE B 857 30.50 30.69 27.83
CA ILE B 857 29.14 31.08 28.21
C ILE B 857 28.16 30.85 27.06
N GLN B 858 28.53 31.30 25.87
CA GLN B 858 27.67 31.14 24.71
C GLN B 858 27.47 29.66 24.38
N ALA B 859 28.52 28.87 24.58
CA ALA B 859 28.44 27.43 24.37
C ALA B 859 27.36 26.82 25.25
N LEU B 860 27.53 27.00 26.56
CA LEU B 860 26.57 26.47 27.53
C LEU B 860 25.15 26.95 27.23
N ALA B 861 25.04 28.23 26.89
CA ALA B 861 23.76 28.83 26.55
C ALA B 861 23.08 28.09 25.40
N ILE B 862 23.82 27.91 24.30
CA ILE B 862 23.29 27.22 23.13
C ILE B 862 22.90 25.79 23.50
N ARG B 863 23.72 25.12 24.30
CA ARG B 863 23.42 23.74 24.70
C ARG B 863 22.13 23.66 25.50
N ARG B 864 21.95 24.57 26.45
CA ARG B 864 20.76 24.60 27.29
C ARG B 864 19.50 24.93 26.50
N LEU B 865 19.61 25.90 25.60
CA LEU B 865 18.45 26.38 24.85
C LEU B 865 18.22 25.65 23.53
N ASP B 866 18.61 24.39 23.47
CA ASP B 866 18.35 23.60 22.28
C ASP B 866 16.91 23.10 22.31
N LYS B 867 16.18 23.33 21.22
CA LYS B 867 14.77 22.94 21.13
C LYS B 867 14.62 21.43 20.98
N PRO B 868 13.66 20.84 21.72
CA PRO B 868 13.32 19.44 21.50
C PRO B 868 12.80 19.19 20.08
N LYS B 869 13.18 18.08 19.48
CA LYS B 869 12.83 17.83 18.08
C LYS B 869 11.78 16.75 17.93
N LYS B 870 11.47 16.07 19.03
CA LYS B 870 10.35 15.14 19.06
C LYS B 870 9.60 15.27 20.37
N LEU B 871 8.41 14.68 20.45
CA LEU B 871 7.54 14.85 21.59
C LEU B 871 8.19 14.38 22.90
N SER B 872 8.77 13.19 22.86
CA SER B 872 9.31 12.55 24.05
C SER B 872 10.42 13.35 24.74
N ALA B 873 11.05 14.26 24.02
CA ALA B 873 12.10 15.11 24.59
C ALA B 873 11.49 16.25 25.42
N GLU B 874 10.44 16.85 24.86
CA GLU B 874 9.66 17.86 25.56
C GLU B 874 9.06 17.24 26.83
N SER B 875 8.40 16.11 26.63
CA SER B 875 7.83 15.32 27.73
C SER B 875 8.91 14.99 28.77
N ALA B 876 10.11 14.68 28.30
CA ALA B 876 11.22 14.37 29.19
C ALA B 876 11.54 15.56 30.08
N LYS B 877 11.71 16.73 29.48
CA LYS B 877 11.99 17.95 30.24
C LYS B 877 10.92 18.21 31.31
N TYR B 878 9.66 18.27 30.87
CA TYR B 878 8.56 18.53 31.79
C TYR B 878 8.51 17.51 32.92
N TRP B 879 8.70 16.24 32.56
CA TRP B 879 8.60 15.14 33.52
C TRP B 879 9.73 15.19 34.54
N GLY B 880 10.91 15.60 34.10
CA GLY B 880 11.98 15.86 35.04
C GLY B 880 11.53 16.90 36.04
N GLU B 881 11.06 18.02 35.51
CA GLU B 881 10.57 19.12 36.36
C GLU B 881 9.48 18.68 37.33
N ILE B 882 8.72 17.65 36.97
CA ILE B 882 7.64 17.15 37.83
C ILE B 882 8.15 16.19 38.91
N ILE B 883 8.89 15.16 38.51
CA ILE B 883 9.38 14.17 39.47
C ILE B 883 10.35 14.81 40.47
N SER B 884 11.07 15.84 40.05
CA SER B 884 11.97 16.55 40.95
C SER B 884 11.18 17.43 41.91
N GLN B 885 9.89 17.59 41.60
CA GLN B 885 8.98 18.44 42.36
C GLN B 885 9.52 19.87 42.47
N GLN B 886 9.98 20.41 41.34
CA GLN B 886 10.42 21.79 41.28
C GLN B 886 9.49 22.59 40.36
N TYR B 887 8.97 21.90 39.35
CA TYR B 887 7.93 22.44 38.47
C TYR B 887 8.35 23.76 37.81
N ASN B 888 9.62 23.85 37.43
CA ASN B 888 10.15 25.05 36.81
C ASN B 888 10.27 24.88 35.30
N PHE B 889 9.17 25.12 34.60
CA PHE B 889 9.09 24.79 33.18
C PHE B 889 9.81 25.81 32.28
N ASP B 890 10.09 27.00 32.81
CA ASP B 890 10.76 28.06 32.05
C ASP B 890 12.22 28.20 32.52
N ARG B 891 12.69 27.10 33.09
CA ARG B 891 14.01 27.02 33.70
C ARG B 891 15.12 27.43 32.76
N ASP B 892 15.07 26.95 31.52
CA ASP B 892 16.13 27.22 30.55
C ASP B 892 16.29 28.72 30.30
N ASN B 893 15.19 29.38 29.96
CA ASN B 893 15.22 30.82 29.71
C ASN B 893 15.71 31.58 30.93
N THR B 894 15.11 31.31 32.08
CA THR B 894 15.51 32.04 33.30
C THR B 894 17.01 31.85 33.60
N GLU B 895 17.45 30.60 33.64
CA GLU B 895 18.81 30.25 34.05
C GLU B 895 19.87 30.68 33.04
N VAL B 896 19.55 30.65 31.75
CA VAL B 896 20.49 31.12 30.73
C VAL B 896 20.62 32.64 30.83
N ALA B 897 19.48 33.31 30.96
CA ALA B 897 19.46 34.75 31.13
C ALA B 897 20.32 35.15 32.33
N TYR B 898 20.24 34.37 33.41
CA TYR B 898 21.09 34.61 34.57
C TYR B 898 22.55 34.28 34.29
N LEU B 899 22.77 33.25 33.46
CA LEU B 899 24.11 32.79 33.11
C LEU B 899 24.89 33.88 32.41
N LYS B 900 24.18 34.69 31.61
CA LYS B 900 24.79 35.84 30.94
C LYS B 900 25.44 36.81 31.92
N THR B 901 24.86 36.94 33.12
CA THR B 901 25.33 37.90 34.12
C THR B 901 26.71 37.53 34.69
N LEU B 902 27.07 36.26 34.61
CA LEU B 902 28.25 35.73 35.30
C LEU B 902 29.59 36.28 34.80
N THR B 903 30.50 36.53 35.73
CA THR B 903 31.83 37.02 35.37
C THR B 903 32.94 36.08 35.82
N LYS B 904 34.12 36.28 35.25
CA LYS B 904 35.23 35.35 35.39
C LYS B 904 35.65 35.17 36.84
N GLU B 905 35.71 36.24 37.62
CA GLU B 905 36.07 36.09 39.03
C GLU B 905 34.86 35.81 39.92
N ASP B 906 33.67 35.89 39.35
CA ASP B 906 32.54 35.25 40.01
C ASP B 906 32.88 33.77 40.04
N ILE B 907 33.28 33.23 38.88
CA ILE B 907 33.67 31.83 38.82
C ILE B 907 34.91 31.54 39.69
N ILE B 908 35.88 32.45 39.68
CA ILE B 908 37.09 32.30 40.47
C ILE B 908 36.75 32.18 41.96
N LYS B 909 36.03 33.17 42.49
CA LYS B 909 35.62 33.16 43.89
C LYS B 909 34.82 31.90 44.19
N PHE B 910 33.96 31.50 43.25
CA PHE B 910 33.20 30.26 43.40
C PHE B 910 34.11 29.06 43.63
N TYR B 911 35.15 28.90 42.81
CA TYR B 911 36.10 27.82 43.04
C TYR B 911 36.80 27.97 44.39
N LYS B 912 37.47 29.11 44.59
CA LYS B 912 38.31 29.27 45.76
C LYS B 912 37.54 29.13 47.07
N GLU B 913 36.23 29.31 47.00
CA GLU B 913 35.37 29.12 48.17
C GLU B 913 34.85 27.68 48.28
N MET B 914 34.59 27.04 47.14
CA MET B 914 33.91 25.73 47.16
C MET B 914 34.79 24.52 46.81
N LEU B 915 35.46 24.58 45.66
CA LEU B 915 36.14 23.41 45.11
C LEU B 915 37.64 23.36 45.41
N ALA B 916 38.19 24.47 45.88
CA ALA B 916 39.61 24.56 46.19
C ALA B 916 40.04 23.54 47.23
N VAL B 917 41.23 22.98 47.07
CA VAL B 917 41.79 22.13 48.11
C VAL B 917 41.96 22.97 49.38
N ASP B 918 42.05 24.29 49.19
CA ASP B 918 42.16 25.25 50.27
C ASP B 918 40.80 25.89 50.60
N ALA B 919 39.76 25.47 49.92
CA ALA B 919 38.43 26.06 50.10
C ALA B 919 37.91 25.82 51.51
N PRO B 920 37.33 26.87 52.11
CA PRO B 920 36.76 26.79 53.46
C PRO B 920 35.46 25.99 53.49
N ARG B 921 34.79 25.88 52.35
CA ARG B 921 33.53 25.13 52.27
C ARG B 921 33.65 23.96 51.29
N ARG B 922 34.73 23.21 51.42
CA ARG B 922 34.96 22.05 50.57
C ARG B 922 34.32 20.80 51.16
N HIS B 923 33.53 20.11 50.34
CA HIS B 923 32.84 18.90 50.77
C HIS B 923 33.15 17.76 49.82
N LYS B 924 34.21 17.02 50.09
CA LYS B 924 34.67 15.99 49.18
C LYS B 924 34.45 14.57 49.69
N VAL B 925 33.86 13.73 48.84
CA VAL B 925 33.74 12.30 49.12
C VAL B 925 34.14 11.51 47.89
N SER B 926 34.92 10.46 48.09
CA SER B 926 35.38 9.65 46.96
C SER B 926 35.17 8.15 47.19
N VAL B 927 34.85 7.44 46.11
CA VAL B 927 34.71 6.00 46.12
C VAL B 927 35.81 5.35 45.29
N HIS B 928 36.54 4.43 45.90
CA HIS B 928 37.66 3.73 45.27
C HIS B 928 37.35 2.26 45.06
N VAL B 929 37.00 1.87 43.84
CA VAL B 929 36.82 0.46 43.54
C VAL B 929 38.15 -0.12 43.07
N LEU B 930 38.70 -1.02 43.87
CA LEU B 930 39.99 -1.62 43.56
C LEU B 930 39.86 -2.75 42.55
N ALA B 931 40.90 -2.93 41.74
CA ALA B 931 40.93 -3.99 40.75
C ALA B 931 41.03 -5.35 41.44
N ARG B 932 41.00 -6.42 40.64
CA ARG B 932 40.98 -7.78 41.18
C ARG B 932 42.27 -8.13 41.93
N GLU B 933 43.36 -7.44 41.64
CA GLU B 933 44.67 -7.85 42.17
C GLU B 933 45.30 -6.87 43.16
N MET B 934 44.67 -5.71 43.35
CA MET B 934 45.28 -4.65 44.15
C MET B 934 45.24 -4.91 45.65
N ASN B 950 58.13 16.13 33.02
CA ASN B 950 57.09 15.17 33.41
C ASN B 950 55.66 15.67 33.25
N LEU B 951 55.12 16.13 34.37
CA LEU B 951 53.69 16.25 34.55
C LEU B 951 53.36 17.50 35.34
N SER B 952 52.06 17.70 35.60
CA SER B 952 51.59 18.62 36.61
C SER B 952 52.09 18.12 37.95
N GLN B 953 52.22 18.99 38.93
CA GLN B 953 52.54 18.54 40.27
C GLN B 953 51.26 18.49 41.09
N ALA B 954 51.00 17.35 41.72
CA ALA B 954 49.83 17.19 42.56
C ALA B 954 50.04 17.86 43.91
N PRO B 955 49.01 18.56 44.41
CA PRO B 955 49.09 19.20 45.73
C PRO B 955 49.08 18.18 46.86
N ALA B 956 49.44 18.61 48.06
CA ALA B 956 49.41 17.74 49.23
C ALA B 956 47.99 17.65 49.77
N LEU B 957 47.55 16.43 50.06
CA LEU B 957 46.18 16.23 50.52
C LEU B 957 46.16 15.83 51.99
N PRO B 958 45.14 16.30 52.71
CA PRO B 958 44.93 15.88 54.10
C PRO B 958 44.63 14.39 54.17
N GLN B 959 44.71 13.74 55.33
CA GLN B 959 44.40 12.32 55.35
C GLN B 959 42.92 12.10 55.68
N PRO B 960 42.18 11.52 54.72
CA PRO B 960 40.74 11.31 54.71
C PRO B 960 40.21 10.33 55.74
N GLU B 961 38.94 10.47 56.11
CA GLU B 961 38.29 9.52 56.98
C GLU B 961 37.83 8.29 56.20
N VAL B 962 38.28 7.13 56.65
CA VAL B 962 37.91 5.89 55.98
C VAL B 962 36.58 5.36 56.50
N ILE B 963 35.55 5.49 55.66
CA ILE B 963 34.22 4.96 55.94
C ILE B 963 34.25 3.44 56.02
N GLN B 964 33.93 2.89 57.19
CA GLN B 964 33.91 1.44 57.34
C GLN B 964 32.48 0.90 57.45
N ASN B 965 31.52 1.81 57.62
CA ASN B 965 30.12 1.42 57.66
C ASN B 965 29.23 2.53 57.10
N MET B 966 28.50 2.21 56.05
CA MET B 966 27.65 3.20 55.37
C MET B 966 26.55 3.73 56.28
N THR B 967 25.93 2.84 57.04
CA THR B 967 24.88 3.23 57.96
C THR B 967 25.45 4.23 58.95
N GLU B 968 26.44 3.81 59.73
CA GLU B 968 27.03 4.66 60.76
C GLU B 968 27.51 6.01 60.19
N PHE B 969 28.12 5.95 59.00
CA PHE B 969 28.54 7.15 58.29
C PHE B 969 27.37 8.09 58.07
N LYS B 970 26.26 7.55 57.57
CA LYS B 970 25.09 8.35 57.26
C LYS B 970 24.43 8.94 58.51
N ARG B 971 24.36 8.15 59.58
CA ARG B 971 23.73 8.62 60.82
C ARG B 971 24.62 9.64 61.52
N GLY B 972 25.91 9.62 61.21
CA GLY B 972 26.82 10.57 61.82
C GLY B 972 26.86 11.91 61.12
N LEU B 973 25.84 12.20 60.31
CA LEU B 973 25.83 13.41 59.49
C LEU B 973 24.43 14.03 59.35
N PRO B 974 24.39 15.35 59.08
CA PRO B 974 23.09 15.99 58.86
C PRO B 974 22.49 15.67 57.48
N LEU B 975 21.27 16.13 57.25
CA LEU B 975 20.61 15.93 55.96
C LEU B 975 20.12 17.25 55.41
N PHE B 976 20.37 17.49 54.13
CA PHE B 976 19.87 18.68 53.45
C PHE B 976 18.34 18.71 53.47
N PRO B 977 17.77 19.93 53.45
CA PRO B 977 16.32 20.10 53.29
C PRO B 977 15.85 19.64 51.91
N LEU B 978 14.54 19.60 51.71
CA LEU B 978 13.99 19.30 50.40
C LEU B 978 13.77 20.60 49.63
N VAL B 979 14.05 20.57 48.33
CA VAL B 979 13.91 21.75 47.48
C VAL B 979 12.45 22.19 47.36
N LYS B 980 12.19 23.47 47.63
CA LYS B 980 10.87 24.05 47.49
C LYS B 980 10.50 24.25 46.03
N PRO B 981 9.23 23.96 45.67
CA PRO B 981 8.71 24.12 44.31
C PRO B 981 8.72 25.58 43.81
N HIS B 982 8.26 25.79 42.58
CA HIS B 982 8.26 27.11 41.97
C HIS B 982 6.86 27.70 41.92
N12 33K C . -33.12 -13.84 -29.64
C13 33K C . -33.84 -13.56 -28.41
C15 33K C . -33.11 -13.66 -27.06
C17 33K C . -32.04 -12.24 -25.48
C20 33K C . -34.43 -12.37 -25.53
C21 33K C . -34.56 -11.05 -24.81
C22 33K C . -34.70 -11.01 -23.43
C24 33K C . -34.83 -8.60 -23.50
C26 33K C . -34.56 -9.86 -25.53
O 33K C . -30.48 -11.02 -26.88
O02 33K C . -34.23 -16.05 -31.55
C03 33K C . -33.53 -15.01 -31.73
O04 33K C . -32.62 -15.01 -32.60
C05 33K C . -33.78 -13.75 -30.89
C06 33K C . -33.20 -12.57 -31.62
C07 33K C . -34.06 -12.08 -32.75
N08 33K C . -35.25 -12.59 -33.12
C09 33K C . -35.68 -11.87 -34.15
N10 33K C . -34.80 -10.92 -34.45
C11 33K C . -33.78 -11.00 -33.60
O14 33K C . -35.02 -13.25 -28.46
N16 33K C . -33.20 -12.41 -26.33
C18 33K C . -30.75 -12.12 -26.30
O19 33K C . -29.96 -13.09 -26.40
C23 33K C . -34.83 -9.77 -22.78
C25 33K C . -34.68 -8.64 -24.89
ZN ZN D . -24.10 -1.56 -8.76
N12 33K E . 15.24 -9.22 16.42
C13 33K E . 16.31 -9.70 15.57
C15 33K E . 17.77 -9.41 15.97
C17 33K E . 18.15 -7.78 14.21
C20 33K E . 19.96 -9.13 15.10
O 33K E . 17.23 -6.45 16.05
O02 33K E . 12.72 -9.65 13.99
C03 33K E . 13.49 -8.96 14.74
O04 33K E . 13.94 -7.86 14.34
C05 33K E . 13.88 -9.47 16.12
C06 33K E . 13.01 -8.75 17.12
C07 33K E . 12.56 -9.62 18.23
N08 33K E . 12.40 -10.96 18.20
C09 33K E . 11.98 -11.34 19.40
N10 33K E . 11.85 -10.29 20.20
C11 33K E . 12.21 -9.19 19.52
O14 33K E . 16.10 -10.33 14.55
N16 33K E . 18.54 -9.06 14.81
C18 33K E . 18.13 -6.58 15.18
O19 33K E . 19.01 -5.69 15.08
ZN ZN F . 37.57 3.00 20.16
#